data_7C7K
#
_entry.id   7C7K
#
_cell.length_a   90.163
_cell.length_b   90.163
_cell.length_c   345.059
_cell.angle_alpha   90.00
_cell.angle_beta   90.00
_cell.angle_gamma   90.00
#
_symmetry.space_group_name_H-M   'P 41 21 2'
#
loop_
_entity.id
_entity.type
_entity.pdbx_description
1 polymer 'Glyceraldehyde-3-phosphate dehydrogenase'
2 non-polymer GLYCERALDEHYDE-3-PHOSPHATE
3 non-polymer 'PHOSPHATE ION'
4 non-polymer 1,2-ETHANEDIOL
5 non-polymer DI(HYDROXYETHYL)ETHER
6 non-polymer ACETONE
7 non-polymer NICOTINAMIDE-ADENINE-DINUCLEOTIDE
8 water water
#
_entity_poly.entity_id   1
_entity_poly.type   'polypeptide(L)'
_entity_poly.pdbx_seq_one_letter_code
;HHHHHHSSGLVPRGSHMASMSKVGINGFGRIGRLVLRRLLEVKSNIDVVAINDLTSPKILAYLLKHDSNYGPFPWSVDFT
EDSLIVDGKSIAVYAEKEAKNIPWKAKGAEIIVECTGFYTSAEKSQAHLDAGAKKVLISAPAGEMKTIVYNVNDDTLDGN
DTIVSVASCTTNCLAPMAKALHDSFGIEVGTMTTIHAYTGTQSLVDGPRGKDLRASRAAAENIIPHTTGAAKAIGLVIPE
LSGKLKGHAQRVPVKTGSVTELVSILGKKVTAEEVNNALKQATTNNESFGYTDEEIVSSDIIGSHFGSVFDATQTEITAV
GDLQLVKTVAWYDNEYGFVTQLIRTLEKFAKL
;
_entity_poly.pdbx_strand_id   O,P,Q,R
#
loop_
_chem_comp.id
_chem_comp.type
_chem_comp.name
_chem_comp.formula
ACN non-polymer ACETONE 'C3 H6 O'
EDO non-polymer 1,2-ETHANEDIOL 'C2 H6 O2'
G3H non-polymer GLYCERALDEHYDE-3-PHOSPHATE 'C3 H7 O6 P'
NAD non-polymer NICOTINAMIDE-ADENINE-DINUCLEOTIDE 'C21 H27 N7 O14 P2'
PEG non-polymer DI(HYDROXYETHYL)ETHER 'C4 H10 O3'
PO4 non-polymer 'PHOSPHATE ION' 'O4 P -3'
#
# COMPACT_ATOMS: atom_id res chain seq x y z
N HIS A 16 7.51 24.66 -49.12
CA HIS A 16 6.69 23.72 -48.24
C HIS A 16 6.63 24.29 -46.80
N MET A 17 5.44 24.62 -46.33
CA MET A 17 5.22 25.02 -44.94
C MET A 17 5.54 23.82 -44.01
N ALA A 18 6.63 23.97 -43.26
CA ALA A 18 7.08 22.93 -42.30
C ALA A 18 6.10 22.92 -41.12
N SER A 19 6.01 21.76 -40.52
CA SER A 19 5.15 21.62 -39.37
C SER A 19 5.79 22.37 -38.19
N MET A 20 4.98 22.76 -37.21
CA MET A 20 5.55 23.39 -36.02
C MET A 20 6.41 22.37 -35.29
N SER A 21 7.51 22.81 -34.76
CA SER A 21 8.44 21.87 -34.17
C SER A 21 8.86 22.26 -32.75
N LYS A 22 8.42 23.42 -32.24
CA LYS A 22 8.96 23.89 -30.95
C LYS A 22 7.82 23.97 -29.93
N VAL A 23 7.98 23.32 -28.78
CA VAL A 23 6.94 23.28 -27.77
C VAL A 23 7.43 23.86 -26.45
N GLY A 24 6.49 24.50 -25.74
CA GLY A 24 6.66 24.87 -24.39
C GLY A 24 5.73 24.10 -23.50
N ILE A 25 6.19 23.78 -22.32
CA ILE A 25 5.34 23.06 -21.34
C ILE A 25 5.07 23.96 -20.18
N ASN A 26 3.81 24.22 -19.92
CA ASN A 26 3.42 24.96 -18.77
C ASN A 26 2.98 23.96 -17.70
N GLY A 27 3.78 23.86 -16.62
CA GLY A 27 3.52 22.91 -15.58
C GLY A 27 4.33 21.62 -15.77
N PHE A 28 5.38 21.49 -14.98
CA PHE A 28 6.26 20.32 -15.08
C PHE A 28 5.95 19.38 -13.91
N GLY A 29 4.66 19.09 -13.76
CA GLY A 29 4.15 18.06 -12.86
C GLY A 29 4.20 16.69 -13.51
N ARG A 30 3.40 15.72 -13.04
CA ARG A 30 3.46 14.37 -13.59
C ARG A 30 3.27 14.34 -15.14
N ILE A 31 2.21 15.04 -15.60
CA ILE A 31 1.92 15.03 -17.03
C ILE A 31 3.03 15.70 -17.81
N GLY A 32 3.42 16.88 -17.35
CA GLY A 32 4.49 17.59 -18.05
C GLY A 32 5.79 16.85 -18.15
N ARG A 33 6.17 16.18 -17.03
CA ARG A 33 7.37 15.38 -17.16
C ARG A 33 7.24 14.22 -18.09
N LEU A 34 6.06 13.57 -18.12
CA LEU A 34 5.90 12.42 -18.93
C LEU A 34 5.77 12.81 -20.41
N VAL A 35 5.27 14.03 -20.65
CA VAL A 35 5.27 14.62 -22.04
C VAL A 35 6.65 14.65 -22.65
N LEU A 36 7.61 15.11 -21.87
CA LEU A 36 8.98 15.11 -22.29
C LEU A 36 9.51 13.72 -22.51
N ARG A 37 9.23 12.85 -21.56
CA ARG A 37 9.68 11.48 -21.67
C ARG A 37 9.24 10.82 -22.97
N ARG A 38 7.92 10.98 -23.23
CA ARG A 38 7.34 10.34 -24.39
C ARG A 38 7.84 10.93 -25.74
N LEU A 39 7.99 12.23 -25.81
CA LEU A 39 8.55 12.85 -27.02
C LEU A 39 9.95 12.32 -27.30
N LEU A 40 10.77 12.21 -26.26
CA LEU A 40 12.13 11.66 -26.48
C LEU A 40 12.10 10.18 -26.85
N GLU A 41 11.21 9.41 -26.24
CA GLU A 41 11.10 7.98 -26.53
C GLU A 41 10.74 7.72 -27.96
N VAL A 42 9.84 8.52 -28.53
CA VAL A 42 9.39 8.36 -29.90
C VAL A 42 10.26 9.06 -30.95
N LYS A 43 11.32 9.69 -30.51
CA LYS A 43 12.30 10.50 -31.30
C LYS A 43 11.52 11.48 -32.12
N SER A 44 10.57 12.15 -31.48
CA SER A 44 9.75 13.13 -32.20
C SER A 44 10.64 14.23 -32.81
N ASN A 45 10.14 14.76 -33.95
CA ASN A 45 10.59 15.98 -34.61
C ASN A 45 10.40 17.24 -33.70
N ILE A 46 9.44 17.14 -32.81
CA ILE A 46 9.09 18.23 -31.90
C ILE A 46 10.08 18.32 -30.77
N ASP A 47 10.60 19.51 -30.53
CA ASP A 47 11.52 19.77 -29.40
C ASP A 47 10.89 20.62 -28.33
N VAL A 48 11.02 20.21 -27.08
CA VAL A 48 10.64 21.04 -25.97
C VAL A 48 11.77 22.08 -25.82
N VAL A 49 11.45 23.36 -26.01
CA VAL A 49 12.45 24.41 -25.88
C VAL A 49 12.37 25.16 -24.56
N ALA A 50 11.21 25.11 -23.89
CA ALA A 50 11.04 25.82 -22.68
C ALA A 50 10.00 25.17 -21.77
N ILE A 51 10.16 25.42 -20.47
CA ILE A 51 9.21 24.95 -19.45
C ILE A 51 8.92 26.14 -18.53
N ASN A 52 7.66 26.28 -18.10
CA ASN A 52 7.33 27.21 -17.11
C ASN A 52 6.81 26.51 -15.88
N ASP A 53 7.45 26.78 -14.73
CA ASP A 53 7.04 26.16 -13.46
C ASP A 53 7.64 26.98 -12.34
N LEU A 54 6.97 27.06 -11.18
CA LEU A 54 7.54 27.90 -10.10
C LEU A 54 8.63 27.25 -9.30
N THR A 55 8.85 25.96 -9.51
CA THR A 55 9.89 25.20 -8.78
C THR A 55 11.25 25.35 -9.41
N SER A 56 12.30 25.34 -8.58
CA SER A 56 13.66 25.50 -9.08
C SER A 56 14.08 24.38 -10.09
N PRO A 57 14.95 24.69 -11.05
CA PRO A 57 15.52 23.67 -11.92
C PRO A 57 16.18 22.52 -11.16
N LYS A 58 16.80 22.80 -10.02
CA LYS A 58 17.35 21.70 -9.25
C LYS A 58 16.31 20.60 -8.87
N ILE A 59 15.18 21.03 -8.36
CA ILE A 59 14.15 20.14 -7.95
C ILE A 59 13.48 19.51 -9.18
N LEU A 60 13.26 20.29 -10.24
CA LEU A 60 12.67 19.72 -11.44
C LEU A 60 13.59 18.67 -12.03
N ALA A 61 14.90 18.91 -12.00
CA ALA A 61 15.86 17.91 -12.54
C ALA A 61 15.81 16.60 -11.72
N TYR A 62 15.75 16.75 -10.41
CA TYR A 62 15.64 15.61 -9.44
C TYR A 62 14.37 14.77 -9.79
N LEU A 63 13.23 15.44 -9.93
CA LEU A 63 11.97 14.79 -10.27
C LEU A 63 11.97 14.17 -11.64
N LEU A 64 12.61 14.81 -12.64
CA LEU A 64 12.70 14.20 -13.95
C LEU A 64 13.56 12.92 -14.00
N LYS A 65 14.64 12.96 -13.27
CA LYS A 65 15.62 11.87 -13.20
C LYS A 65 15.05 10.69 -12.48
N HIS A 66 14.24 10.92 -11.45
CA HIS A 66 13.82 9.84 -10.53
C HIS A 66 12.29 9.79 -10.52
N ASP A 67 11.68 8.68 -10.96
CA ASP A 67 10.23 8.62 -11.02
C ASP A 67 9.75 7.35 -10.30
N SER A 68 8.88 7.54 -9.31
CA SER A 68 8.37 6.37 -8.59
C SER A 68 7.55 5.42 -9.39
N ASN A 69 6.96 5.90 -10.47
CA ASN A 69 6.11 5.07 -11.29
C ASN A 69 6.82 4.46 -12.48
N TYR A 70 7.75 5.18 -13.10
CA TYR A 70 8.32 4.72 -14.34
C TYR A 70 9.84 4.44 -14.28
N GLY A 71 10.44 4.65 -13.14
CA GLY A 71 11.85 4.42 -12.95
C GLY A 71 12.73 5.51 -13.51
N PRO A 72 14.03 5.22 -13.56
CA PRO A 72 15.01 6.24 -13.99
C PRO A 72 14.75 6.77 -15.36
N PHE A 73 14.94 8.06 -15.51
CA PHE A 73 14.82 8.70 -16.79
C PHE A 73 15.81 8.08 -17.77
N PRO A 74 15.40 7.78 -18.98
CA PRO A 74 16.31 7.08 -19.91
C PRO A 74 17.41 7.92 -20.54
N TRP A 75 17.43 9.23 -20.28
CA TRP A 75 18.45 10.16 -20.87
C TRP A 75 19.13 10.92 -19.74
N SER A 76 20.28 11.53 -20.03
CA SER A 76 20.91 12.31 -19.07
C SER A 76 20.12 13.57 -18.71
N VAL A 77 20.28 13.97 -17.47
CA VAL A 77 19.65 15.16 -16.91
C VAL A 77 20.66 15.94 -16.07
N ASP A 78 20.74 17.24 -16.36
CA ASP A 78 21.46 18.19 -15.53
C ASP A 78 20.68 19.50 -15.53
N PHE A 79 21.16 20.50 -14.81
CA PHE A 79 20.40 21.76 -14.70
C PHE A 79 21.42 22.84 -14.48
N THR A 80 20.95 24.05 -14.79
CA THR A 80 21.54 25.30 -14.35
C THR A 80 20.54 26.11 -13.56
N GLU A 81 20.94 27.32 -13.07
CA GLU A 81 19.99 28.15 -12.34
C GLU A 81 18.72 28.54 -13.11
N ASP A 82 18.79 28.43 -14.40
CA ASP A 82 17.63 28.78 -15.23
C ASP A 82 17.32 27.81 -16.40
N SER A 83 17.74 26.56 -16.31
CA SER A 83 17.53 25.63 -17.40
C SER A 83 17.59 24.18 -16.90
N LEU A 84 17.01 23.29 -17.70
CA LEU A 84 17.41 21.90 -17.66
C LEU A 84 18.25 21.56 -18.86
N ILE A 85 19.11 20.55 -18.74
CA ILE A 85 19.88 20.05 -19.86
C ILE A 85 19.55 18.55 -19.96
N VAL A 86 18.75 18.20 -20.97
CA VAL A 86 18.19 16.88 -21.08
C VAL A 86 18.77 16.25 -22.35
N ASP A 87 19.41 15.12 -22.20
CA ASP A 87 20.11 14.48 -23.34
C ASP A 87 21.06 15.45 -24.06
N GLY A 88 21.66 16.29 -23.29
CA GLY A 88 22.64 17.27 -23.76
C GLY A 88 22.02 18.51 -24.31
N LYS A 89 20.67 18.60 -24.39
CA LYS A 89 20.00 19.76 -25.01
C LYS A 89 19.43 20.68 -23.95
N SER A 90 19.64 21.99 -24.09
N SER A 90 19.60 21.99 -24.16
CA SER A 90 19.15 22.94 -23.07
CA SER A 90 19.12 22.98 -23.19
C SER A 90 17.67 23.27 -23.26
C SER A 90 17.61 23.19 -23.29
N ILE A 91 16.93 23.28 -22.14
CA ILE A 91 15.55 23.64 -22.11
C ILE A 91 15.43 24.80 -21.12
N ALA A 92 14.95 25.96 -21.56
CA ALA A 92 14.82 27.08 -20.64
C ALA A 92 13.75 26.81 -19.59
N VAL A 93 13.97 27.26 -18.36
CA VAL A 93 12.96 27.19 -17.33
C VAL A 93 12.61 28.56 -16.87
N TYR A 94 11.35 28.94 -17.05
CA TYR A 94 10.80 30.18 -16.58
C TYR A 94 9.96 29.94 -15.33
N ALA A 95 9.68 31.00 -14.56
CA ALA A 95 8.98 30.87 -13.29
C ALA A 95 7.92 31.92 -13.16
N GLU A 96 7.03 31.96 -14.15
CA GLU A 96 5.98 32.97 -14.13
C GLU A 96 4.70 32.46 -13.50
N LYS A 97 4.15 33.20 -12.52
CA LYS A 97 2.82 32.82 -12.00
C LYS A 97 1.66 33.00 -12.93
N GLU A 98 1.73 33.93 -13.88
CA GLU A 98 0.67 34.23 -14.82
C GLU A 98 1.10 33.83 -16.22
N ALA A 99 0.28 32.99 -16.88
CA ALA A 99 0.67 32.53 -18.22
C ALA A 99 0.95 33.64 -19.20
N LYS A 100 0.17 34.74 -19.13
CA LYS A 100 0.36 35.86 -20.05
C LYS A 100 1.75 36.45 -20.00
N ASN A 101 2.47 36.19 -18.91
CA ASN A 101 3.80 36.72 -18.71
C ASN A 101 4.94 35.76 -19.10
N ILE A 102 4.60 34.55 -19.51
CA ILE A 102 5.64 33.62 -19.89
C ILE A 102 6.34 34.06 -21.15
N PRO A 103 7.69 34.15 -21.13
CA PRO A 103 8.35 34.66 -22.33
C PRO A 103 8.61 33.60 -23.42
N TRP A 104 7.52 33.07 -23.93
CA TRP A 104 7.59 32.02 -24.92
C TRP A 104 8.35 32.38 -26.21
N LYS A 105 8.34 33.66 -26.57
CA LYS A 105 9.02 34.06 -27.77
C LYS A 105 10.54 34.00 -27.69
N ALA A 106 11.14 33.90 -26.52
CA ALA A 106 12.59 33.88 -26.39
C ALA A 106 13.20 32.69 -27.15
N LYS A 107 12.64 31.50 -26.96
CA LYS A 107 13.16 30.31 -27.64
C LYS A 107 12.22 29.85 -28.78
N GLY A 108 11.20 30.63 -29.04
CA GLY A 108 10.25 30.46 -30.12
C GLY A 108 9.30 29.27 -29.89
N ALA A 109 8.87 29.07 -28.65
CA ALA A 109 7.87 28.05 -28.38
C ALA A 109 6.60 28.35 -29.14
N GLU A 110 6.16 27.43 -29.98
CA GLU A 110 4.97 27.63 -30.84
C GLU A 110 3.73 27.01 -30.28
N ILE A 111 3.82 25.74 -29.80
CA ILE A 111 2.70 25.08 -29.19
C ILE A 111 2.97 24.91 -27.71
N ILE A 112 1.99 25.30 -26.90
CA ILE A 112 2.11 25.13 -25.44
C ILE A 112 1.31 23.92 -25.03
N VAL A 113 1.93 22.99 -24.29
CA VAL A 113 1.24 21.88 -23.69
C VAL A 113 0.91 22.39 -22.28
N GLU A 114 -0.35 22.61 -22.04
CA GLU A 114 -0.83 23.34 -20.84
C GLU A 114 -1.30 22.27 -19.85
N CYS A 115 -0.45 22.06 -18.83
CA CYS A 115 -0.52 20.90 -17.91
C CYS A 115 -0.68 21.32 -16.48
N THR A 116 -1.07 22.56 -16.15
CA THR A 116 -1.12 23.01 -14.77
C THR A 116 -2.43 22.71 -14.08
N GLY A 117 -3.47 22.50 -14.86
CA GLY A 117 -4.88 22.60 -14.44
C GLY A 117 -5.46 23.94 -14.07
N PHE A 118 -4.72 25.04 -14.23
CA PHE A 118 -5.22 26.36 -13.90
C PHE A 118 -5.76 27.14 -15.09
N TYR A 119 -5.69 26.55 -16.28
CA TYR A 119 -6.12 27.31 -17.47
C TYR A 119 -7.05 26.45 -18.35
N THR A 120 -8.01 25.76 -17.72
CA THR A 120 -8.83 24.84 -18.43
C THR A 120 -10.06 25.45 -19.05
N SER A 121 -9.82 26.45 -19.90
CA SER A 121 -10.82 27.03 -20.75
C SER A 121 -10.17 27.80 -21.86
N ALA A 122 -10.96 28.13 -22.88
CA ALA A 122 -10.38 28.95 -23.95
C ALA A 122 -9.96 30.31 -23.46
N GLU A 123 -10.83 30.93 -22.67
CA GLU A 123 -10.56 32.26 -22.11
C GLU A 123 -9.26 32.29 -21.33
N LYS A 124 -9.04 31.26 -20.48
CA LYS A 124 -7.82 31.24 -19.70
C LYS A 124 -6.58 30.89 -20.52
N SER A 125 -6.64 29.85 -21.33
CA SER A 125 -5.51 29.39 -22.09
C SER A 125 -5.12 30.35 -23.22
N GLN A 126 -6.00 31.25 -23.63
CA GLN A 126 -5.60 32.19 -24.66
C GLN A 126 -4.50 33.10 -24.17
N ALA A 127 -4.28 33.14 -22.89
CA ALA A 127 -3.15 33.89 -22.36
C ALA A 127 -1.81 33.48 -22.95
N HIS A 128 -1.65 32.20 -23.30
CA HIS A 128 -0.39 31.74 -23.91
C HIS A 128 -0.18 32.34 -25.29
N LEU A 129 -1.30 32.65 -25.97
CA LEU A 129 -1.22 33.30 -27.28
C LEU A 129 -0.81 34.75 -27.13
N ASP A 130 -1.34 35.38 -26.10
CA ASP A 130 -0.91 36.75 -25.72
C ASP A 130 0.56 36.77 -25.35
N ALA A 131 1.06 35.68 -24.77
CA ALA A 131 2.45 35.54 -24.38
C ALA A 131 3.33 35.09 -25.58
N GLY A 132 2.75 35.03 -26.80
CA GLY A 132 3.54 34.80 -27.99
C GLY A 132 3.52 33.43 -28.64
N ALA A 133 2.83 32.48 -28.04
CA ALA A 133 2.70 31.16 -28.60
C ALA A 133 1.68 31.18 -29.73
N LYS A 134 1.69 30.15 -30.54
CA LYS A 134 0.75 30.06 -31.65
C LYS A 134 -0.47 29.18 -31.43
N LYS A 135 -0.29 28.12 -30.64
CA LYS A 135 -1.35 27.18 -30.35
C LYS A 135 -1.18 26.66 -28.93
N VAL A 136 -2.30 26.16 -28.37
CA VAL A 136 -2.31 25.59 -27.02
C VAL A 136 -3.04 24.23 -27.04
N LEU A 137 -2.44 23.22 -26.42
CA LEU A 137 -3.04 21.91 -26.25
C LEU A 137 -3.16 21.70 -24.72
N ILE A 138 -4.39 21.57 -24.23
CA ILE A 138 -4.67 21.46 -22.79
C ILE A 138 -4.79 19.99 -22.41
N SER A 139 -4.10 19.58 -21.39
CA SER A 139 -4.02 18.16 -20.95
C SER A 139 -5.19 17.77 -20.11
N ALA A 140 -6.37 18.41 -20.24
CA ALA A 140 -7.53 18.19 -19.35
C ALA A 140 -8.79 18.66 -20.08
N PRO A 141 -9.95 18.23 -19.61
CA PRO A 141 -11.18 18.80 -20.15
C PRO A 141 -11.16 20.34 -19.93
N ALA A 142 -11.68 21.08 -20.91
CA ALA A 142 -11.60 22.50 -20.86
C ALA A 142 -12.85 23.13 -21.42
N GLY A 143 -13.96 22.67 -20.93
CA GLY A 143 -15.28 23.16 -21.38
C GLY A 143 -15.59 22.86 -22.85
N GLU A 144 -16.42 23.69 -23.46
CA GLU A 144 -16.90 23.33 -24.82
C GLU A 144 -16.00 23.95 -25.86
N MET A 145 -14.82 23.40 -26.00
CA MET A 145 -13.87 23.71 -27.08
C MET A 145 -13.64 22.37 -27.75
N LYS A 146 -12.92 22.44 -28.90
CA LYS A 146 -12.54 21.25 -29.65
C LYS A 146 -11.76 20.32 -28.67
N THR A 147 -12.21 19.08 -28.57
CA THR A 147 -11.77 18.14 -27.53
C THR A 147 -11.54 16.83 -28.24
N ILE A 148 -10.31 16.33 -28.23
CA ILE A 148 -9.85 15.24 -29.11
C ILE A 148 -9.40 14.00 -28.37
N VAL A 149 -10.02 12.87 -28.67
CA VAL A 149 -9.46 11.57 -28.35
C VAL A 149 -8.89 10.99 -29.61
N TYR A 150 -7.55 10.91 -29.66
CA TYR A 150 -6.87 10.49 -30.82
C TYR A 150 -7.31 9.08 -31.30
N ASN A 151 -7.58 8.97 -32.60
CA ASN A 151 -8.18 7.82 -33.24
C ASN A 151 -9.60 7.57 -32.91
N VAL A 152 -10.30 8.51 -32.34
CA VAL A 152 -11.73 8.54 -32.24
C VAL A 152 -12.24 9.72 -33.07
N ASN A 153 -11.79 10.93 -32.78
CA ASN A 153 -12.32 12.11 -33.43
C ASN A 153 -11.23 13.12 -33.85
N ASP A 154 -10.00 12.68 -34.01
CA ASP A 154 -8.94 13.60 -34.44
C ASP A 154 -9.14 14.14 -35.82
N ASP A 155 -9.94 13.48 -36.67
N ASP A 155 -9.98 13.44 -36.60
CA ASP A 155 -10.24 14.06 -37.98
CA ASP A 155 -10.43 13.92 -37.91
C ASP A 155 -11.24 15.26 -37.91
C ASP A 155 -11.09 15.29 -37.85
N THR A 156 -11.67 15.67 -36.71
CA THR A 156 -12.36 16.95 -36.52
C THR A 156 -11.39 18.13 -36.36
N LEU A 157 -10.08 17.86 -36.17
CA LEU A 157 -9.12 18.95 -36.11
C LEU A 157 -8.90 19.56 -37.46
N ASP A 158 -8.71 20.86 -37.48
CA ASP A 158 -8.31 21.51 -38.75
C ASP A 158 -7.35 22.63 -38.49
N GLY A 159 -6.95 23.32 -39.57
CA GLY A 159 -5.99 24.39 -39.49
C GLY A 159 -6.39 25.66 -38.72
N ASN A 160 -7.65 25.83 -38.40
CA ASN A 160 -8.06 27.02 -37.65
C ASN A 160 -8.18 26.74 -36.16
N ASP A 161 -7.99 25.46 -35.74
CA ASP A 161 -8.01 25.14 -34.33
C ASP A 161 -6.76 25.72 -33.67
N THR A 162 -6.96 26.57 -32.67
CA THR A 162 -5.86 27.22 -32.00
C THR A 162 -5.67 26.80 -30.56
N ILE A 163 -6.79 26.51 -29.91
CA ILE A 163 -6.78 25.98 -28.50
C ILE A 163 -7.62 24.73 -28.54
N VAL A 164 -7.05 23.60 -28.10
CA VAL A 164 -7.69 22.29 -28.14
C VAL A 164 -7.39 21.56 -26.84
N SER A 165 -8.32 20.72 -26.48
CA SER A 165 -8.23 19.85 -25.26
C SER A 165 -8.09 18.40 -25.73
N VAL A 166 -7.36 17.60 -24.96
CA VAL A 166 -7.37 16.17 -25.13
C VAL A 166 -8.24 15.43 -24.11
N ALA A 167 -9.16 16.16 -23.48
CA ALA A 167 -10.05 15.62 -22.42
C ALA A 167 -9.21 15.06 -21.28
N SER A 168 -9.63 13.95 -20.67
CA SER A 168 -8.97 13.38 -19.53
C SER A 168 -8.48 11.97 -19.88
N CYS A 169 -7.66 11.41 -19.02
CA CYS A 169 -7.34 9.97 -19.14
C CYS A 169 -8.55 9.08 -19.22
N THR A 170 -9.57 9.28 -18.35
CA THR A 170 -10.71 8.40 -18.40
C THR A 170 -11.49 8.57 -19.72
N THR A 171 -11.58 9.79 -20.23
CA THR A 171 -12.19 9.97 -21.52
C THR A 171 -11.47 9.20 -22.61
N ASN A 172 -10.17 9.21 -22.57
CA ASN A 172 -9.38 8.51 -23.57
C ASN A 172 -9.52 6.99 -23.44
N CYS A 173 -9.87 6.50 -22.25
CA CYS A 173 -10.15 5.06 -22.04
C CYS A 173 -11.57 4.71 -22.57
N LEU A 174 -12.57 5.48 -22.14
CA LEU A 174 -13.97 5.24 -22.41
C LEU A 174 -14.32 5.43 -23.87
N ALA A 175 -13.81 6.49 -24.47
CA ALA A 175 -14.27 6.86 -25.82
C ALA A 175 -14.02 5.84 -26.92
N PRO A 176 -12.85 5.22 -27.00
CA PRO A 176 -12.71 4.25 -28.05
C PRO A 176 -13.62 3.01 -27.90
N MET A 177 -13.85 2.62 -26.67
CA MET A 177 -14.75 1.50 -26.39
C MET A 177 -16.19 1.94 -26.74
N ALA A 178 -16.57 3.13 -26.31
CA ALA A 178 -17.93 3.60 -26.61
C ALA A 178 -18.11 3.81 -28.10
N LYS A 179 -17.08 4.32 -28.79
CA LYS A 179 -17.16 4.53 -30.25
C LYS A 179 -17.38 3.24 -30.96
N ALA A 180 -16.64 2.20 -30.54
CA ALA A 180 -16.74 0.91 -31.25
C ALA A 180 -18.14 0.32 -31.04
N LEU A 181 -18.65 0.41 -29.82
CA LEU A 181 -19.97 -0.12 -29.49
C LEU A 181 -21.05 0.66 -30.27
N HIS A 182 -20.92 1.99 -30.29
CA HIS A 182 -21.89 2.86 -30.93
C HIS A 182 -21.90 2.52 -32.39
N ASP A 183 -20.74 2.32 -33.00
CA ASP A 183 -20.71 2.11 -34.44
C ASP A 183 -21.27 0.72 -34.80
N SER A 184 -20.98 -0.29 -34.01
CA SER A 184 -21.41 -1.66 -34.28
C SER A 184 -22.87 -1.95 -33.91
N PHE A 185 -23.33 -1.44 -32.80
CA PHE A 185 -24.56 -1.86 -32.19
C PHE A 185 -25.50 -0.74 -31.83
N GLY A 186 -24.98 0.47 -31.63
CA GLY A 186 -25.73 1.48 -31.01
C GLY A 186 -25.66 1.44 -29.47
N ILE A 187 -25.39 2.57 -28.86
CA ILE A 187 -25.56 2.75 -27.40
C ILE A 187 -26.74 3.59 -27.17
N GLU A 188 -27.77 3.03 -26.55
CA GLU A 188 -28.95 3.78 -26.18
C GLU A 188 -28.86 4.60 -24.92
N VAL A 189 -28.17 4.02 -23.91
CA VAL A 189 -27.91 4.65 -22.64
C VAL A 189 -26.82 3.83 -21.92
N GLY A 190 -26.04 4.51 -21.10
CA GLY A 190 -25.00 3.78 -20.37
C GLY A 190 -24.40 4.51 -19.19
N THR A 191 -23.78 3.74 -18.29
CA THR A 191 -23.14 4.28 -17.13
C THR A 191 -21.81 3.56 -16.90
N MET A 192 -20.82 4.32 -16.50
CA MET A 192 -19.46 3.80 -16.35
C MET A 192 -18.98 4.02 -14.93
N THR A 193 -18.12 3.09 -14.49
CA THR A 193 -17.36 3.25 -13.29
C THR A 193 -15.93 2.96 -13.62
N THR A 194 -15.03 3.87 -13.27
CA THR A 194 -13.61 3.63 -13.40
C THR A 194 -13.06 3.36 -11.96
N ILE A 195 -12.38 2.24 -11.86
CA ILE A 195 -11.64 1.82 -10.65
C ILE A 195 -10.24 2.34 -10.94
N HIS A 196 -9.88 3.43 -10.29
CA HIS A 196 -8.90 4.34 -10.79
C HIS A 196 -7.79 4.55 -9.76
N ALA A 197 -6.57 4.54 -10.24
CA ALA A 197 -5.40 4.81 -9.37
C ALA A 197 -5.53 6.17 -8.73
N TYR A 198 -4.97 6.33 -7.54
CA TYR A 198 -5.06 7.63 -6.87
C TYR A 198 -4.17 8.67 -7.54
N THR A 199 -4.49 9.97 -7.39
CA THR A 199 -3.77 11.01 -8.06
C THR A 199 -3.53 12.15 -7.09
N GLY A 200 -2.71 13.09 -7.55
CA GLY A 200 -2.29 14.28 -6.79
C GLY A 200 -3.40 15.18 -6.34
N THR A 201 -4.59 15.10 -6.95
CA THR A 201 -5.73 15.90 -6.46
C THR A 201 -6.32 15.44 -5.10
N GLN A 202 -5.93 14.21 -4.66
CA GLN A 202 -6.34 13.63 -3.42
C GLN A 202 -5.42 13.99 -2.28
N SER A 203 -5.58 13.36 -1.13
CA SER A 203 -4.79 13.65 0.07
C SER A 203 -3.99 12.48 0.53
N LEU A 204 -2.82 12.76 1.10
CA LEU A 204 -1.98 11.70 1.68
C LEU A 204 -2.47 11.26 3.02
N VAL A 205 -2.81 12.24 3.87
CA VAL A 205 -3.39 11.97 5.15
C VAL A 205 -4.71 12.70 5.21
N ASP A 206 -5.56 12.26 6.16
CA ASP A 206 -6.90 12.84 6.24
C ASP A 206 -6.73 14.31 6.60
N GLY A 207 -7.21 15.19 5.75
CA GLY A 207 -7.11 16.66 5.98
C GLY A 207 -7.76 17.45 4.87
N PRO A 208 -8.10 18.71 5.15
CA PRO A 208 -8.81 19.49 4.16
C PRO A 208 -8.19 19.48 2.80
N ARG A 209 -9.02 19.31 1.77
CA ARG A 209 -8.57 19.32 0.38
C ARG A 209 -9.62 20.09 -0.40
N GLY A 210 -9.65 21.41 -0.15
CA GLY A 210 -10.67 22.29 -0.77
C GLY A 210 -12.03 21.93 -0.18
N LYS A 211 -13.06 21.92 -1.01
CA LYS A 211 -14.40 21.74 -0.58
C LYS A 211 -14.92 20.33 -0.70
N ASP A 212 -14.19 19.41 -1.30
CA ASP A 212 -14.76 18.10 -1.56
C ASP A 212 -14.43 17.20 -0.36
N LEU A 213 -15.46 16.62 0.24
CA LEU A 213 -15.21 15.89 1.51
C LEU A 213 -14.38 14.62 1.24
N ARG A 214 -14.74 13.90 0.19
CA ARG A 214 -14.00 12.63 -0.08
C ARG A 214 -12.54 12.80 -0.52
N ALA A 215 -12.22 13.90 -1.17
CA ALA A 215 -10.87 14.22 -1.52
C ALA A 215 -9.98 14.48 -0.32
N SER A 216 -10.55 14.75 0.84
CA SER A 216 -9.80 15.03 2.06
C SER A 216 -9.26 13.74 2.72
N ARG A 217 -9.61 12.58 2.18
CA ARG A 217 -9.32 11.31 2.87
C ARG A 217 -8.11 10.61 2.30
N ALA A 218 -7.37 9.93 3.21
CA ALA A 218 -6.10 9.36 2.83
C ALA A 218 -6.20 8.42 1.65
N ALA A 219 -5.52 8.74 0.56
CA ALA A 219 -5.81 8.07 -0.69
C ALA A 219 -5.28 6.65 -0.80
N ALA A 220 -4.12 6.42 -0.15
CA ALA A 220 -3.54 5.09 -0.21
C ALA A 220 -4.12 4.13 0.81
N GLU A 221 -5.11 4.52 1.61
CA GLU A 221 -5.67 3.70 2.61
C GLU A 221 -7.20 3.49 2.45
N ASN A 222 -7.77 3.91 1.28
CA ASN A 222 -9.21 3.91 1.18
C ASN A 222 -9.63 3.71 -0.28
N ILE A 223 -10.80 3.12 -0.47
CA ILE A 223 -11.61 3.20 -1.64
C ILE A 223 -12.44 4.48 -1.52
N ILE A 224 -12.31 5.38 -2.48
CA ILE A 224 -12.82 6.76 -2.35
C ILE A 224 -13.63 7.09 -3.63
N PRO A 225 -14.96 7.16 -3.47
CA PRO A 225 -15.73 7.60 -4.65
C PRO A 225 -15.41 9.04 -5.05
N HIS A 226 -15.45 9.31 -6.37
CA HIS A 226 -14.92 10.55 -6.91
C HIS A 226 -15.60 10.83 -8.24
N THR A 227 -15.70 12.10 -8.60
CA THR A 227 -16.26 12.43 -9.94
C THR A 227 -15.26 12.17 -11.05
N THR A 228 -15.80 12.10 -12.26
CA THR A 228 -15.06 12.09 -13.48
C THR A 228 -16.17 12.75 -14.43
N GLY A 229 -15.88 13.76 -15.16
CA GLY A 229 -16.83 14.25 -16.18
C GLY A 229 -16.86 13.44 -17.49
N ALA A 230 -16.13 12.30 -17.54
CA ALA A 230 -15.66 11.64 -18.77
C ALA A 230 -16.92 11.35 -19.48
N ALA A 231 -17.88 10.79 -18.77
CA ALA A 231 -19.10 10.28 -19.46
C ALA A 231 -20.02 11.48 -19.79
N LYS A 232 -20.04 12.46 -18.89
CA LYS A 232 -20.98 13.51 -18.99
C LYS A 232 -20.70 14.35 -20.25
N ALA A 233 -19.42 14.59 -20.52
CA ALA A 233 -19.00 15.44 -21.64
C ALA A 233 -18.53 14.62 -22.93
N ILE A 234 -19.04 13.38 -23.08
CA ILE A 234 -18.46 12.47 -24.01
C ILE A 234 -18.97 12.98 -25.28
N GLY A 235 -20.06 13.82 -25.28
CA GLY A 235 -20.58 14.42 -26.54
C GLY A 235 -19.69 15.28 -27.24
N LEU A 236 -18.64 15.76 -26.52
CA LEU A 236 -17.64 16.52 -27.23
C LEU A 236 -16.87 15.66 -28.14
N VAL A 237 -16.70 14.38 -27.80
CA VAL A 237 -15.86 13.48 -28.58
C VAL A 237 -16.70 12.57 -29.46
N ILE A 238 -17.84 12.14 -28.95
CA ILE A 238 -18.77 11.35 -29.70
C ILE A 238 -20.14 12.02 -29.63
N PRO A 239 -20.41 12.92 -30.61
CA PRO A 239 -21.60 13.78 -30.53
C PRO A 239 -22.87 13.03 -30.39
N GLU A 240 -22.98 11.91 -31.07
N GLU A 240 -23.02 11.91 -31.11
CA GLU A 240 -24.19 11.09 -31.02
CA GLU A 240 -24.28 11.13 -31.01
C GLU A 240 -24.55 10.61 -29.59
C GLU A 240 -24.53 10.44 -29.67
N LEU A 241 -23.54 10.43 -28.76
CA LEU A 241 -23.74 10.03 -27.36
C LEU A 241 -23.91 11.09 -26.33
N SER A 242 -24.00 12.34 -26.75
CA SER A 242 -24.12 13.41 -25.85
C SER A 242 -25.36 13.24 -24.97
N GLY A 243 -25.21 13.35 -23.67
CA GLY A 243 -26.30 13.13 -22.76
C GLY A 243 -26.74 11.70 -22.54
N LYS A 244 -26.10 10.71 -23.15
CA LYS A 244 -26.55 9.32 -23.03
C LYS A 244 -25.73 8.54 -22.00
N LEU A 245 -24.66 9.12 -21.52
CA LEU A 245 -23.73 8.40 -20.60
C LEU A 245 -23.58 9.20 -19.34
N LYS A 246 -23.45 8.49 -18.21
CA LYS A 246 -23.08 9.09 -16.96
C LYS A 246 -21.98 8.20 -16.34
N GLY A 247 -21.34 8.70 -15.31
CA GLY A 247 -20.46 7.77 -14.53
C GLY A 247 -19.73 8.42 -13.45
N HIS A 248 -18.84 7.65 -12.83
N HIS A 248 -18.87 7.64 -12.80
CA HIS A 248 -18.00 8.19 -11.76
CA HIS A 248 -18.03 8.15 -11.71
C HIS A 248 -16.75 7.31 -11.61
C HIS A 248 -16.81 7.25 -11.55
N ALA A 249 -15.98 7.58 -10.57
CA ALA A 249 -14.81 6.82 -10.22
C ALA A 249 -14.85 6.27 -8.80
N GLN A 250 -14.10 5.16 -8.59
CA GLN A 250 -13.70 4.70 -7.24
C GLN A 250 -12.19 4.73 -7.26
N ARG A 251 -11.67 5.70 -6.55
CA ARG A 251 -10.24 5.88 -6.47
C ARG A 251 -9.66 4.90 -5.44
N VAL A 252 -8.64 4.12 -5.85
CA VAL A 252 -8.14 3.07 -5.04
C VAL A 252 -6.61 3.11 -4.87
N PRO A 253 -6.08 2.33 -3.88
CA PRO A 253 -4.65 2.49 -3.62
C PRO A 253 -3.69 1.74 -4.57
N VAL A 254 -3.70 2.08 -5.85
CA VAL A 254 -2.58 1.72 -6.75
C VAL A 254 -2.00 3.04 -7.30
N LYS A 255 -0.70 3.00 -7.60
CA LYS A 255 -0.02 4.24 -7.94
C LYS A 255 -0.33 4.80 -9.33
N THR A 256 -0.54 3.91 -10.28
CA THR A 256 -1.00 4.24 -11.61
C THR A 256 -1.55 2.95 -12.19
N GLY A 257 -2.39 3.09 -13.21
CA GLY A 257 -3.07 1.95 -13.82
C GLY A 257 -4.51 1.91 -13.32
N SER A 258 -5.50 1.95 -14.29
CA SER A 258 -6.92 2.09 -13.96
C SER A 258 -7.70 1.19 -14.91
N VAL A 259 -8.95 0.99 -14.62
CA VAL A 259 -9.84 0.17 -15.44
C VAL A 259 -11.24 0.78 -15.48
N THR A 260 -11.77 0.97 -16.66
CA THR A 260 -13.11 1.51 -16.82
C THR A 260 -14.08 0.40 -17.21
N GLU A 261 -15.15 0.30 -16.44
CA GLU A 261 -16.32 -0.56 -16.78
C GLU A 261 -17.45 0.31 -17.31
N LEU A 262 -18.03 -0.08 -18.42
CA LEU A 262 -19.18 0.56 -19.02
C LEU A 262 -20.34 -0.49 -19.08
N VAL A 263 -21.48 -0.12 -18.49
CA VAL A 263 -22.72 -0.91 -18.60
C VAL A 263 -23.65 -0.14 -19.55
N SER A 264 -24.01 -0.80 -20.65
CA SER A 264 -24.82 -0.18 -21.68
C SER A 264 -26.08 -0.95 -21.96
N ILE A 265 -27.12 -0.22 -22.38
CA ILE A 265 -28.17 -0.83 -23.21
C ILE A 265 -27.81 -0.53 -24.66
N LEU A 266 -27.60 -1.59 -25.43
CA LEU A 266 -27.23 -1.50 -26.82
C LEU A 266 -28.45 -1.50 -27.72
N GLY A 267 -28.26 -1.13 -28.98
CA GLY A 267 -29.37 -1.12 -29.97
C GLY A 267 -29.57 -2.44 -30.68
N LYS A 268 -28.95 -3.48 -30.19
CA LYS A 268 -29.05 -4.80 -30.75
C LYS A 268 -28.83 -5.85 -29.63
N LYS A 269 -29.52 -6.99 -29.76
CA LYS A 269 -29.24 -8.16 -28.96
C LYS A 269 -27.91 -8.75 -29.40
N VAL A 270 -26.99 -8.98 -28.45
CA VAL A 270 -25.66 -9.45 -28.77
C VAL A 270 -25.23 -10.64 -27.95
N THR A 271 -24.21 -11.34 -28.42
CA THR A 271 -23.47 -12.28 -27.56
C THR A 271 -22.10 -11.69 -27.13
N ALA A 272 -21.48 -12.25 -26.12
CA ALA A 272 -20.15 -11.80 -25.69
C ALA A 272 -19.17 -11.95 -26.85
N GLU A 273 -19.21 -13.08 -27.59
CA GLU A 273 -18.29 -13.28 -28.68
C GLU A 273 -18.48 -12.18 -29.73
N GLU A 274 -19.71 -11.82 -29.98
CA GLU A 274 -20.00 -10.79 -31.01
C GLU A 274 -19.43 -9.42 -30.58
N VAL A 275 -19.65 -9.09 -29.31
CA VAL A 275 -19.08 -7.85 -28.75
C VAL A 275 -17.56 -7.90 -28.87
N ASN A 276 -16.96 -8.97 -28.37
CA ASN A 276 -15.50 -9.04 -28.43
C ASN A 276 -14.94 -8.98 -29.83
N ASN A 277 -15.61 -9.61 -30.79
CA ASN A 277 -15.12 -9.52 -32.16
C ASN A 277 -15.21 -8.12 -32.75
N ALA A 278 -16.27 -7.37 -32.48
CA ALA A 278 -16.42 -6.01 -32.99
C ALA A 278 -15.28 -5.16 -32.39
N LEU A 279 -15.08 -5.32 -31.07
CA LEU A 279 -13.96 -4.57 -30.43
C LEU A 279 -12.59 -4.96 -30.96
N LYS A 280 -12.38 -6.24 -31.23
CA LYS A 280 -11.15 -6.67 -31.83
C LYS A 280 -10.94 -5.97 -33.19
N GLN A 281 -11.98 -5.90 -34.01
CA GLN A 281 -11.83 -5.21 -35.33
C GLN A 281 -11.50 -3.73 -35.14
N ALA A 282 -12.10 -3.09 -34.15
CA ALA A 282 -11.87 -1.68 -33.88
C ALA A 282 -10.42 -1.41 -33.44
N THR A 283 -9.79 -2.40 -32.79
CA THR A 283 -8.40 -2.26 -32.31
C THR A 283 -7.35 -2.59 -33.32
N THR A 284 -7.77 -3.15 -34.46
CA THR A 284 -6.84 -3.54 -35.52
C THR A 284 -6.25 -2.34 -36.22
N ASN A 285 -4.94 -2.36 -36.39
CA ASN A 285 -4.21 -1.20 -37.01
C ASN A 285 -4.56 0.11 -36.36
N ASN A 286 -4.56 0.05 -35.05
CA ASN A 286 -5.03 1.20 -34.24
C ASN A 286 -4.01 1.39 -33.12
N GLU A 287 -3.13 2.38 -33.33
CA GLU A 287 -2.05 2.60 -32.35
C GLU A 287 -2.54 3.16 -30.99
N SER A 288 -3.79 3.61 -30.93
CA SER A 288 -4.34 4.18 -29.70
C SER A 288 -5.09 3.21 -28.82
N PHE A 289 -5.61 2.17 -29.42
CA PHE A 289 -6.62 1.29 -28.77
C PHE A 289 -6.15 -0.14 -28.93
N GLY A 290 -5.80 -0.79 -27.83
CA GLY A 290 -5.30 -2.12 -27.88
C GLY A 290 -6.39 -3.11 -27.44
N TYR A 291 -6.06 -4.42 -27.61
CA TYR A 291 -6.95 -5.51 -27.24
C TYR A 291 -6.19 -6.56 -26.45
N THR A 292 -6.81 -7.08 -25.42
CA THR A 292 -6.25 -8.24 -24.73
C THR A 292 -7.30 -9.28 -24.45
N ASP A 293 -6.87 -10.54 -24.56
CA ASP A 293 -7.68 -11.62 -23.97
C ASP A 293 -6.84 -12.45 -22.97
N GLU A 294 -5.80 -11.78 -22.46
CA GLU A 294 -4.95 -12.32 -21.40
C GLU A 294 -5.54 -11.82 -20.06
N GLU A 295 -5.21 -12.57 -19.06
N GLU A 295 -5.35 -12.60 -19.03
CA GLU A 295 -5.72 -12.37 -17.72
CA GLU A 295 -5.89 -12.26 -17.72
C GLU A 295 -4.88 -11.32 -16.96
C GLU A 295 -4.95 -11.34 -16.98
N ILE A 296 -4.80 -10.14 -17.53
CA ILE A 296 -3.95 -9.13 -16.94
C ILE A 296 -4.51 -8.45 -15.72
N VAL A 297 -3.66 -7.76 -14.99
CA VAL A 297 -4.07 -6.96 -13.82
C VAL A 297 -3.45 -5.57 -14.00
N SER A 298 -3.77 -4.62 -13.10
CA SER A 298 -3.41 -3.22 -13.33
C SER A 298 -1.91 -2.97 -13.56
N SER A 299 -1.06 -3.68 -12.82
CA SER A 299 0.38 -3.38 -12.95
C SER A 299 0.86 -3.66 -14.41
N ASP A 300 0.19 -4.54 -15.11
CA ASP A 300 0.52 -4.93 -16.51
C ASP A 300 0.19 -3.80 -17.50
N ILE A 301 -0.59 -2.81 -17.09
CA ILE A 301 -0.92 -1.68 -17.96
C ILE A 301 0.06 -0.52 -17.72
N ILE A 302 0.87 -0.59 -16.66
CA ILE A 302 1.78 0.52 -16.33
C ILE A 302 2.80 0.66 -17.45
N GLY A 303 2.84 1.86 -18.04
CA GLY A 303 3.73 2.08 -19.16
C GLY A 303 3.20 1.75 -20.54
N SER A 304 1.93 1.43 -20.56
CA SER A 304 1.25 1.14 -21.82
C SER A 304 1.41 2.30 -22.80
N HIS A 305 1.50 1.95 -24.06
CA HIS A 305 1.46 2.92 -25.10
C HIS A 305 0.14 3.09 -25.83
N PHE A 306 -0.92 2.60 -25.21
CA PHE A 306 -2.26 2.80 -25.70
C PHE A 306 -2.97 3.81 -24.81
N GLY A 307 -3.98 4.48 -25.37
CA GLY A 307 -4.91 5.19 -24.51
C GLY A 307 -5.86 4.30 -23.73
N SER A 308 -6.14 3.10 -24.30
CA SER A 308 -7.13 2.24 -23.73
C SER A 308 -6.81 0.86 -24.22
N VAL A 309 -7.05 -0.16 -23.39
CA VAL A 309 -6.87 -1.58 -23.84
C VAL A 309 -8.14 -2.39 -23.45
N PHE A 310 -8.95 -2.72 -24.45
CA PHE A 310 -10.13 -3.46 -24.22
C PHE A 310 -9.79 -4.88 -23.75
N ASP A 311 -10.47 -5.34 -22.70
CA ASP A 311 -10.20 -6.65 -22.13
C ASP A 311 -11.39 -7.60 -22.37
N ALA A 312 -11.23 -8.44 -23.37
CA ALA A 312 -12.28 -9.43 -23.72
C ALA A 312 -12.64 -10.41 -22.60
N THR A 313 -11.70 -10.61 -21.65
CA THR A 313 -12.01 -11.53 -20.56
C THR A 313 -13.06 -11.07 -19.61
N GLN A 314 -13.36 -9.74 -19.59
CA GLN A 314 -14.31 -9.18 -18.67
C GLN A 314 -15.70 -8.84 -19.27
N THR A 315 -15.89 -9.10 -20.55
CA THR A 315 -17.20 -8.86 -21.21
C THR A 315 -18.27 -9.71 -20.58
N GLU A 316 -19.41 -9.10 -20.31
CA GLU A 316 -20.49 -9.82 -19.67
C GLU A 316 -21.82 -9.34 -20.28
N ILE A 317 -22.65 -10.28 -20.75
CA ILE A 317 -24.04 -9.95 -21.17
C ILE A 317 -25.05 -10.57 -20.20
N THR A 318 -25.95 -9.78 -19.65
CA THR A 318 -27.00 -10.21 -18.75
C THR A 318 -28.31 -9.93 -19.46
N ALA A 319 -29.15 -10.93 -19.71
CA ALA A 319 -30.33 -10.64 -20.55
C ALA A 319 -31.47 -11.51 -20.07
N VAL A 320 -32.62 -10.89 -19.97
CA VAL A 320 -33.88 -11.54 -19.63
C VAL A 320 -34.82 -11.07 -20.75
N GLY A 321 -35.10 -11.99 -21.67
CA GLY A 321 -36.00 -11.62 -22.80
C GLY A 321 -35.27 -10.62 -23.67
N ASP A 322 -35.97 -9.53 -23.97
CA ASP A 322 -35.48 -8.41 -24.75
C ASP A 322 -34.69 -7.42 -23.92
N LEU A 323 -34.63 -7.60 -22.59
CA LEU A 323 -33.98 -6.63 -21.70
C LEU A 323 -32.54 -7.14 -21.53
N GLN A 324 -31.56 -6.32 -21.93
CA GLN A 324 -30.20 -6.75 -22.02
C GLN A 324 -29.28 -5.65 -21.48
N LEU A 325 -28.36 -6.02 -20.61
CA LEU A 325 -27.26 -5.12 -20.19
C LEU A 325 -25.94 -5.71 -20.67
N VAL A 326 -25.04 -4.84 -21.18
CA VAL A 326 -23.76 -5.26 -21.71
C VAL A 326 -22.68 -4.52 -20.91
N LYS A 327 -21.84 -5.27 -20.24
CA LYS A 327 -20.66 -4.69 -19.53
C LYS A 327 -19.42 -4.93 -20.37
N THR A 328 -18.69 -3.86 -20.67
CA THR A 328 -17.42 -3.91 -21.37
C THR A 328 -16.40 -3.15 -20.52
N VAL A 329 -15.17 -3.65 -20.55
CA VAL A 329 -14.17 -3.20 -19.66
C VAL A 329 -12.85 -2.96 -20.40
N ALA A 330 -12.25 -1.82 -20.12
CA ALA A 330 -10.97 -1.44 -20.75
C ALA A 330 -10.00 -0.93 -19.69
N TRP A 331 -8.76 -1.35 -19.82
CA TRP A 331 -7.68 -0.87 -18.98
C TRP A 331 -7.05 0.38 -19.54
N TYR A 332 -6.44 1.16 -18.69
CA TYR A 332 -5.63 2.30 -19.15
C TYR A 332 -4.62 2.69 -18.11
N ASP A 333 -3.46 3.11 -18.60
CA ASP A 333 -2.50 3.76 -17.73
C ASP A 333 -2.84 5.25 -17.78
N ASN A 334 -3.49 5.65 -16.71
CA ASN A 334 -4.04 7.04 -16.53
C ASN A 334 -2.95 8.09 -16.58
N GLU A 335 -1.69 7.69 -16.36
CA GLU A 335 -0.53 8.56 -16.57
C GLU A 335 0.03 8.36 -17.98
N TYR A 336 0.91 7.41 -18.18
CA TYR A 336 1.63 7.32 -19.41
C TYR A 336 0.79 7.01 -20.65
N GLY A 337 -0.19 6.16 -20.54
CA GLY A 337 -1.07 5.80 -21.66
C GLY A 337 -1.81 7.03 -22.21
N PHE A 338 -2.40 7.78 -21.29
CA PHE A 338 -3.06 9.07 -21.60
C PHE A 338 -2.05 10.03 -22.24
N VAL A 339 -0.87 10.07 -21.71
CA VAL A 339 0.20 10.89 -22.30
C VAL A 339 0.54 10.46 -23.74
N THR A 340 0.58 9.17 -24.05
CA THR A 340 0.80 8.77 -25.42
C THR A 340 -0.24 9.34 -26.38
N GLN A 341 -1.50 9.40 -25.93
CA GLN A 341 -2.62 10.05 -26.64
C GLN A 341 -2.42 11.57 -26.82
N LEU A 342 -1.98 12.21 -25.74
CA LEU A 342 -1.71 13.63 -25.80
C LEU A 342 -0.63 13.89 -26.88
N ILE A 343 0.41 13.05 -26.91
CA ILE A 343 1.49 13.21 -27.88
C ILE A 343 1.03 12.95 -29.28
N ARG A 344 0.22 11.89 -29.53
CA ARG A 344 -0.28 11.71 -30.89
C ARG A 344 -1.09 12.95 -31.35
N THR A 345 -1.89 13.50 -30.45
CA THR A 345 -2.69 14.67 -30.78
C THR A 345 -1.77 15.84 -31.09
N LEU A 346 -0.81 16.05 -30.25
CA LEU A 346 0.17 17.13 -30.44
C LEU A 346 0.89 17.02 -31.77
N GLU A 347 1.34 15.81 -32.14
CA GLU A 347 2.08 15.65 -33.41
C GLU A 347 1.17 16.03 -34.59
N LYS A 348 -0.09 15.67 -34.58
CA LYS A 348 -0.98 16.00 -35.69
C LYS A 348 -1.28 17.52 -35.67
N PHE A 349 -1.54 18.05 -34.48
CA PHE A 349 -1.85 19.46 -34.26
C PHE A 349 -0.72 20.30 -34.84
N ALA A 350 0.52 19.89 -34.61
CA ALA A 350 1.68 20.63 -35.12
C ALA A 350 1.71 20.76 -36.66
N LYS A 351 1.10 19.81 -37.34
CA LYS A 351 1.15 19.77 -38.83
C LYS A 351 0.00 20.50 -39.49
N LEU A 352 -1.05 20.90 -38.75
CA LEU A 352 -2.25 21.55 -39.38
C LEU A 352 -2.19 23.06 -39.74
N MET B 20 -29.83 -25.87 20.92
CA MET B 20 -28.38 -26.17 20.82
C MET B 20 -27.60 -24.90 21.14
N SER B 21 -26.59 -25.08 21.90
CA SER B 21 -25.87 -23.98 22.30
C SER B 21 -24.40 -24.27 22.09
N LYS B 22 -23.98 -25.52 21.79
CA LYS B 22 -22.56 -25.79 21.72
C LYS B 22 -22.13 -25.82 20.25
N VAL B 23 -21.11 -25.05 19.97
CA VAL B 23 -20.61 -24.86 18.62
C VAL B 23 -19.16 -25.30 18.50
N GLY B 24 -18.84 -25.78 17.29
CA GLY B 24 -17.49 -26.03 16.88
C GLY B 24 -17.14 -25.18 15.68
N ILE B 25 -15.90 -24.70 15.63
CA ILE B 25 -15.42 -23.93 14.46
C ILE B 25 -14.43 -24.76 13.70
N ASN B 26 -14.70 -25.03 12.44
CA ASN B 26 -13.70 -25.68 11.61
C ASN B 26 -12.99 -24.60 10.81
N GLY B 27 -11.68 -24.43 11.04
CA GLY B 27 -10.96 -23.33 10.40
C GLY B 27 -10.91 -22.04 11.24
N PHE B 28 -9.75 -21.76 11.86
CA PHE B 28 -9.62 -20.58 12.72
C PHE B 28 -8.79 -19.52 12.00
N GLY B 29 -9.18 -19.28 10.74
CA GLY B 29 -8.70 -18.17 9.96
C GLY B 29 -9.40 -16.87 10.22
N ARG B 30 -9.39 -15.96 9.24
CA ARG B 30 -9.97 -14.65 9.45
C ARG B 30 -11.44 -14.78 9.94
N ILE B 31 -12.23 -15.51 9.20
CA ILE B 31 -13.64 -15.66 9.57
C ILE B 31 -13.83 -16.38 10.90
N GLY B 32 -13.15 -17.50 11.12
CA GLY B 32 -13.28 -18.21 12.36
C GLY B 32 -12.93 -17.44 13.61
N ARG B 33 -11.81 -16.67 13.58
CA ARG B 33 -11.48 -15.86 14.70
C ARG B 33 -12.43 -14.75 14.94
N LEU B 34 -12.97 -14.14 13.89
CA LEU B 34 -13.88 -13.07 14.09
C LEU B 34 -15.24 -13.61 14.53
N VAL B 35 -15.61 -14.83 14.13
CA VAL B 35 -16.85 -15.50 14.68
C VAL B 35 -16.76 -15.54 16.21
N LEU B 36 -15.61 -15.97 16.73
CA LEU B 36 -15.43 -16.03 18.18
C LEU B 36 -15.50 -14.63 18.79
N ARG B 37 -14.81 -13.67 18.16
CA ARG B 37 -14.84 -12.33 18.64
C ARG B 37 -16.26 -11.73 18.73
N ARG B 38 -17.04 -11.95 17.67
CA ARG B 38 -18.39 -11.41 17.67
C ARG B 38 -19.34 -12.09 18.68
N LEU B 39 -19.19 -13.39 18.83
CA LEU B 39 -19.96 -14.13 19.81
C LEU B 39 -19.74 -13.62 21.21
N LEU B 40 -18.49 -13.36 21.57
CA LEU B 40 -18.18 -12.75 22.86
C LEU B 40 -18.70 -11.34 22.95
N GLU B 41 -18.60 -10.58 21.86
CA GLU B 41 -19.05 -9.17 21.88
C GLU B 41 -20.55 -9.06 22.18
N VAL B 42 -21.35 -9.91 21.59
CA VAL B 42 -22.80 -9.83 21.79
C VAL B 42 -23.32 -10.57 23.03
N LYS B 43 -22.40 -11.14 23.75
CA LYS B 43 -22.61 -11.93 24.94
C LYS B 43 -23.59 -13.01 24.57
N SER B 44 -23.30 -13.72 23.47
CA SER B 44 -24.18 -14.82 23.06
C SER B 44 -24.24 -15.93 24.11
N ASN B 45 -25.39 -16.58 24.23
CA ASN B 45 -25.48 -17.79 25.02
C ASN B 45 -24.85 -19.00 24.25
N ILE B 46 -24.61 -18.90 22.94
CA ILE B 46 -23.80 -19.95 22.25
C ILE B 46 -22.46 -20.12 22.93
N ASP B 47 -22.07 -21.35 23.02
CA ASP B 47 -20.84 -21.70 23.68
C ASP B 47 -19.94 -22.37 22.61
N VAL B 48 -18.81 -21.75 22.27
CA VAL B 48 -17.85 -22.38 21.40
C VAL B 48 -17.01 -23.35 22.25
N VAL B 49 -17.13 -24.63 21.98
CA VAL B 49 -16.48 -25.67 22.78
C VAL B 49 -15.22 -26.26 22.13
N ALA B 50 -15.08 -26.09 20.80
CA ALA B 50 -14.01 -26.73 20.10
C ALA B 50 -13.71 -25.98 18.80
N ILE B 51 -12.47 -26.09 18.41
CA ILE B 51 -11.96 -25.56 17.12
C ILE B 51 -11.16 -26.67 16.49
N ASN B 52 -11.26 -26.82 15.18
CA ASN B 52 -10.39 -27.72 14.45
C ASN B 52 -9.52 -26.90 13.45
N ASP B 53 -8.19 -27.01 13.55
CA ASP B 53 -7.26 -26.25 12.69
C ASP B 53 -5.93 -27.02 12.81
N LEU B 54 -5.14 -27.02 11.74
CA LEU B 54 -3.80 -27.71 11.78
C LEU B 54 -2.69 -26.98 12.52
N THR B 55 -2.89 -25.73 12.83
CA THR B 55 -1.89 -24.93 13.50
C THR B 55 -1.86 -25.10 15.02
N SER B 56 -0.69 -24.92 15.63
CA SER B 56 -0.60 -25.02 17.10
C SER B 56 -1.50 -24.06 17.83
N PRO B 57 -1.99 -24.41 19.03
CA PRO B 57 -2.60 -23.42 19.86
C PRO B 57 -1.79 -22.14 20.17
N LYS B 58 -0.48 -22.29 20.34
CA LYS B 58 0.38 -21.12 20.51
C LYS B 58 0.18 -20.08 19.43
N ILE B 59 0.23 -20.53 18.18
CA ILE B 59 0.06 -19.61 17.07
C ILE B 59 -1.35 -19.11 16.90
N LEU B 60 -2.31 -19.95 17.12
CA LEU B 60 -3.69 -19.50 17.07
C LEU B 60 -3.95 -18.49 18.15
N ALA B 61 -3.35 -18.66 19.34
CA ALA B 61 -3.59 -17.68 20.42
C ALA B 61 -2.97 -16.34 20.08
N TYR B 62 -1.82 -16.37 19.47
CA TYR B 62 -1.14 -15.14 19.07
C TYR B 62 -1.99 -14.39 17.99
N LEU B 63 -2.52 -15.13 17.04
CA LEU B 63 -3.38 -14.50 15.96
C LEU B 63 -4.74 -14.00 16.50
N LEU B 64 -5.24 -14.68 17.55
CA LEU B 64 -6.46 -14.20 18.18
C LEU B 64 -6.21 -12.97 18.95
N LYS B 65 -5.08 -12.90 19.65
CA LYS B 65 -4.77 -11.74 20.44
C LYS B 65 -4.49 -10.47 19.69
N HIS B 66 -3.84 -10.62 18.55
CA HIS B 66 -3.29 -9.48 17.81
C HIS B 66 -3.87 -9.54 16.38
N ASP B 67 -4.63 -8.50 16.03
CA ASP B 67 -5.32 -8.46 14.75
C ASP B 67 -5.00 -7.21 14.02
N SER B 68 -4.46 -7.35 12.82
CA SER B 68 -4.06 -6.16 12.05
C SER B 68 -5.23 -5.29 11.59
N ASN B 69 -6.42 -5.84 11.51
CA ASN B 69 -7.57 -5.11 11.07
C ASN B 69 -8.40 -4.60 12.20
N TYR B 70 -8.50 -5.33 13.32
CA TYR B 70 -9.46 -4.97 14.36
C TYR B 70 -8.83 -4.68 15.69
N GLY B 71 -7.51 -4.77 15.76
CA GLY B 71 -6.80 -4.45 17.01
C GLY B 71 -6.85 -5.53 18.05
N PRO B 72 -6.40 -5.19 19.27
CA PRO B 72 -6.19 -6.20 20.32
C PRO B 72 -7.50 -6.85 20.67
N PHE B 73 -7.46 -8.13 20.98
CA PHE B 73 -8.66 -8.88 21.27
C PHE B 73 -9.15 -8.33 22.62
N PRO B 74 -10.46 -8.12 22.74
CA PRO B 74 -10.97 -7.49 23.97
C PRO B 74 -11.02 -8.40 25.23
N TRP B 75 -10.68 -9.69 25.12
CA TRP B 75 -10.73 -10.67 26.27
C TRP B 75 -9.38 -11.29 26.44
N SER B 76 -9.14 -11.87 27.61
CA SER B 76 -7.96 -12.64 27.82
C SER B 76 -7.81 -13.81 26.85
N VAL B 77 -6.59 -14.07 26.48
CA VAL B 77 -6.21 -15.21 25.63
C VAL B 77 -5.01 -15.92 26.19
N ASP B 78 -5.11 -17.22 26.40
CA ASP B 78 -4.00 -18.04 26.76
C ASP B 78 -4.17 -19.38 26.06
N PHE B 79 -3.23 -20.30 26.24
CA PHE B 79 -3.28 -21.59 25.54
C PHE B 79 -2.57 -22.65 26.32
N THR B 80 -2.88 -23.91 25.98
CA THR B 80 -2.12 -25.10 26.37
C THR B 80 -1.79 -25.90 25.12
N GLU B 81 -1.09 -27.04 25.26
CA GLU B 81 -0.70 -27.79 24.11
C GLU B 81 -1.89 -28.21 23.20
N ASP B 82 -3.09 -28.24 23.76
CA ASP B 82 -4.25 -28.73 23.02
C ASP B 82 -5.50 -27.90 23.21
N SER B 83 -5.37 -26.65 23.64
CA SER B 83 -6.53 -25.84 23.90
C SER B 83 -6.19 -24.34 23.79
N LEU B 84 -7.24 -23.53 23.60
CA LEU B 84 -7.18 -22.10 23.86
C LEU B 84 -8.01 -21.81 25.12
N ILE B 85 -7.59 -20.81 25.87
CA ILE B 85 -8.32 -20.36 27.03
C ILE B 85 -8.65 -18.89 26.73
N VAL B 86 -9.95 -18.65 26.56
CA VAL B 86 -10.51 -17.39 26.10
C VAL B 86 -11.47 -16.84 27.10
N ASP B 87 -11.15 -15.65 27.63
CA ASP B 87 -11.93 -15.05 28.69
C ASP B 87 -12.16 -16.07 29.83
N GLY B 88 -11.14 -16.82 30.13
CA GLY B 88 -11.17 -17.83 31.18
C GLY B 88 -11.72 -19.18 30.79
N LYS B 89 -12.30 -19.33 29.59
CA LYS B 89 -13.00 -20.55 29.22
C LYS B 89 -12.16 -21.38 28.26
N SER B 90 -11.98 -22.68 28.55
N SER B 90 -12.07 -22.69 28.54
CA SER B 90 -11.22 -23.56 27.67
CA SER B 90 -11.33 -23.62 27.70
C SER B 90 -12.02 -23.99 26.46
C SER B 90 -12.07 -23.95 26.43
N ILE B 91 -11.33 -23.97 25.33
CA ILE B 91 -11.86 -24.39 24.05
C ILE B 91 -10.87 -25.43 23.53
N ALA B 92 -11.33 -26.63 23.27
CA ALA B 92 -10.49 -27.66 22.73
C ALA B 92 -10.03 -27.37 21.32
N VAL B 93 -8.79 -27.68 20.98
CA VAL B 93 -8.28 -27.52 19.63
C VAL B 93 -7.80 -28.85 19.07
N TYR B 94 -8.48 -29.31 18.05
CA TYR B 94 -8.16 -30.53 17.37
C TYR B 94 -7.40 -30.16 16.10
N ALA B 95 -6.71 -31.13 15.50
CA ALA B 95 -5.87 -30.86 14.32
C ALA B 95 -6.08 -31.95 13.32
N GLU B 96 -7.32 -32.07 12.86
CA GLU B 96 -7.65 -33.08 11.90
C GLU B 96 -7.64 -32.55 10.53
N LYS B 97 -6.96 -33.24 9.61
CA LYS B 97 -7.01 -32.73 8.27
C LYS B 97 -8.26 -33.04 7.51
N GLU B 98 -9.01 -34.08 7.88
CA GLU B 98 -10.23 -34.41 7.28
C GLU B 98 -11.40 -34.19 8.27
N ALA B 99 -12.44 -33.46 7.82
CA ALA B 99 -13.54 -33.13 8.72
C ALA B 99 -14.18 -34.39 9.31
N LYS B 100 -14.28 -35.47 8.53
CA LYS B 100 -14.94 -36.65 9.03
C LYS B 100 -14.29 -37.24 10.29
N ASN B 101 -13.03 -36.94 10.51
CA ASN B 101 -12.29 -37.43 11.71
C ASN B 101 -12.30 -36.49 12.95
N ILE B 102 -12.95 -35.31 12.83
CA ILE B 102 -12.93 -34.33 13.91
C ILE B 102 -13.80 -34.91 15.01
N PRO B 103 -13.26 -34.95 16.25
CA PRO B 103 -14.04 -35.65 17.27
C PRO B 103 -15.01 -34.70 17.97
N TRP B 104 -15.99 -34.21 17.22
CA TRP B 104 -16.95 -33.21 17.75
C TRP B 104 -17.77 -33.72 18.92
N LYS B 105 -17.96 -35.03 18.99
CA LYS B 105 -18.77 -35.57 20.14
C LYS B 105 -18.10 -35.46 21.49
N ALA B 106 -16.80 -35.21 21.54
CA ALA B 106 -16.08 -35.21 22.81
C ALA B 106 -16.57 -34.11 23.69
N LYS B 107 -16.66 -32.89 23.16
CA LYS B 107 -17.22 -31.78 23.95
C LYS B 107 -18.62 -31.44 23.59
N GLY B 108 -19.22 -32.28 22.79
CA GLY B 108 -20.62 -32.13 22.40
C GLY B 108 -20.89 -30.97 21.45
N ALA B 109 -19.97 -30.67 20.53
CA ALA B 109 -20.25 -29.60 19.52
C ALA B 109 -21.41 -30.05 18.63
N GLU B 110 -22.47 -29.26 18.59
CA GLU B 110 -23.65 -29.61 17.88
C GLU B 110 -23.78 -28.89 16.55
N ILE B 111 -23.39 -27.63 16.53
CA ILE B 111 -23.47 -26.88 15.27
C ILE B 111 -22.05 -26.49 14.92
N ILE B 112 -21.66 -26.79 13.69
CA ILE B 112 -20.29 -26.49 13.20
C ILE B 112 -20.35 -25.27 12.28
N VAL B 113 -19.54 -24.28 12.59
CA VAL B 113 -19.30 -23.13 11.71
C VAL B 113 -18.13 -23.53 10.84
N GLU B 114 -18.43 -23.79 9.55
CA GLU B 114 -17.48 -24.35 8.61
C GLU B 114 -16.87 -23.22 7.81
N CYS B 115 -15.59 -22.88 8.15
CA CYS B 115 -14.94 -21.63 7.71
C CYS B 115 -13.63 -21.97 6.95
N THR B 116 -13.46 -23.18 6.43
CA THR B 116 -12.17 -23.51 5.78
C THR B 116 -12.17 -23.21 4.30
N GLY B 117 -13.36 -23.12 3.72
CA GLY B 117 -13.51 -23.15 2.26
C GLY B 117 -13.33 -24.45 1.52
N PHE B 118 -13.00 -25.55 2.24
CA PHE B 118 -12.80 -26.88 1.65
C PHE B 118 -14.01 -27.78 1.67
N TYR B 119 -15.10 -27.36 2.30
CA TYR B 119 -16.31 -28.19 2.40
C TYR B 119 -17.59 -27.47 1.93
N THR B 120 -17.47 -26.72 0.84
CA THR B 120 -18.55 -25.82 0.36
C THR B 120 -19.56 -26.62 -0.52
N SER B 121 -20.07 -27.71 0.02
CA SER B 121 -21.19 -28.42 -0.55
C SER B 121 -21.90 -29.22 0.48
N ALA B 122 -23.11 -29.64 0.18
CA ALA B 122 -23.83 -30.58 1.05
C ALA B 122 -23.09 -31.90 1.26
N GLU B 123 -22.55 -32.40 0.14
CA GLU B 123 -21.88 -33.69 0.14
C GLU B 123 -20.58 -33.57 0.94
N LYS B 124 -19.85 -32.46 0.83
CA LYS B 124 -18.62 -32.32 1.56
C LYS B 124 -18.85 -32.09 3.04
N SER B 125 -19.75 -31.14 3.35
CA SER B 125 -20.05 -30.83 4.77
C SER B 125 -20.79 -31.93 5.52
N GLN B 126 -21.39 -32.88 4.82
CA GLN B 126 -21.94 -34.06 5.46
C GLN B 126 -20.91 -34.77 6.37
N ALA B 127 -19.64 -34.60 6.05
CA ALA B 127 -18.55 -35.12 6.89
C ALA B 127 -18.67 -34.70 8.36
N HIS B 128 -19.12 -33.47 8.63
CA HIS B 128 -19.21 -33.04 10.00
C HIS B 128 -20.37 -33.70 10.73
N LEU B 129 -21.39 -34.10 10.01
CA LEU B 129 -22.48 -34.83 10.59
C LEU B 129 -22.05 -36.27 10.83
N ASP B 130 -21.23 -36.80 9.94
CA ASP B 130 -20.74 -38.19 10.11
C ASP B 130 -19.82 -38.15 11.32
N ALA B 131 -19.17 -37.01 11.58
CA ALA B 131 -18.25 -36.75 12.72
C ALA B 131 -18.98 -36.43 14.01
N GLY B 132 -20.30 -36.43 13.98
CA GLY B 132 -21.10 -36.39 15.15
C GLY B 132 -21.74 -35.10 15.50
N ALA B 133 -21.56 -34.06 14.66
CA ALA B 133 -22.36 -32.86 14.82
C ALA B 133 -23.78 -33.03 14.32
N LYS B 134 -24.66 -32.11 14.68
CA LYS B 134 -26.07 -32.10 14.30
C LYS B 134 -26.37 -31.20 13.08
N LYS B 135 -25.63 -30.09 12.96
CA LYS B 135 -25.92 -29.11 11.89
C LYS B 135 -24.57 -28.45 11.51
N VAL B 136 -24.55 -27.88 10.33
CA VAL B 136 -23.41 -27.18 9.77
C VAL B 136 -23.90 -25.87 9.17
N LEU B 137 -23.23 -24.79 9.52
N LEU B 137 -23.15 -24.81 9.46
CA LEU B 137 -23.40 -23.52 8.88
CA LEU B 137 -23.36 -23.47 8.97
C LEU B 137 -22.11 -23.21 8.16
C LEU B 137 -22.13 -23.05 8.18
N ILE B 138 -22.26 -23.08 6.84
CA ILE B 138 -21.08 -22.81 5.94
C ILE B 138 -20.91 -21.32 5.72
N SER B 139 -19.70 -20.79 5.94
CA SER B 139 -19.38 -19.36 5.81
C SER B 139 -19.13 -18.93 4.35
N ALA B 140 -19.77 -19.59 3.38
CA ALA B 140 -19.55 -19.36 1.97
C ALA B 140 -20.67 -19.96 1.20
N PRO B 141 -20.83 -19.53 -0.08
CA PRO B 141 -21.76 -20.22 -0.93
C PRO B 141 -21.39 -21.69 -1.09
N ALA B 142 -22.39 -22.54 -1.21
CA ALA B 142 -22.17 -23.97 -1.18
C ALA B 142 -23.13 -24.74 -2.02
N GLY B 143 -23.41 -24.19 -3.20
CA GLY B 143 -24.23 -24.88 -4.14
C GLY B 143 -25.67 -24.90 -3.73
N GLU B 144 -26.39 -25.97 -4.12
CA GLU B 144 -27.86 -25.93 -3.98
C GLU B 144 -28.30 -26.33 -2.64
N MET B 145 -28.33 -25.38 -1.72
CA MET B 145 -28.78 -25.60 -0.38
C MET B 145 -29.37 -24.33 0.08
N LYS B 146 -30.01 -24.34 1.21
CA LYS B 146 -30.58 -23.10 1.77
C LYS B 146 -29.42 -22.14 2.04
N THR B 147 -29.59 -20.93 1.55
CA THR B 147 -28.50 -19.95 1.50
C THR B 147 -29.12 -18.67 1.98
N ILE B 148 -28.66 -18.22 3.14
CA ILE B 148 -29.30 -17.25 3.99
C ILE B 148 -28.57 -15.93 4.07
N VAL B 149 -29.23 -14.85 3.65
CA VAL B 149 -28.88 -13.50 4.07
C VAL B 149 -29.82 -13.05 5.15
N TYR B 150 -29.28 -12.90 6.35
CA TYR B 150 -30.13 -12.51 7.46
C TYR B 150 -30.87 -11.16 7.24
N ASN B 151 -32.16 -11.14 7.55
CA ASN B 151 -33.05 -10.01 7.27
C ASN B 151 -33.41 -9.82 5.80
N VAL B 152 -33.14 -10.81 4.97
CA VAL B 152 -33.70 -10.96 3.66
C VAL B 152 -34.51 -12.25 3.61
N ASN B 153 -33.91 -13.42 3.92
CA ASN B 153 -34.63 -14.67 3.78
C ASN B 153 -34.37 -15.68 4.93
N ASP B 154 -34.06 -15.17 6.08
CA ASP B 154 -33.80 -16.06 7.22
C ASP B 154 -35.12 -16.79 7.65
N ASP B 155 -36.28 -16.30 7.17
CA ASP B 155 -37.54 -17.02 7.47
C ASP B 155 -37.65 -18.31 6.68
N THR B 156 -36.69 -18.65 5.80
CA THR B 156 -36.72 -19.92 5.08
C THR B 156 -36.11 -21.07 5.88
N LEU B 157 -35.46 -20.77 6.99
CA LEU B 157 -34.87 -21.81 7.80
C LEU B 157 -35.94 -22.52 8.67
N ASP B 158 -35.87 -23.83 8.80
CA ASP B 158 -36.66 -24.51 9.85
C ASP B 158 -35.88 -25.58 10.55
N GLY B 159 -36.55 -26.23 11.52
CA GLY B 159 -35.92 -27.17 12.37
C GLY B 159 -35.37 -28.38 11.68
N ASN B 160 -35.81 -28.69 10.47
CA ASN B 160 -35.26 -29.91 9.78
C ASN B 160 -33.99 -29.65 8.98
N ASP B 161 -33.60 -28.39 8.81
CA ASP B 161 -32.42 -28.06 8.07
C ASP B 161 -31.16 -28.47 8.84
N THR B 162 -30.24 -29.14 8.17
CA THR B 162 -29.05 -29.57 8.83
C THR B 162 -27.75 -28.98 8.26
N ILE B 163 -27.77 -28.58 7.02
CA ILE B 163 -26.60 -28.00 6.36
C ILE B 163 -27.06 -26.76 5.59
N VAL B 164 -26.60 -25.59 6.01
CA VAL B 164 -26.97 -24.31 5.42
C VAL B 164 -25.77 -23.40 5.18
N SER B 165 -25.97 -22.49 4.23
CA SER B 165 -24.98 -21.49 3.84
C SER B 165 -25.45 -20.12 4.23
N VAL B 166 -24.49 -19.26 4.58
CA VAL B 166 -24.77 -17.83 4.74
C VAL B 166 -24.31 -17.01 3.56
N ALA B 167 -24.22 -17.66 2.42
CA ALA B 167 -23.77 -17.08 1.17
C ALA B 167 -22.39 -16.47 1.39
N SER B 168 -22.12 -15.30 0.83
CA SER B 168 -20.80 -14.64 0.87
C SER B 168 -20.97 -13.25 1.35
N CYS B 169 -19.86 -12.61 1.68
CA CYS B 169 -19.90 -11.24 2.06
C CYS B 169 -20.56 -10.38 1.02
N THR B 170 -20.16 -10.54 -0.23
CA THR B 170 -20.76 -9.65 -1.24
C THR B 170 -22.30 -9.92 -1.40
N THR B 171 -22.69 -11.15 -1.25
CA THR B 171 -24.11 -11.47 -1.30
C THR B 171 -24.86 -10.83 -0.16
N ASN B 172 -24.24 -10.77 1.04
CA ASN B 172 -24.82 -10.10 2.15
C ASN B 172 -24.93 -8.57 1.94
N CYS B 173 -24.05 -8.03 1.13
CA CYS B 173 -24.10 -6.61 0.75
C CYS B 173 -25.23 -6.38 -0.33
N LEU B 174 -25.22 -7.19 -1.38
CA LEU B 174 -26.07 -7.05 -2.53
C LEU B 174 -27.54 -7.31 -2.19
N ALA B 175 -27.77 -8.37 -1.41
CA ALA B 175 -29.12 -8.91 -1.29
C ALA B 175 -30.08 -7.87 -0.68
N PRO B 176 -29.71 -7.23 0.43
CA PRO B 176 -30.69 -6.30 0.97
C PRO B 176 -31.02 -5.11 0.07
N MET B 177 -30.04 -4.69 -0.70
CA MET B 177 -30.23 -3.63 -1.68
C MET B 177 -31.10 -4.10 -2.82
N ALA B 178 -30.87 -5.33 -3.33
CA ALA B 178 -31.68 -5.87 -4.42
C ALA B 178 -33.11 -6.16 -3.96
N LYS B 179 -33.27 -6.60 -2.69
CA LYS B 179 -34.63 -6.93 -2.21
C LYS B 179 -35.45 -5.65 -2.12
N ALA B 180 -34.83 -4.58 -1.58
CA ALA B 180 -35.54 -3.30 -1.47
C ALA B 180 -35.95 -2.78 -2.85
N LEU B 181 -35.05 -2.78 -3.81
CA LEU B 181 -35.39 -2.33 -5.17
C LEU B 181 -36.42 -3.17 -5.82
N HIS B 182 -36.28 -4.46 -5.62
CA HIS B 182 -37.21 -5.37 -6.29
C HIS B 182 -38.60 -5.23 -5.70
N ASP B 183 -38.65 -5.10 -4.41
CA ASP B 183 -39.95 -4.98 -3.72
C ASP B 183 -40.64 -3.64 -4.09
N SER B 184 -39.88 -2.57 -4.22
CA SER B 184 -40.44 -1.27 -4.49
C SER B 184 -40.70 -1.05 -5.98
N PHE B 185 -39.81 -1.49 -6.87
CA PHE B 185 -39.81 -1.08 -8.27
C PHE B 185 -39.78 -2.19 -9.28
N GLY B 186 -39.38 -3.42 -8.85
CA GLY B 186 -39.08 -4.50 -9.70
C GLY B 186 -37.66 -4.35 -10.30
N ILE B 187 -36.85 -5.37 -10.24
CA ILE B 187 -35.61 -5.42 -10.97
C ILE B 187 -35.85 -6.32 -12.11
N GLU B 188 -35.74 -5.81 -13.33
CA GLU B 188 -35.85 -6.62 -14.49
C GLU B 188 -34.61 -7.38 -14.91
N VAL B 189 -33.45 -6.71 -14.80
CA VAL B 189 -32.15 -7.26 -15.07
C VAL B 189 -31.16 -6.35 -14.35
N GLY B 190 -30.02 -6.90 -13.97
CA GLY B 190 -29.00 -6.08 -13.34
C GLY B 190 -27.63 -6.70 -13.37
N THR B 191 -26.62 -5.87 -13.20
CA THR B 191 -25.26 -6.38 -13.09
C THR B 191 -24.52 -5.58 -12.03
N MET B 192 -23.70 -6.28 -11.22
CA MET B 192 -23.03 -5.65 -10.12
C MET B 192 -21.53 -5.75 -10.32
N THR B 193 -20.81 -4.81 -9.73
CA THR B 193 -19.35 -4.91 -9.56
C THR B 193 -19.07 -4.56 -8.15
N THR B 194 -18.30 -5.39 -7.46
CA THR B 194 -17.82 -5.00 -6.13
C THR B 194 -16.34 -4.63 -6.19
N ILE B 195 -16.00 -3.46 -5.65
CA ILE B 195 -14.63 -2.97 -5.52
C ILE B 195 -14.28 -3.46 -4.11
N HIS B 196 -13.45 -4.49 -4.04
CA HIS B 196 -13.45 -5.41 -2.93
C HIS B 196 -12.05 -5.51 -2.37
N ALA B 197 -11.96 -5.42 -1.05
CA ALA B 197 -10.65 -5.58 -0.31
C ALA B 197 -10.02 -6.93 -0.63
N TYR B 198 -8.71 -7.01 -0.65
CA TYR B 198 -8.05 -8.27 -0.90
C TYR B 198 -8.22 -9.27 0.26
N THR B 199 -8.18 -10.56 -0.08
CA THR B 199 -8.40 -11.59 0.87
C THR B 199 -7.31 -12.65 0.78
N GLY B 200 -7.29 -13.53 1.76
CA GLY B 200 -6.39 -14.64 1.81
C GLY B 200 -6.33 -15.63 0.69
N THR B 201 -7.34 -15.68 -0.13
CA THR B 201 -7.29 -16.52 -1.33
C THR B 201 -6.38 -15.98 -2.42
N GLN B 202 -5.94 -14.74 -2.28
CA GLN B 202 -5.03 -14.11 -3.22
C GLN B 202 -3.61 -14.32 -2.81
N SER B 203 -2.68 -13.68 -3.50
CA SER B 203 -1.24 -13.87 -3.32
C SER B 203 -0.55 -12.64 -2.85
N LEU B 204 0.42 -12.81 -1.97
CA LEU B 204 1.25 -11.70 -1.51
C LEU B 204 2.23 -11.21 -2.58
N VAL B 205 2.97 -12.15 -3.16
CA VAL B 205 3.86 -11.85 -4.28
C VAL B 205 3.37 -12.65 -5.44
N ASP B 206 3.80 -12.27 -6.65
CA ASP B 206 3.37 -12.96 -7.86
C ASP B 206 3.86 -14.47 -7.79
N GLY B 207 2.96 -15.42 -7.80
CA GLY B 207 3.33 -16.81 -7.77
C GLY B 207 2.13 -17.70 -7.81
N PRO B 208 2.36 -19.01 -8.08
CA PRO B 208 1.22 -19.87 -8.30
C PRO B 208 0.19 -19.81 -7.17
N ARG B 209 -1.08 -19.82 -7.56
CA ARG B 209 -2.19 -19.79 -6.59
C ARG B 209 -3.35 -20.63 -7.14
N GLY B 210 -3.16 -21.90 -7.05
CA GLY B 210 -4.12 -22.79 -7.67
C GLY B 210 -4.15 -22.62 -9.19
N LYS B 211 -5.34 -22.78 -9.79
CA LYS B 211 -5.47 -22.71 -11.22
C LYS B 211 -5.79 -21.32 -11.77
N ASP B 212 -6.28 -20.38 -10.93
CA ASP B 212 -6.73 -19.09 -11.42
C ASP B 212 -5.53 -18.17 -11.64
N LEU B 213 -5.36 -17.66 -12.84
CA LEU B 213 -4.19 -16.87 -13.17
C LEU B 213 -4.19 -15.52 -12.41
N ARG B 214 -5.30 -14.81 -12.41
CA ARG B 214 -5.33 -13.53 -11.71
C ARG B 214 -5.10 -13.63 -10.21
N ALA B 215 -5.49 -14.74 -9.60
CA ALA B 215 -5.23 -14.97 -8.16
C ALA B 215 -3.75 -15.09 -7.85
N SER B 216 -2.90 -15.35 -8.86
CA SER B 216 -1.46 -15.50 -8.65
C SER B 216 -0.74 -14.18 -8.44
N ARG B 217 -1.44 -13.07 -8.65
CA ARG B 217 -0.80 -11.77 -8.72
C ARG B 217 -0.80 -11.02 -7.40
N ALA B 218 0.25 -10.27 -7.11
CA ALA B 218 0.46 -9.56 -5.84
C ALA B 218 -0.74 -8.67 -5.53
N ALA B 219 -1.45 -9.03 -4.47
CA ALA B 219 -2.78 -8.44 -4.20
C ALA B 219 -2.72 -7.01 -3.77
N ALA B 220 -1.66 -6.64 -3.06
CA ALA B 220 -1.59 -5.31 -2.49
C ALA B 220 -0.98 -4.34 -3.50
N GLU B 221 -0.65 -4.79 -4.70
CA GLU B 221 -0.03 -3.96 -5.71
C GLU B 221 -0.81 -3.87 -7.01
N ASN B 222 -2.07 -4.32 -7.01
CA ASN B 222 -2.80 -4.44 -8.23
C ASN B 222 -4.32 -4.34 -8.01
N ILE B 223 -4.99 -3.84 -9.04
CA ILE B 223 -6.42 -4.08 -9.25
C ILE B 223 -6.53 -5.39 -10.00
N ILE B 224 -7.31 -6.32 -9.44
CA ILE B 224 -7.35 -7.69 -9.93
C ILE B 224 -8.79 -8.12 -10.13
N PRO B 225 -9.21 -8.29 -11.39
CA PRO B 225 -10.58 -8.83 -11.62
C PRO B 225 -10.72 -10.25 -11.07
N HIS B 226 -11.89 -10.57 -10.50
CA HIS B 226 -12.08 -11.81 -9.78
C HIS B 226 -13.58 -12.13 -9.78
N THR B 227 -13.89 -13.40 -9.65
CA THR B 227 -15.34 -13.78 -9.49
C THR B 227 -15.88 -13.33 -8.15
N THR B 228 -17.22 -13.32 -8.06
CA THR B 228 -17.83 -13.03 -6.77
C THR B 228 -18.83 -14.11 -6.50
N GLY B 229 -18.82 -14.57 -5.22
CA GLY B 229 -19.83 -15.50 -4.70
C GLY B 229 -21.26 -15.07 -4.90
N ALA B 230 -21.48 -13.75 -5.00
CA ALA B 230 -22.85 -13.18 -5.12
C ALA B 230 -23.47 -13.57 -6.43
N ALA B 231 -22.64 -13.90 -7.43
CA ALA B 231 -23.23 -14.20 -8.77
C ALA B 231 -24.05 -15.47 -8.77
N LYS B 232 -23.53 -16.49 -8.07
CA LYS B 232 -24.22 -17.75 -7.94
C LYS B 232 -25.21 -17.75 -6.77
N ALA B 233 -24.88 -17.06 -5.70
CA ALA B 233 -25.74 -17.16 -4.47
C ALA B 233 -27.00 -16.29 -4.48
N ILE B 234 -26.99 -15.16 -5.19
CA ILE B 234 -28.06 -14.18 -5.06
C ILE B 234 -29.42 -14.76 -5.49
N GLY B 235 -29.37 -15.57 -6.56
CA GLY B 235 -30.63 -16.26 -7.02
C GLY B 235 -31.24 -17.28 -6.03
N LEU B 236 -30.43 -17.82 -5.12
CA LEU B 236 -30.94 -18.67 -3.99
C LEU B 236 -31.51 -17.88 -2.84
N VAL B 237 -31.00 -16.67 -2.66
CA VAL B 237 -31.46 -15.77 -1.64
C VAL B 237 -32.73 -15.06 -2.04
N ILE B 238 -32.84 -14.65 -3.31
CA ILE B 238 -33.99 -13.93 -3.79
C ILE B 238 -34.40 -14.69 -5.08
N PRO B 239 -35.24 -15.71 -4.91
CA PRO B 239 -35.54 -16.59 -6.07
C PRO B 239 -36.14 -15.92 -7.27
N GLU B 240 -36.94 -14.87 -7.07
CA GLU B 240 -37.51 -14.14 -8.21
C GLU B 240 -36.43 -13.46 -9.08
N LEU B 241 -35.24 -13.29 -8.51
CA LEU B 241 -34.14 -12.67 -9.26
C LEU B 241 -33.21 -13.68 -9.86
N SER B 242 -33.48 -14.98 -9.76
CA SER B 242 -32.52 -15.96 -10.25
C SER B 242 -32.43 -15.86 -11.74
N GLY B 243 -31.22 -15.75 -12.24
CA GLY B 243 -30.97 -15.57 -13.64
C GLY B 243 -31.09 -14.17 -14.14
N LYS B 244 -31.41 -13.23 -13.26
CA LYS B 244 -31.65 -11.84 -13.69
C LYS B 244 -30.49 -10.92 -13.32
N LEU B 245 -29.52 -11.45 -12.55
CA LEU B 245 -28.37 -10.68 -12.07
C LEU B 245 -27.09 -11.44 -12.34
N LYS B 246 -26.06 -10.70 -12.72
CA LYS B 246 -24.69 -11.22 -12.86
C LYS B 246 -23.74 -10.17 -12.25
N GLY B 247 -22.49 -10.57 -12.10
CA GLY B 247 -21.51 -9.59 -11.68
C GLY B 247 -20.16 -10.20 -11.34
N HIS B 248 -19.26 -9.32 -10.91
CA HIS B 248 -17.94 -9.71 -10.62
C HIS B 248 -17.31 -8.70 -9.65
N ALA B 249 -16.07 -8.97 -9.28
CA ALA B 249 -15.26 -8.17 -8.38
C ALA B 249 -14.00 -7.61 -9.08
N GLN B 250 -13.59 -6.48 -8.59
CA GLN B 250 -12.22 -5.93 -8.77
C GLN B 250 -11.61 -5.89 -7.38
N ARG B 251 -10.67 -6.81 -7.12
CA ARG B 251 -9.99 -6.84 -5.86
C ARG B 251 -8.93 -5.78 -5.83
N VAL B 252 -8.88 -4.99 -4.77
CA VAL B 252 -7.96 -3.81 -4.75
C VAL B 252 -7.19 -3.74 -3.42
N PRO B 253 -6.14 -2.92 -3.35
CA PRO B 253 -5.26 -2.91 -2.14
C PRO B 253 -5.76 -2.12 -0.92
N VAL B 254 -6.92 -2.51 -0.42
CA VAL B 254 -7.32 -2.18 0.97
C VAL B 254 -7.49 -3.49 1.78
N LYS B 255 -7.17 -3.42 3.07
CA LYS B 255 -7.07 -4.63 3.89
C LYS B 255 -8.45 -5.24 4.22
N THR B 256 -9.43 -4.36 4.41
CA THR B 256 -10.84 -4.81 4.56
C THR B 256 -11.70 -3.57 4.26
N GLY B 257 -12.95 -3.82 3.97
CA GLY B 257 -13.88 -2.78 3.55
C GLY B 257 -14.04 -2.78 2.06
N SER B 258 -15.29 -2.87 1.59
CA SER B 258 -15.59 -3.07 0.18
C SER B 258 -16.85 -2.31 -0.17
N VAL B 259 -17.13 -2.24 -1.48
CA VAL B 259 -18.29 -1.48 -1.91
C VAL B 259 -18.90 -2.12 -3.13
N THR B 260 -20.20 -2.43 -3.09
CA THR B 260 -20.87 -3.03 -4.23
C THR B 260 -21.68 -1.99 -5.04
N GLU B 261 -21.48 -1.94 -6.36
CA GLU B 261 -22.32 -1.11 -7.24
C GLU B 261 -23.25 -2.07 -7.98
N LEU B 262 -24.54 -1.73 -8.07
CA LEU B 262 -25.49 -2.46 -8.88
C LEU B 262 -26.08 -1.49 -9.92
N VAL B 263 -26.04 -1.91 -11.16
CA VAL B 263 -26.73 -1.16 -12.23
C VAL B 263 -27.95 -2.02 -12.65
N SER B 264 -29.12 -1.43 -12.55
CA SER B 264 -30.35 -2.17 -12.88
C SER B 264 -31.22 -1.48 -13.92
N ILE B 265 -31.99 -2.31 -14.63
CA ILE B 265 -33.25 -1.87 -15.32
C ILE B 265 -34.35 -2.20 -14.37
N LEU B 266 -35.04 -1.17 -13.94
CA LEU B 266 -36.17 -1.37 -13.01
C LEU B 266 -37.49 -1.43 -13.74
N GLY B 267 -38.53 -1.86 -13.02
CA GLY B 267 -39.83 -2.03 -13.65
C GLY B 267 -40.67 -0.76 -13.67
N LYS B 268 -40.23 0.26 -12.98
CA LYS B 268 -40.83 1.55 -12.92
C LYS B 268 -39.81 2.60 -13.23
N LYS B 269 -40.29 3.71 -13.80
CA LYS B 269 -39.54 4.96 -13.82
C LYS B 269 -39.39 5.60 -12.47
N VAL B 270 -38.17 6.00 -12.09
CA VAL B 270 -37.90 6.55 -10.77
C VAL B 270 -37.06 7.82 -10.78
N THR B 271 -37.09 8.54 -9.64
CA THR B 271 -36.08 9.57 -9.38
C THR B 271 -35.07 9.06 -8.36
N ALA B 272 -33.94 9.76 -8.25
CA ALA B 272 -32.97 9.47 -7.22
C ALA B 272 -33.55 9.52 -5.82
N GLU B 273 -34.33 10.56 -5.54
CA GLU B 273 -34.91 10.70 -4.23
C GLU B 273 -35.89 9.59 -3.88
N GLU B 274 -36.65 9.16 -4.86
CA GLU B 274 -37.56 8.06 -4.69
C GLU B 274 -36.81 6.75 -4.37
N VAL B 275 -35.73 6.50 -5.08
CA VAL B 275 -34.87 5.34 -4.78
C VAL B 275 -34.32 5.45 -3.37
N ASN B 276 -33.69 6.57 -3.05
CA ASN B 276 -33.11 6.79 -1.72
C ASN B 276 -34.12 6.57 -0.62
N ASN B 277 -35.34 7.05 -0.87
N ASN B 277 -35.34 7.11 -0.78
CA ASN B 277 -36.38 6.97 0.15
CA ASN B 277 -36.32 6.95 0.30
C ASN B 277 -36.81 5.56 0.41
C ASN B 277 -36.81 5.51 0.45
N ALA B 278 -36.98 4.79 -0.67
CA ALA B 278 -37.33 3.37 -0.62
C ALA B 278 -36.25 2.58 0.16
N LEU B 279 -35.00 2.88 -0.16
CA LEU B 279 -33.91 2.26 0.59
C LEU B 279 -33.84 2.60 2.02
N LYS B 280 -34.02 3.86 2.34
CA LYS B 280 -34.05 4.29 3.68
C LYS B 280 -35.10 3.57 4.51
N GLN B 281 -36.29 3.44 3.95
CA GLN B 281 -37.35 2.68 4.64
C GLN B 281 -36.97 1.22 4.89
N ALA B 282 -36.30 0.57 3.93
CA ALA B 282 -35.88 -0.81 4.10
C ALA B 282 -34.85 -0.99 5.21
N THR B 283 -34.09 0.06 5.50
CA THR B 283 -33.04 0.01 6.53
C THR B 283 -33.59 0.36 7.92
N THR B 284 -34.83 0.83 7.98
CA THR B 284 -35.41 1.25 9.25
C THR B 284 -35.77 -0.02 10.06
N ASN B 285 -35.41 0.04 11.34
CA ASN B 285 -35.53 -1.11 12.26
C ASN B 285 -34.97 -2.41 11.67
N ASN B 286 -33.76 -2.29 11.14
CA ASN B 286 -33.13 -3.39 10.42
C ASN B 286 -31.69 -3.46 10.85
N GLU B 287 -31.42 -4.44 11.74
CA GLU B 287 -30.11 -4.54 12.32
C GLU B 287 -29.08 -5.02 11.28
N SER B 288 -29.50 -5.52 10.14
CA SER B 288 -28.56 -6.04 9.14
C SER B 288 -28.20 -5.06 8.05
N PHE B 289 -29.01 -4.01 7.88
CA PHE B 289 -28.92 -3.18 6.68
C PHE B 289 -28.97 -1.76 7.11
N GLY B 290 -27.86 -1.04 6.91
CA GLY B 290 -27.69 0.34 7.33
C GLY B 290 -27.83 1.29 6.17
N TYR B 291 -27.87 2.56 6.53
CA TYR B 291 -28.04 3.68 5.57
C TYR B 291 -27.09 4.80 5.89
N THR B 292 -26.50 5.37 4.88
CA THR B 292 -25.76 6.60 5.03
C THR B 292 -26.05 7.59 3.93
N ASP B 293 -26.04 8.86 4.33
N ASP B 293 -26.05 8.87 4.29
CA ASP B 293 -25.97 9.97 3.39
CA ASP B 293 -25.96 9.94 3.29
C ASP B 293 -24.77 10.86 3.64
C ASP B 293 -24.77 10.83 3.59
N GLU B 294 -23.77 10.29 4.31
CA GLU B 294 -22.52 10.98 4.56
C GLU B 294 -21.51 10.46 3.53
N GLU B 295 -20.54 11.30 3.34
N GLU B 295 -20.60 11.33 3.16
CA GLU B 295 -19.55 11.15 2.26
CA GLU B 295 -19.64 11.03 2.10
C GLU B 295 -18.42 10.18 2.66
C GLU B 295 -18.47 10.22 2.68
N ILE B 296 -18.81 8.99 3.06
CA ILE B 296 -17.85 8.06 3.64
C ILE B 296 -16.91 7.42 2.62
N VAL B 297 -15.84 6.80 3.15
CA VAL B 297 -14.93 6.05 2.33
C VAL B 297 -14.75 4.69 2.97
N SER B 298 -13.98 3.82 2.32
CA SER B 298 -13.97 2.42 2.81
C SER B 298 -13.51 2.24 4.27
N SER B 299 -12.55 3.00 4.74
CA SER B 299 -12.07 2.77 6.09
C SER B 299 -13.18 3.05 7.15
N ASP B 300 -14.19 3.83 6.76
CA ASP B 300 -15.26 4.14 7.63
C ASP B 300 -16.22 2.96 7.85
N ILE B 301 -16.16 1.95 7.01
CA ILE B 301 -17.01 0.76 7.13
C ILE B 301 -16.29 -0.35 7.94
N ILE B 302 -15.00 -0.16 8.27
CA ILE B 302 -14.23 -1.20 9.02
C ILE B 302 -14.80 -1.31 10.41
N GLY B 303 -15.26 -2.49 10.75
CA GLY B 303 -15.84 -2.76 12.05
C GLY B 303 -17.33 -2.62 12.11
N SER B 304 -17.94 -2.33 10.95
CA SER B 304 -19.37 -2.21 10.83
C SER B 304 -20.12 -3.43 11.36
N HIS B 305 -21.26 -3.17 11.99
CA HIS B 305 -22.15 -4.28 12.44
C HIS B 305 -23.36 -4.54 11.55
N PHE B 306 -23.29 -4.09 10.32
CA PHE B 306 -24.25 -4.39 9.29
C PHE B 306 -23.65 -5.31 8.28
N GLY B 307 -24.50 -6.07 7.60
CA GLY B 307 -24.13 -6.76 6.37
C GLY B 307 -23.86 -5.88 5.19
N SER B 308 -24.49 -4.69 5.20
CA SER B 308 -24.57 -3.77 4.05
C SER B 308 -24.98 -2.42 4.54
N VAL B 309 -24.37 -1.37 4.00
CA VAL B 309 -24.77 0.00 4.29
C VAL B 309 -25.02 0.74 2.98
N PHE B 310 -26.31 0.99 2.68
CA PHE B 310 -26.65 1.70 1.47
C PHE B 310 -26.17 3.15 1.53
N ASP B 311 -25.59 3.63 0.41
CA ASP B 311 -25.01 4.94 0.38
C ASP B 311 -25.78 5.84 -0.60
N ALA B 312 -26.65 6.67 -0.08
CA ALA B 312 -27.52 7.47 -0.93
C ALA B 312 -26.75 8.50 -1.74
N THR B 313 -25.50 8.85 -1.31
CA THR B 313 -24.73 9.84 -2.06
C THR B 313 -24.27 9.33 -3.41
N GLN B 314 -24.26 8.00 -3.64
CA GLN B 314 -23.78 7.45 -4.89
C GLN B 314 -24.90 7.04 -5.87
N THR B 315 -26.13 7.28 -5.49
CA THR B 315 -27.24 6.89 -6.36
C THR B 315 -27.21 7.68 -7.66
N GLU B 316 -27.44 7.03 -8.78
CA GLU B 316 -27.36 7.70 -10.11
C GLU B 316 -28.40 7.15 -11.00
N ILE B 317 -29.22 8.03 -11.60
CA ILE B 317 -30.19 7.66 -12.56
C ILE B 317 -29.84 8.24 -13.93
N THR B 318 -29.60 7.38 -14.90
CA THR B 318 -29.26 7.74 -16.28
C THR B 318 -30.47 7.46 -17.18
N ALA B 319 -31.02 8.53 -17.78
CA ALA B 319 -32.28 8.32 -18.58
C ALA B 319 -32.14 8.96 -19.96
N VAL B 320 -32.53 8.23 -20.97
CA VAL B 320 -32.67 8.74 -22.34
C VAL B 320 -34.03 8.30 -22.82
N GLY B 321 -34.92 9.26 -23.05
CA GLY B 321 -36.28 8.91 -23.52
C GLY B 321 -36.93 8.05 -22.47
N ASP B 322 -37.46 6.88 -22.86
CA ASP B 322 -38.06 6.07 -21.81
C ASP B 322 -37.15 4.94 -21.37
N LEU B 323 -35.84 5.08 -21.60
CA LEU B 323 -34.87 4.15 -21.06
C LEU B 323 -34.24 4.72 -19.82
N GLN B 324 -33.98 3.84 -18.84
CA GLN B 324 -33.48 4.28 -17.56
C GLN B 324 -32.52 3.21 -17.01
N LEU B 325 -31.36 3.68 -16.53
CA LEU B 325 -30.40 2.80 -15.80
C LEU B 325 -30.30 3.37 -14.45
N VAL B 326 -30.35 2.50 -13.44
CA VAL B 326 -30.28 2.92 -12.07
C VAL B 326 -29.05 2.28 -11.39
N LYS B 327 -28.17 3.10 -10.88
CA LYS B 327 -26.96 2.67 -10.15
C LYS B 327 -27.17 2.95 -8.70
N THR B 328 -27.05 1.90 -7.87
CA THR B 328 -27.14 2.00 -6.42
C THR B 328 -25.93 1.28 -5.78
N VAL B 329 -25.50 1.85 -4.68
CA VAL B 329 -24.19 1.50 -4.11
C VAL B 329 -24.29 1.27 -2.63
N ALA B 330 -23.68 0.15 -2.18
CA ALA B 330 -23.69 -0.13 -0.75
C ALA B 330 -22.32 -0.60 -0.29
N TRP B 331 -21.90 -0.08 0.85
CA TRP B 331 -20.65 -0.43 1.52
C TRP B 331 -20.83 -1.70 2.33
N TYR B 332 -19.74 -2.41 2.58
CA TYR B 332 -19.76 -3.58 3.48
C TYR B 332 -18.40 -3.87 4.02
N ASP B 333 -18.32 -4.17 5.32
CA ASP B 333 -17.09 -4.75 5.81
C ASP B 333 -17.13 -6.23 5.53
N ASN B 334 -16.42 -6.62 4.48
CA ASN B 334 -16.34 -7.97 4.01
C ASN B 334 -15.84 -8.97 5.04
N GLU B 335 -15.16 -8.51 6.07
CA GLU B 335 -14.80 -9.37 7.21
C GLU B 335 -15.85 -9.24 8.34
N TYR B 336 -15.73 -8.21 9.18
CA TYR B 336 -16.57 -8.13 10.42
C TYR B 336 -18.08 -7.99 10.11
N GLY B 337 -18.44 -7.18 9.09
CA GLY B 337 -19.88 -7.00 8.79
C GLY B 337 -20.53 -8.29 8.41
N PHE B 338 -19.88 -9.01 7.47
CA PHE B 338 -20.37 -10.31 7.04
C PHE B 338 -20.41 -11.24 8.25
N VAL B 339 -19.36 -11.24 9.08
CA VAL B 339 -19.42 -12.07 10.26
C VAL B 339 -20.61 -11.69 11.18
N THR B 340 -21.00 -10.43 11.29
CA THR B 340 -22.17 -10.15 12.06
C THR B 340 -23.41 -10.85 11.54
N GLN B 341 -23.58 -10.91 10.20
CA GLN B 341 -24.67 -11.61 9.60
C GLN B 341 -24.59 -13.11 9.87
N LEU B 342 -23.39 -13.68 9.76
CA LEU B 342 -23.20 -15.10 10.07
C LEU B 342 -23.69 -15.44 11.50
N ILE B 343 -23.34 -14.57 12.44
CA ILE B 343 -23.70 -14.74 13.82
C ILE B 343 -25.21 -14.62 14.00
N ARG B 344 -25.83 -13.62 13.39
CA ARG B 344 -27.30 -13.59 13.43
C ARG B 344 -27.95 -14.87 12.96
N THR B 345 -27.45 -15.40 11.84
CA THR B 345 -28.04 -16.57 11.27
C THR B 345 -27.79 -17.76 12.20
N LEU B 346 -26.59 -17.81 12.78
CA LEU B 346 -26.20 -18.92 13.66
C LEU B 346 -27.11 -18.93 14.90
N GLU B 347 -27.38 -17.75 15.43
CA GLU B 347 -28.17 -17.67 16.66
C GLU B 347 -29.57 -18.23 16.37
N LYS B 348 -30.14 -17.83 15.26
CA LYS B 348 -31.45 -18.35 14.85
C LYS B 348 -31.44 -19.85 14.57
N PHE B 349 -30.46 -20.32 13.80
CA PHE B 349 -30.30 -21.70 13.46
C PHE B 349 -30.17 -22.57 14.70
N ALA B 350 -29.49 -22.12 15.74
CA ALA B 350 -29.30 -22.91 16.97
C ALA B 350 -30.63 -23.12 17.74
N LYS B 351 -31.56 -22.21 17.55
CA LYS B 351 -32.84 -22.31 18.24
C LYS B 351 -33.89 -23.04 17.43
N LEU B 352 -33.68 -23.42 16.19
CA LEU B 352 -34.73 -24.16 15.44
C LEU B 352 -34.80 -25.70 15.79
N ALA C 18 34.35 -21.96 -24.68
CA ALA C 18 33.45 -23.05 -24.23
C ALA C 18 33.51 -23.14 -22.71
N SER C 19 32.35 -22.99 -22.06
CA SER C 19 32.17 -23.16 -20.62
C SER C 19 31.11 -24.27 -20.31
N MET C 20 30.88 -24.59 -19.05
CA MET C 20 29.80 -25.51 -18.70
C MET C 20 28.49 -24.70 -18.75
N SER C 21 27.94 -24.61 -19.93
CA SER C 21 26.95 -23.64 -20.18
C SER C 21 25.49 -24.09 -19.96
N LYS C 22 25.14 -25.36 -19.80
CA LYS C 22 23.73 -25.71 -19.77
C LYS C 22 23.25 -25.74 -18.37
N VAL C 23 22.23 -24.96 -18.10
CA VAL C 23 21.72 -24.75 -16.75
C VAL C 23 20.27 -25.27 -16.62
N GLY C 24 19.93 -25.70 -15.39
CA GLY C 24 18.57 -25.95 -14.96
C GLY C 24 18.26 -25.09 -13.75
N ILE C 25 17.01 -24.68 -13.66
CA ILE C 25 16.48 -23.85 -12.58
C ILE C 25 15.53 -24.72 -11.79
N ASN C 26 15.81 -24.94 -10.47
CA ASN C 26 14.85 -25.57 -9.60
C ASN C 26 14.11 -24.51 -8.77
N GLY C 27 12.82 -24.32 -9.04
CA GLY C 27 12.06 -23.26 -8.36
C GLY C 27 11.96 -22.06 -9.30
N PHE C 28 10.82 -21.95 -9.97
CA PHE C 28 10.67 -20.86 -10.93
C PHE C 28 9.77 -19.78 -10.28
N GLY C 29 10.21 -19.31 -9.11
CA GLY C 29 9.54 -18.27 -8.34
C GLY C 29 10.11 -16.96 -8.69
N ARG C 30 10.03 -16.00 -7.78
CA ARG C 30 10.54 -14.65 -8.03
C ARG C 30 11.99 -14.71 -8.49
N ILE C 31 12.83 -15.43 -7.74
CA ILE C 31 14.24 -15.46 -8.07
C ILE C 31 14.48 -16.28 -9.36
N GLY C 32 13.85 -17.42 -9.49
CA GLY C 32 14.07 -18.22 -10.67
C GLY C 32 13.69 -17.54 -11.98
N ARG C 33 12.53 -16.88 -11.95
CA ARG C 33 12.07 -16.20 -13.16
C ARG C 33 13.00 -15.07 -13.50
N LEU C 34 13.50 -14.35 -12.48
CA LEU C 34 14.41 -13.24 -12.73
C LEU C 34 15.76 -13.72 -13.20
N VAL C 35 16.18 -14.91 -12.75
CA VAL C 35 17.40 -15.56 -13.30
C VAL C 35 17.36 -15.67 -14.80
N LEU C 36 16.25 -16.17 -15.29
CA LEU C 36 16.05 -16.26 -16.74
C LEU C 36 16.06 -14.90 -17.42
N ARG C 37 15.32 -13.95 -16.86
CA ARG C 37 15.26 -12.60 -17.41
C ARG C 37 16.65 -11.98 -17.53
N ARG C 38 17.46 -12.10 -16.47
CA ARG C 38 18.79 -11.51 -16.50
C ARG C 38 19.72 -12.17 -17.45
N LEU C 39 19.66 -13.49 -17.54
CA LEU C 39 20.55 -14.24 -18.52
C LEU C 39 20.23 -13.79 -19.93
N LEU C 40 18.94 -13.67 -20.23
CA LEU C 40 18.57 -13.20 -21.55
C LEU C 40 18.94 -11.73 -21.82
N GLU C 41 18.84 -10.91 -20.78
CA GLU C 41 19.17 -9.50 -20.86
C GLU C 41 20.59 -9.27 -21.19
N VAL C 42 21.47 -10.04 -20.59
CA VAL C 42 22.91 -9.94 -20.85
C VAL C 42 23.43 -10.76 -22.00
N LYS C 43 22.56 -11.46 -22.70
CA LYS C 43 22.87 -12.23 -23.84
C LYS C 43 23.90 -13.23 -23.41
N SER C 44 23.69 -13.79 -22.23
CA SER C 44 24.58 -14.82 -21.72
C SER C 44 24.76 -15.99 -22.69
N ASN C 45 25.97 -16.51 -22.62
CA ASN C 45 26.29 -17.80 -23.23
C ASN C 45 25.69 -18.98 -22.50
N ILE C 46 25.33 -18.80 -21.24
CA ILE C 46 24.60 -19.84 -20.50
C ILE C 46 23.27 -20.13 -21.19
N ASP C 47 22.91 -21.39 -21.38
CA ASP C 47 21.61 -21.78 -21.95
C ASP C 47 20.79 -22.39 -20.82
N VAL C 48 19.62 -21.84 -20.53
CA VAL C 48 18.69 -22.54 -19.62
C VAL C 48 17.93 -23.59 -20.42
N VAL C 49 18.14 -24.85 -20.08
CA VAL C 49 17.54 -25.93 -20.80
C VAL C 49 16.41 -26.63 -20.04
N ALA C 50 16.29 -26.37 -18.74
CA ALA C 50 15.21 -27.04 -17.99
C ALA C 50 14.88 -26.33 -16.70
N ILE C 51 13.60 -26.38 -16.38
CA ILE C 51 13.03 -25.81 -15.12
C ILE C 51 12.29 -26.91 -14.42
N ASN C 52 12.40 -26.95 -13.08
CA ASN C 52 11.54 -27.82 -12.26
C ASN C 52 10.75 -27.00 -11.29
N ASP C 53 9.44 -27.21 -11.30
CA ASP C 53 8.54 -26.49 -10.48
C ASP C 53 7.33 -27.40 -10.47
N LEU C 54 6.54 -27.14 -9.43
CA LEU C 54 5.30 -27.80 -9.05
C LEU C 54 4.08 -27.41 -9.92
N THR C 55 4.21 -26.47 -10.80
CA THR C 55 3.03 -25.88 -11.45
C THR C 55 3.05 -26.10 -12.92
N SER C 56 1.94 -25.95 -13.57
CA SER C 56 1.85 -26.16 -14.99
C SER C 56 2.68 -25.13 -15.79
N PRO C 57 3.06 -25.53 -16.98
CA PRO C 57 3.70 -24.58 -17.90
C PRO C 57 2.82 -23.40 -18.23
N LYS C 58 1.52 -23.62 -18.33
CA LYS C 58 0.57 -22.48 -18.55
C LYS C 58 0.74 -21.39 -17.51
N ILE C 59 0.78 -21.80 -16.26
CA ILE C 59 0.86 -20.86 -15.17
C ILE C 59 2.25 -20.20 -15.12
N LEU C 60 3.30 -21.02 -15.32
CA LEU C 60 4.65 -20.49 -15.33
C LEU C 60 4.84 -19.50 -16.46
N ALA C 61 4.22 -19.78 -17.60
CA ALA C 61 4.30 -18.85 -18.78
C ALA C 61 3.57 -17.52 -18.46
N TYR C 62 2.44 -17.62 -17.77
CA TYR C 62 1.67 -16.42 -17.41
C TYR C 62 2.50 -15.54 -16.46
N LEU C 63 3.11 -16.20 -15.46
CA LEU C 63 3.95 -15.50 -14.52
C LEU C 63 5.23 -14.93 -15.11
N LEU C 64 5.81 -15.62 -16.07
CA LEU C 64 6.99 -15.09 -16.69
C LEU C 64 6.69 -13.89 -17.58
N LYS C 65 5.61 -13.97 -18.30
CA LYS C 65 5.19 -12.86 -19.21
C LYS C 65 4.79 -11.59 -18.49
N HIS C 66 4.16 -11.72 -17.31
CA HIS C 66 3.49 -10.61 -16.64
C HIS C 66 4.08 -10.50 -15.23
N ASP C 67 4.78 -9.42 -14.94
CA ASP C 67 5.49 -9.28 -13.66
C ASP C 67 5.07 -7.97 -12.98
N SER C 68 4.55 -8.07 -11.75
CA SER C 68 4.12 -6.88 -11.02
C SER C 68 5.24 -5.97 -10.67
N ASN C 69 6.48 -6.44 -10.59
CA ASN C 69 7.55 -5.54 -10.20
C ASN C 69 8.35 -4.99 -11.37
N TYR C 70 8.49 -5.80 -12.41
CA TYR C 70 9.39 -5.46 -13.53
C TYR C 70 8.71 -5.31 -14.87
N GLY C 71 7.42 -5.54 -14.95
CA GLY C 71 6.67 -5.34 -16.18
C GLY C 71 6.78 -6.46 -17.15
N PRO C 72 6.27 -6.26 -18.36
CA PRO C 72 6.20 -7.25 -19.40
C PRO C 72 7.58 -7.86 -19.66
N PHE C 73 7.58 -9.16 -19.86
CA PHE C 73 8.81 -9.86 -20.19
C PHE C 73 9.31 -9.31 -21.55
N PRO C 74 10.59 -9.05 -21.66
CA PRO C 74 11.14 -8.47 -22.91
C PRO C 74 11.26 -9.37 -24.11
N TRP C 75 10.79 -10.63 -24.01
CA TRP C 75 10.92 -11.66 -25.05
C TRP C 75 9.59 -12.38 -25.13
N SER C 76 9.30 -13.00 -26.25
CA SER C 76 8.13 -13.81 -26.40
C SER C 76 8.15 -15.01 -25.44
N VAL C 77 6.94 -15.35 -24.95
CA VAL C 77 6.72 -16.46 -24.08
C VAL C 77 5.52 -17.27 -24.55
N ASP C 78 5.69 -18.54 -24.71
CA ASP C 78 4.63 -19.51 -24.96
C ASP C 78 4.88 -20.79 -24.18
N PHE C 79 3.95 -21.75 -24.23
CA PHE C 79 4.11 -22.97 -23.52
C PHE C 79 3.45 -24.09 -24.27
N THR C 80 3.90 -25.29 -23.96
CA THR C 80 3.25 -26.53 -24.30
C THR C 80 2.97 -27.30 -23.05
N GLU C 81 2.43 -28.55 -23.14
CA GLU C 81 2.21 -29.33 -21.95
C GLU C 81 3.37 -29.66 -21.12
N ASP C 82 4.60 -29.61 -21.68
CA ASP C 82 5.76 -29.94 -20.90
C ASP C 82 6.93 -29.01 -21.14
N SER C 83 6.67 -27.77 -21.60
CA SER C 83 7.74 -26.84 -21.90
C SER C 83 7.29 -25.40 -21.84
N LEU C 84 8.28 -24.52 -21.75
CA LEU C 84 8.13 -23.11 -22.09
C LEU C 84 8.86 -22.90 -23.42
N ILE C 85 8.37 -21.98 -24.22
CA ILE C 85 9.07 -21.54 -25.42
C ILE C 85 9.36 -20.07 -25.26
N VAL C 86 10.63 -19.68 -25.05
CA VAL C 86 11.00 -18.31 -24.72
C VAL C 86 11.91 -17.75 -25.78
N ASP C 87 11.46 -16.69 -26.46
CA ASP C 87 12.17 -16.15 -27.63
C ASP C 87 12.40 -17.23 -28.67
N GLY C 88 11.47 -18.17 -28.82
CA GLY C 88 11.65 -19.22 -29.85
C GLY C 88 12.51 -20.39 -29.38
N LYS C 89 12.96 -20.44 -28.11
CA LYS C 89 13.84 -21.53 -27.58
C LYS C 89 13.07 -22.32 -26.53
N SER C 90 13.06 -23.64 -26.65
N SER C 90 13.09 -23.64 -26.62
CA SER C 90 12.30 -24.49 -25.73
CA SER C 90 12.31 -24.46 -25.70
C SER C 90 13.10 -24.65 -24.43
C SER C 90 13.10 -24.75 -24.42
N ILE C 91 12.38 -24.72 -23.32
CA ILE C 91 12.88 -25.04 -21.98
C ILE C 91 11.97 -26.10 -21.40
N ALA C 92 12.49 -27.30 -21.07
CA ALA C 92 11.66 -28.37 -20.55
C ALA C 92 11.16 -27.96 -19.14
N VAL C 93 9.93 -28.31 -18.84
CA VAL C 93 9.32 -28.10 -17.50
C VAL C 93 8.99 -29.43 -16.86
N TYR C 94 9.59 -29.63 -15.70
CA TYR C 94 9.45 -30.86 -14.84
C TYR C 94 8.71 -30.41 -13.56
N ALA C 95 8.02 -31.40 -12.94
CA ALA C 95 7.18 -31.09 -11.78
C ALA C 95 7.49 -32.11 -10.71
N GLU C 96 8.72 -32.15 -10.30
CA GLU C 96 9.17 -33.18 -9.33
C GLU C 96 9.33 -32.55 -7.97
N LYS C 97 8.59 -33.02 -6.94
CA LYS C 97 8.67 -32.38 -5.61
C LYS C 97 10.01 -32.71 -4.95
N GLU C 98 10.56 -33.85 -5.31
CA GLU C 98 11.90 -34.28 -4.85
C GLU C 98 13.00 -34.15 -5.89
N ALA C 99 14.07 -33.44 -5.52
CA ALA C 99 15.10 -33.08 -6.51
C ALA C 99 15.81 -34.30 -7.05
N LYS C 100 15.92 -35.39 -6.23
CA LYS C 100 16.61 -36.59 -6.76
C LYS C 100 15.95 -37.20 -8.02
N ASN C 101 14.69 -36.93 -8.22
CA ASN C 101 13.89 -37.44 -9.33
C ASN C 101 13.82 -36.50 -10.54
N ILE C 102 14.53 -35.36 -10.46
CA ILE C 102 14.48 -34.43 -11.60
C ILE C 102 15.31 -35.05 -12.67
N PRO C 103 14.72 -35.20 -13.89
CA PRO C 103 15.58 -35.81 -14.93
C PRO C 103 16.49 -34.79 -15.65
N TRP C 104 17.49 -34.30 -14.92
CA TRP C 104 18.37 -33.26 -15.44
C TRP C 104 19.20 -33.79 -16.62
N LYS C 105 19.49 -35.11 -16.66
CA LYS C 105 20.23 -35.61 -17.80
C LYS C 105 19.52 -35.56 -19.18
N ALA C 106 18.20 -35.53 -19.19
CA ALA C 106 17.38 -35.54 -20.45
C ALA C 106 17.81 -34.44 -21.38
N LYS C 107 17.92 -33.22 -20.84
CA LYS C 107 18.37 -32.04 -21.63
C LYS C 107 19.77 -31.61 -21.37
N GLY C 108 20.47 -32.38 -20.50
CA GLY C 108 21.84 -32.08 -20.18
C GLY C 108 22.12 -30.90 -19.28
N ALA C 109 21.23 -30.64 -18.32
CA ALA C 109 21.42 -29.59 -17.38
C ALA C 109 22.57 -29.97 -16.46
N GLU C 110 23.61 -29.14 -16.45
CA GLU C 110 24.86 -29.37 -15.76
C GLU C 110 24.97 -28.59 -14.47
N ILE C 111 24.57 -27.31 -14.49
CA ILE C 111 24.62 -26.50 -13.30
C ILE C 111 23.19 -26.17 -12.93
N ILE C 112 22.86 -26.38 -11.67
CA ILE C 112 21.52 -26.16 -11.22
C ILE C 112 21.49 -24.87 -10.40
N VAL C 113 20.59 -23.96 -10.75
CA VAL C 113 20.37 -22.75 -9.96
C VAL C 113 19.25 -23.16 -9.02
N GLU C 114 19.58 -23.33 -7.74
CA GLU C 114 18.62 -23.87 -6.79
C GLU C 114 17.93 -22.70 -6.00
N CYS C 115 16.67 -22.45 -6.34
CA CYS C 115 15.87 -21.24 -5.99
C CYS C 115 14.57 -21.56 -5.23
N THR C 116 14.46 -22.75 -4.65
CA THR C 116 13.18 -23.19 -3.98
C THR C 116 13.15 -22.89 -2.50
N GLY C 117 14.31 -22.67 -1.90
CA GLY C 117 14.40 -22.62 -0.43
C GLY C 117 14.40 -23.91 0.32
N PHE C 118 14.21 -25.03 -0.36
CA PHE C 118 14.09 -26.34 0.29
C PHE C 118 15.35 -27.16 0.28
N TYR C 119 16.46 -26.68 -0.29
CA TYR C 119 17.62 -27.47 -0.45
C TYR C 119 18.88 -26.71 0.03
N THR C 120 18.72 -25.97 1.12
CA THR C 120 19.77 -25.00 1.51
C THR C 120 20.83 -25.63 2.41
N SER C 121 21.40 -26.70 1.93
CA SER C 121 22.57 -27.27 2.53
C SER C 121 23.22 -28.15 1.52
N ALA C 122 24.49 -28.49 1.80
CA ALA C 122 25.28 -29.34 0.93
C ALA C 122 24.60 -30.71 0.84
N GLU C 123 24.21 -31.23 2.02
CA GLU C 123 23.53 -32.51 2.06
C GLU C 123 22.22 -32.55 1.26
N LYS C 124 21.39 -31.50 1.30
CA LYS C 124 20.17 -31.49 0.56
C LYS C 124 20.41 -31.28 -0.93
N SER C 125 21.31 -30.36 -1.26
CA SER C 125 21.50 -30.03 -2.71
C SER C 125 22.31 -31.12 -3.40
N GLN C 126 22.95 -32.02 -2.64
CA GLN C 126 23.51 -33.21 -3.20
C GLN C 126 22.52 -33.99 -4.10
N ALA C 127 21.23 -33.91 -3.82
CA ALA C 127 20.19 -34.59 -4.60
C ALA C 127 20.31 -34.27 -6.12
N HIS C 128 20.65 -33.00 -6.43
CA HIS C 128 20.76 -32.58 -7.82
C HIS C 128 21.92 -33.29 -8.51
N LEU C 129 23.01 -33.48 -7.77
CA LEU C 129 24.20 -34.17 -8.28
C LEU C 129 23.89 -35.68 -8.44
N ASP C 130 23.18 -36.28 -7.47
CA ASP C 130 22.66 -37.68 -7.63
C ASP C 130 21.72 -37.79 -8.87
N ALA C 131 20.95 -36.76 -9.16
CA ALA C 131 20.06 -36.76 -10.33
C ALA C 131 20.78 -36.46 -11.68
N GLY C 132 22.09 -36.23 -11.66
CA GLY C 132 22.93 -36.09 -12.87
C GLY C 132 23.53 -34.75 -13.18
N ALA C 133 23.23 -33.71 -12.39
CA ALA C 133 23.95 -32.45 -12.53
C ALA C 133 25.34 -32.52 -12.00
N LYS C 134 26.21 -31.60 -12.37
CA LYS C 134 27.58 -31.53 -11.95
C LYS C 134 27.82 -30.53 -10.85
N LYS C 135 27.08 -29.41 -10.89
CA LYS C 135 27.24 -28.36 -9.90
C LYS C 135 25.87 -27.76 -9.51
N VAL C 136 25.84 -27.17 -8.32
CA VAL C 136 24.64 -26.47 -7.78
C VAL C 136 25.01 -25.11 -7.22
N LEU C 137 24.25 -24.05 -7.60
CA LEU C 137 24.47 -22.75 -7.06
C LEU C 137 23.17 -22.43 -6.32
N ILE C 138 23.27 -22.25 -5.01
CA ILE C 138 22.04 -22.06 -4.18
C ILE C 138 21.83 -20.55 -3.98
N SER C 139 20.59 -20.08 -4.24
CA SER C 139 20.23 -18.67 -4.18
C SER C 139 19.93 -18.17 -2.75
N ALA C 140 20.55 -18.79 -1.74
CA ALA C 140 20.26 -18.42 -0.37
C ALA C 140 21.47 -18.90 0.50
N PRO C 141 21.55 -18.42 1.73
CA PRO C 141 22.51 -19.01 2.64
C PRO C 141 22.26 -20.49 2.78
N ALA C 142 23.34 -21.28 2.93
CA ALA C 142 23.21 -22.75 2.94
C ALA C 142 24.24 -23.43 3.87
N GLY C 143 24.38 -22.82 5.06
CA GLY C 143 25.32 -23.31 6.07
C GLY C 143 26.79 -23.15 5.71
N GLU C 144 27.61 -24.10 6.18
CA GLU C 144 29.06 -23.97 6.11
C GLU C 144 29.54 -24.48 4.78
N MET C 145 29.39 -23.67 3.75
CA MET C 145 29.81 -24.00 2.36
C MET C 145 30.35 -22.71 1.86
N LYS C 146 31.09 -22.77 0.76
CA LYS C 146 31.60 -21.57 0.14
C LYS C 146 30.39 -20.65 -0.21
N THR C 147 30.50 -19.40 0.19
CA THR C 147 29.32 -18.49 0.17
C THR C 147 29.89 -17.24 -0.46
N ILE C 148 29.41 -16.88 -1.66
CA ILE C 148 30.01 -15.93 -2.48
C ILE C 148 29.19 -14.64 -2.67
N VAL C 149 29.82 -13.51 -2.36
CA VAL C 149 29.33 -12.20 -2.82
C VAL C 149 30.25 -11.79 -3.92
N TYR C 150 29.73 -11.74 -5.13
CA TYR C 150 30.55 -11.38 -6.28
C TYR C 150 31.22 -10.03 -6.09
N ASN C 151 32.53 -9.98 -6.39
CA ASN C 151 33.35 -8.78 -6.25
C ASN C 151 33.68 -8.45 -4.80
N VAL C 152 33.37 -9.38 -3.93
CA VAL C 152 33.97 -9.42 -2.57
C VAL C 152 34.87 -10.60 -2.40
N ASN C 153 34.38 -11.80 -2.61
CA ASN C 153 35.20 -13.02 -2.33
C ASN C 153 35.02 -14.08 -3.43
N ASP C 154 34.60 -13.69 -4.62
CA ASP C 154 34.44 -14.69 -5.71
C ASP C 154 35.79 -15.33 -6.11
N ASP C 155 36.90 -14.71 -5.73
CA ASP C 155 38.20 -15.37 -6.01
C ASP C 155 38.49 -16.58 -5.15
N THR C 156 37.65 -16.86 -4.19
CA THR C 156 37.74 -18.10 -3.42
C THR C 156 37.19 -19.30 -4.12
N LEU C 157 36.50 -19.12 -5.25
CA LEU C 157 36.01 -20.24 -6.00
C LEU C 157 37.14 -20.86 -6.84
N ASP C 158 37.00 -22.14 -7.06
CA ASP C 158 37.93 -22.90 -7.91
C ASP C 158 37.22 -24.07 -8.59
N GLY C 159 37.97 -24.79 -9.41
CA GLY C 159 37.38 -25.84 -10.26
C GLY C 159 36.88 -27.07 -9.56
N ASN C 160 37.22 -27.24 -8.28
CA ASN C 160 36.76 -28.36 -7.48
C ASN C 160 35.47 -28.13 -6.76
N ASP C 161 35.00 -26.86 -6.70
CA ASP C 161 33.71 -26.57 -6.02
C ASP C 161 32.58 -27.12 -6.84
N THR C 162 31.66 -27.82 -6.17
CA THR C 162 30.47 -28.36 -6.79
C THR C 162 29.14 -27.82 -6.21
N ILE C 163 29.13 -27.41 -4.95
CA ILE C 163 27.88 -26.83 -4.35
C ILE C 163 28.31 -25.58 -3.62
N VAL C 164 27.77 -24.44 -4.05
CA VAL C 164 28.09 -23.15 -3.49
C VAL C 164 26.86 -22.29 -3.31
N SER C 165 26.99 -21.32 -2.45
CA SER C 165 25.89 -20.40 -2.10
C SER C 165 26.26 -19.01 -2.54
N VAL C 166 25.23 -18.19 -2.95
CA VAL C 166 25.43 -16.77 -3.10
C VAL C 166 24.87 -15.92 -1.96
N ALA C 167 24.80 -16.51 -0.76
CA ALA C 167 24.25 -15.84 0.38
C ALA C 167 22.84 -15.32 0.10
N SER C 168 22.47 -14.21 0.72
CA SER C 168 21.19 -13.62 0.52
C SER C 168 21.31 -12.25 -0.08
N CYS C 169 20.18 -11.67 -0.45
CA CYS C 169 20.20 -10.28 -0.88
C CYS C 169 20.86 -9.34 0.06
N THR C 170 20.48 -9.45 1.35
CA THR C 170 21.05 -8.52 2.32
C THR C 170 22.56 -8.72 2.48
N THR C 171 23.00 -9.96 2.39
CA THR C 171 24.47 -10.19 2.44
C THR C 171 25.19 -9.53 1.29
N ASN C 172 24.57 -9.59 0.12
CA ASN C 172 25.13 -8.95 -1.06
C ASN C 172 25.14 -7.43 -0.92
N CYS C 173 24.17 -6.87 -0.20
CA CYS C 173 24.16 -5.45 0.07
C CYS C 173 25.23 -5.07 1.11
N LEU C 174 25.26 -5.80 2.23
CA LEU C 174 26.15 -5.49 3.35
C LEU C 174 27.65 -5.70 3.01
N ALA C 175 27.95 -6.81 2.39
CA ALA C 175 29.34 -7.24 2.24
C ALA C 175 30.23 -6.26 1.55
N PRO C 176 29.80 -5.65 0.43
CA PRO C 176 30.75 -4.75 -0.18
C PRO C 176 31.03 -3.51 0.64
N MET C 177 30.00 -3.04 1.34
CA MET C 177 30.14 -1.87 2.20
C MET C 177 31.06 -2.22 3.38
N ALA C 178 30.79 -3.39 4.00
CA ALA C 178 31.68 -3.85 5.13
C ALA C 178 33.11 -4.12 4.68
N LYS C 179 33.26 -4.69 3.49
CA LYS C 179 34.62 -4.99 2.96
C LYS C 179 35.36 -3.63 2.82
N ALA C 180 34.73 -2.62 2.20
CA ALA C 180 35.37 -1.34 2.04
C ALA C 180 35.78 -0.71 3.34
N LEU C 181 34.88 -0.72 4.36
CA LEU C 181 35.19 -0.08 5.61
C LEU C 181 36.31 -0.86 6.31
N HIS C 182 36.20 -2.18 6.30
CA HIS C 182 37.20 -3.03 6.93
C HIS C 182 38.59 -2.82 6.29
N ASP C 183 38.64 -2.75 4.97
CA ASP C 183 39.92 -2.57 4.28
C ASP C 183 40.52 -1.19 4.56
N SER C 184 39.70 -0.15 4.64
CA SER C 184 40.18 1.23 4.75
C SER C 184 40.44 1.62 6.19
N PHE C 185 39.57 1.16 7.11
CA PHE C 185 39.58 1.65 8.50
C PHE C 185 39.64 0.59 9.61
N GLY C 186 39.31 -0.62 9.28
CA GLY C 186 39.02 -1.64 10.21
C GLY C 186 37.61 -1.49 10.82
N ILE C 187 36.92 -2.61 10.95
CA ILE C 187 35.70 -2.70 11.76
C ILE C 187 36.01 -3.45 13.03
N GLU C 188 35.78 -2.84 14.15
CA GLU C 188 35.97 -3.47 15.47
C GLU C 188 34.73 -4.22 15.87
N VAL C 189 33.55 -3.65 15.59
CA VAL C 189 32.25 -4.29 15.91
C VAL C 189 31.18 -3.49 15.12
N GLY C 190 30.08 -4.14 14.80
CA GLY C 190 29.02 -3.43 14.10
C GLY C 190 27.71 -4.15 14.20
N THR C 191 26.64 -3.38 13.95
CA THR C 191 25.29 -3.98 13.92
C THR C 191 24.51 -3.36 12.77
N MET C 192 23.74 -4.18 12.09
CA MET C 192 23.01 -3.73 10.90
C MET C 192 21.51 -3.84 11.07
N THR C 193 20.78 -2.94 10.44
CA THR C 193 19.31 -3.13 10.29
C THR C 193 19.01 -2.88 8.83
N THR C 194 18.31 -3.81 8.22
CA THR C 194 17.77 -3.62 6.90
C THR C 194 16.27 -3.31 6.95
N ILE C 195 15.93 -2.24 6.28
CA ILE C 195 14.52 -1.82 6.12
C ILE C 195 14.19 -2.44 4.75
N HIS C 196 13.39 -3.49 4.75
CA HIS C 196 13.41 -4.49 3.67
C HIS C 196 12.02 -4.69 3.11
N ALA C 197 11.95 -4.74 1.78
CA ALA C 197 10.69 -5.01 1.08
C ALA C 197 10.11 -6.35 1.56
N TYR C 198 8.78 -6.45 1.57
CA TYR C 198 8.19 -7.73 1.92
C TYR C 198 8.47 -8.78 0.86
N THR C 199 8.49 -10.03 1.26
CA THR C 199 8.75 -11.16 0.36
C THR C 199 7.70 -12.31 0.58
N GLY C 200 7.79 -13.29 -0.28
CA GLY C 200 6.93 -14.47 -0.34
C GLY C 200 6.94 -15.39 0.88
N THR C 201 7.92 -15.19 1.74
CA THR C 201 7.93 -15.92 3.00
C THR C 201 6.93 -15.38 4.01
N GLN C 202 6.40 -14.20 3.73
CA GLN C 202 5.52 -13.51 4.67
C GLN C 202 4.05 -13.83 4.29
N SER C 203 3.13 -13.15 4.93
CA SER C 203 1.68 -13.43 4.78
C SER C 203 0.93 -12.25 4.21
N LEU C 204 -0.04 -12.55 3.36
CA LEU C 204 -0.94 -11.50 2.83
C LEU C 204 -1.93 -10.99 3.84
N VAL C 205 -2.62 -11.93 4.48
CA VAL C 205 -3.54 -11.59 5.59
C VAL C 205 -2.99 -12.24 6.84
N ASP C 206 -3.42 -11.77 8.03
CA ASP C 206 -2.98 -12.44 9.24
C ASP C 206 -3.36 -13.91 9.21
N GLY C 207 -2.38 -14.80 9.28
CA GLY C 207 -2.69 -16.23 9.29
C GLY C 207 -1.44 -17.02 9.48
N PRO C 208 -1.56 -18.29 9.82
CA PRO C 208 -0.35 -19.07 10.17
C PRO C 208 0.68 -19.04 9.05
N ARG C 209 1.94 -18.93 9.41
CA ARG C 209 3.04 -18.95 8.44
C ARG C 209 4.25 -19.65 9.08
N GLY C 210 4.10 -20.93 9.13
CA GLY C 210 5.12 -21.79 9.78
C GLY C 210 5.15 -21.52 11.26
N LYS C 211 6.37 -21.53 11.81
CA LYS C 211 6.54 -21.30 13.26
C LYS C 211 6.78 -19.86 13.68
N ASP C 212 7.12 -18.96 12.77
CA ASP C 212 7.52 -17.62 13.19
C ASP C 212 6.25 -16.76 13.37
N LEU C 213 6.07 -16.24 14.56
CA LEU C 213 4.83 -15.48 14.85
C LEU C 213 4.75 -14.23 14.05
N ARG C 214 5.83 -13.48 13.95
CA ARG C 214 5.71 -12.25 13.17
C ARG C 214 5.47 -12.46 11.68
N ALA C 215 5.96 -13.58 11.12
CA ALA C 215 5.75 -13.90 9.71
C ALA C 215 4.28 -14.10 9.36
N SER C 216 3.47 -14.34 10.37
CA SER C 216 2.04 -14.61 10.20
C SER C 216 1.26 -13.31 9.89
N ARG C 217 1.88 -12.14 10.01
CA ARG C 217 1.13 -10.91 10.02
C ARG C 217 1.12 -10.28 8.64
N ALA C 218 0.00 -9.59 8.36
CA ALA C 218 -0.22 -9.00 7.02
C ALA C 218 0.93 -8.12 6.62
N ALA C 219 1.63 -8.51 5.60
CA ALA C 219 2.91 -7.88 5.28
C ALA C 219 2.79 -6.50 4.64
N ALA C 220 1.72 -6.22 3.92
CA ALA C 220 1.60 -4.92 3.31
C ALA C 220 0.89 -3.91 4.23
N GLU C 221 0.61 -4.25 5.46
CA GLU C 221 -0.08 -3.38 6.39
C GLU C 221 0.74 -3.18 7.68
N ASN C 222 1.99 -3.68 7.73
CA ASN C 222 2.73 -3.64 8.94
C ASN C 222 4.22 -3.47 8.74
N ILE C 223 4.86 -2.86 9.73
CA ILE C 223 6.30 -2.99 9.96
C ILE C 223 6.54 -4.21 10.81
N ILE C 224 7.33 -5.16 10.30
CA ILE C 224 7.44 -6.49 10.87
C ILE C 224 8.89 -6.87 11.14
N PRO C 225 9.32 -6.90 12.41
CA PRO C 225 10.71 -7.34 12.66
C PRO C 225 10.95 -8.75 12.18
N HIS C 226 12.16 -8.98 11.66
CA HIS C 226 12.42 -10.27 11.03
C HIS C 226 13.91 -10.59 11.09
N THR C 227 14.27 -11.86 11.13
CA THR C 227 15.67 -12.22 11.05
C THR C 227 16.22 -11.97 9.66
N THR C 228 17.54 -12.04 9.72
N THR C 228 17.55 -11.77 9.51
CA THR C 228 18.34 -12.30 8.61
CA THR C 228 18.16 -11.55 8.12
C THR C 228 19.69 -12.75 9.23
C THR C 228 19.28 -12.60 7.88
N GLY C 229 20.30 -13.78 8.69
N GLY C 229 19.39 -13.10 6.65
CA GLY C 229 21.58 -14.21 9.22
CA GLY C 229 20.37 -14.12 6.28
C GLY C 229 22.67 -13.36 8.56
C GLY C 229 21.81 -13.53 6.41
N ALA C 230 22.31 -12.31 7.83
N ALA C 230 21.95 -12.19 6.37
CA ALA C 230 23.30 -11.66 6.96
CA ALA C 230 23.28 -11.53 6.46
C ALA C 230 24.54 -11.12 7.67
C ALA C 230 23.92 -11.83 7.79
N ALA C 231 24.37 -10.49 8.82
N ALA C 231 23.10 -11.97 8.82
CA ALA C 231 25.52 -10.02 9.58
CA ALA C 231 23.65 -12.16 10.15
C ALA C 231 26.23 -11.17 10.31
C ALA C 231 24.49 -13.48 10.33
N LYS C 232 25.46 -12.05 10.92
N LYS C 232 24.08 -14.62 9.77
CA LYS C 232 26.03 -13.12 11.73
CA LYS C 232 24.97 -15.81 9.71
C LYS C 232 26.94 -14.00 10.87
C LYS C 232 25.88 -15.85 8.47
N ALA C 233 26.51 -14.39 9.69
N ALA C 233 25.48 -15.25 7.37
CA ALA C 233 27.36 -15.24 8.84
CA ALA C 233 26.25 -15.40 6.11
C ALA C 233 28.32 -14.49 7.92
C ALA C 233 27.47 -14.49 6.01
N ILE C 234 28.54 -13.19 8.17
N ILE C 234 27.43 -13.32 6.63
CA ILE C 234 29.09 -12.28 7.14
CA ILE C 234 28.62 -12.42 6.61
C ILE C 234 30.33 -12.94 7.05
C ILE C 234 30.12 -12.88 7.03
N GLY C 235 30.50 -13.61 8.16
CA GLY C 235 31.73 -14.19 8.37
C GLY C 235 32.19 -15.27 7.44
N LEU C 236 31.29 -15.87 6.63
CA LEU C 236 31.73 -16.75 5.50
C LEU C 236 32.26 -15.95 4.35
N VAL C 237 31.76 -14.75 4.17
CA VAL C 237 32.09 -13.93 3.00
C VAL C 237 33.33 -13.12 3.30
N ILE C 238 33.42 -12.57 4.52
CA ILE C 238 34.57 -11.77 4.94
C ILE C 238 35.05 -12.38 6.28
N PRO C 239 35.97 -13.35 6.22
CA PRO C 239 36.22 -14.13 7.44
C PRO C 239 36.83 -13.32 8.59
N GLU C 240 37.48 -12.22 8.28
CA GLU C 240 38.09 -11.37 9.31
C GLU C 240 37.00 -10.73 10.15
N LEU C 241 35.73 -10.71 9.64
CA LEU C 241 34.66 -10.08 10.34
C LEU C 241 33.78 -11.05 11.11
N SER C 242 34.18 -12.35 11.18
CA SER C 242 33.23 -13.26 11.79
C SER C 242 33.17 -12.95 13.27
N GLY C 243 31.96 -13.08 13.77
CA GLY C 243 31.71 -12.72 15.15
C GLY C 243 31.63 -11.23 15.46
N LYS C 244 31.86 -10.34 14.50
CA LYS C 244 31.94 -8.93 14.81
C LYS C 244 30.71 -8.17 14.41
N LEU C 245 29.82 -8.80 13.67
CA LEU C 245 28.57 -8.11 13.25
C LEU C 245 27.34 -8.92 13.63
N LYS C 246 26.28 -8.19 13.97
CA LYS C 246 24.96 -8.77 14.17
C LYS C 246 23.95 -7.92 13.42
N GLY C 247 22.73 -8.36 13.36
CA GLY C 247 21.71 -7.49 12.75
C GLY C 247 20.37 -8.17 12.55
N HIS C 248 19.45 -7.40 12.00
CA HIS C 248 18.15 -7.91 11.76
C HIS C 248 17.48 -7.09 10.68
N ALA C 249 16.23 -7.44 10.38
CA ALA C 249 15.45 -6.66 9.40
C ALA C 249 14.16 -6.08 10.01
N GLN C 250 13.62 -5.05 9.38
CA GLN C 250 12.25 -4.59 9.55
C GLN C 250 11.61 -4.71 8.17
N ARG C 251 10.73 -5.68 8.00
CA ARG C 251 10.01 -5.90 6.74
C ARG C 251 8.90 -4.86 6.68
N VAL C 252 8.82 -4.15 5.53
CA VAL C 252 7.89 -3.01 5.43
C VAL C 252 7.08 -3.09 4.10
N PRO C 253 6.00 -2.33 3.99
CA PRO C 253 5.17 -2.45 2.76
C PRO C 253 5.64 -1.76 1.52
N VAL C 254 6.77 -2.19 0.99
CA VAL C 254 7.16 -1.89 -0.40
C VAL C 254 7.38 -3.27 -1.08
N LYS C 255 7.13 -3.27 -2.36
CA LYS C 255 7.07 -4.50 -3.15
C LYS C 255 8.46 -5.07 -3.46
N THR C 256 9.42 -4.21 -3.68
CA THR C 256 10.83 -4.62 -3.82
C THR C 256 11.63 -3.34 -3.67
N GLY C 257 12.91 -3.50 -3.33
CA GLY C 257 13.73 -2.35 -2.97
C GLY C 257 13.89 -2.23 -1.47
N SER C 258 15.15 -2.24 -1.00
CA SER C 258 15.47 -2.32 0.45
C SER C 258 16.70 -1.45 0.69
N VAL C 259 16.99 -1.23 1.95
CA VAL C 259 18.11 -0.41 2.38
C VAL C 259 18.70 -0.96 3.65
N THR C 260 20.03 -1.07 3.68
CA THR C 260 20.75 -1.63 4.84
C THR C 260 21.52 -0.54 5.54
N GLU C 261 21.26 -0.33 6.82
CA GLU C 261 22.06 0.58 7.65
C GLU C 261 23.07 -0.25 8.48
N LEU C 262 24.31 0.18 8.53
CA LEU C 262 25.33 -0.49 9.38
C LEU C 262 25.84 0.57 10.34
N VAL C 263 25.77 0.29 11.63
CA VAL C 263 26.43 1.14 12.63
C VAL C 263 27.69 0.42 13.11
N SER C 264 28.86 1.03 12.91
CA SER C 264 30.14 0.38 13.23
C SER C 264 30.95 1.20 14.22
N ILE C 265 31.82 0.54 14.95
CA ILE C 265 33.00 1.20 15.52
C ILE C 265 34.15 0.79 14.65
N LEU C 266 34.87 1.76 14.13
CA LEU C 266 35.95 1.52 13.23
C LEU C 266 37.31 1.56 13.98
N GLY C 267 38.35 1.19 13.26
CA GLY C 267 39.69 1.07 13.84
C GLY C 267 40.41 2.36 13.84
N LYS C 268 39.85 3.39 13.25
CA LYS C 268 40.41 4.70 13.33
C LYS C 268 39.38 5.75 13.29
N LYS C 269 39.76 6.94 13.74
CA LYS C 269 38.85 8.06 13.68
C LYS C 269 38.75 8.62 12.24
N VAL C 270 37.53 9.00 11.85
CA VAL C 270 37.22 9.38 10.45
C VAL C 270 36.33 10.56 10.36
N THR C 271 36.27 11.21 9.19
CA THR C 271 35.24 12.19 8.91
C THR C 271 34.26 11.53 7.90
N ALA C 272 33.06 12.06 7.76
CA ALA C 272 32.10 11.63 6.78
C ALA C 272 32.70 11.66 5.38
N GLU C 273 33.44 12.73 5.06
CA GLU C 273 34.08 12.82 3.76
C GLU C 273 35.08 11.74 3.52
N GLU C 274 35.89 11.43 4.50
CA GLU C 274 36.82 10.35 4.30
C GLU C 274 36.12 9.00 4.06
N VAL C 275 35.07 8.76 4.83
CA VAL C 275 34.25 7.53 4.66
C VAL C 275 33.66 7.47 3.24
N ASN C 276 33.06 8.58 2.80
CA ASN C 276 32.45 8.60 1.49
C ASN C 276 33.45 8.39 0.40
N ASN C 277 34.62 9.00 0.54
CA ASN C 277 35.66 8.84 -0.45
C ASN C 277 36.18 7.46 -0.53
N ALA C 278 36.37 6.81 0.61
CA ALA C 278 36.80 5.42 0.59
C ALA C 278 35.81 4.48 -0.12
N LEU C 279 34.51 4.66 0.19
CA LEU C 279 33.46 3.85 -0.44
C LEU C 279 33.43 4.19 -1.93
N LYS C 280 33.57 5.46 -2.29
CA LYS C 280 33.54 5.83 -3.72
C LYS C 280 34.68 5.11 -4.46
N GLN C 281 35.87 5.11 -3.88
CA GLN C 281 36.99 4.41 -4.51
C GLN C 281 36.67 2.92 -4.64
N ALA C 282 36.02 2.31 -3.68
CA ALA C 282 35.71 0.92 -3.76
C ALA C 282 34.64 0.61 -4.82
N THR C 283 33.82 1.58 -5.17
CA THR C 283 32.81 1.39 -6.20
C THR C 283 33.33 1.60 -7.61
N THR C 284 34.55 2.11 -7.76
CA THR C 284 35.02 2.51 -9.07
C THR C 284 35.41 1.27 -9.85
N ASN C 285 34.91 1.19 -11.08
CA ASN C 285 35.13 0.03 -11.96
C ASN C 285 34.68 -1.24 -11.28
N ASN C 286 33.55 -1.11 -10.57
CA ASN C 286 33.01 -2.23 -9.85
C ASN C 286 31.55 -2.43 -10.30
N GLU C 287 31.37 -3.44 -11.12
CA GLU C 287 30.05 -3.75 -11.65
C GLU C 287 29.02 -4.19 -10.62
N SER C 288 29.50 -4.61 -9.46
CA SER C 288 28.59 -5.15 -8.40
C SER C 288 28.18 -4.12 -7.39
N PHE C 289 28.96 -3.03 -7.23
CA PHE C 289 28.83 -2.13 -6.12
C PHE C 289 28.78 -0.76 -6.66
N GLY C 290 27.61 -0.16 -6.55
CA GLY C 290 27.40 1.24 -6.97
C GLY C 290 27.52 2.33 -5.93
N TYR C 291 27.56 3.58 -6.41
CA TYR C 291 27.64 4.74 -5.54
C TYR C 291 26.62 5.78 -5.90
N THR C 292 25.99 6.40 -4.93
CA THR C 292 25.16 7.54 -5.16
C THR C 292 25.38 8.64 -4.15
N ASP C 293 25.31 9.88 -4.64
N ASP C 293 25.36 9.87 -4.67
CA ASP C 293 25.13 11.04 -3.74
CA ASP C 293 25.24 11.06 -3.84
C ASP C 293 23.90 11.83 -4.08
C ASP C 293 23.99 11.83 -4.17
N GLU C 294 22.99 11.14 -4.73
CA GLU C 294 21.69 11.68 -5.03
C GLU C 294 20.72 11.21 -3.98
N GLU C 295 19.68 11.99 -3.80
CA GLU C 295 18.70 11.80 -2.75
C GLU C 295 17.64 10.85 -3.15
N ILE C 296 18.09 9.64 -3.43
CA ILE C 296 17.18 8.62 -3.96
C ILE C 296 16.31 7.98 -2.82
N VAL C 297 15.27 7.29 -3.24
CA VAL C 297 14.35 6.58 -2.37
C VAL C 297 14.20 5.17 -2.94
N SER C 298 13.51 4.29 -2.19
CA SER C 298 13.57 2.88 -2.58
C SER C 298 13.11 2.53 -3.99
N SER C 299 12.11 3.22 -4.54
CA SER C 299 11.66 2.89 -5.88
C SER C 299 12.71 3.15 -6.91
N ASP C 300 13.64 4.02 -6.62
CA ASP C 300 14.77 4.28 -7.52
C ASP C 300 15.77 3.19 -7.68
N ILE C 301 15.79 2.25 -6.73
CA ILE C 301 16.70 1.10 -6.82
C ILE C 301 16.00 -0.08 -7.54
N ILE C 302 14.71 -0.01 -7.84
CA ILE C 302 14.04 -1.11 -8.52
C ILE C 302 14.62 -1.29 -9.90
N GLY C 303 15.15 -2.47 -10.18
CA GLY C 303 15.72 -2.83 -11.48
C GLY C 303 17.22 -2.57 -11.52
N SER C 304 17.80 -2.18 -10.39
CA SER C 304 19.25 -1.93 -10.29
C SER C 304 20.07 -3.16 -10.75
N HIS C 305 21.17 -2.90 -11.45
CA HIS C 305 22.07 -3.95 -11.80
C HIS C 305 23.26 -4.08 -10.88
N PHE C 306 23.15 -3.48 -9.69
CA PHE C 306 24.15 -3.69 -8.65
C PHE C 306 23.63 -4.58 -7.57
N GLY C 307 24.52 -5.27 -6.88
CA GLY C 307 24.13 -5.92 -5.64
C GLY C 307 23.89 -4.94 -4.47
N SER C 308 24.50 -3.74 -4.51
CA SER C 308 24.48 -2.79 -3.44
C SER C 308 24.82 -1.45 -4.03
N VAL C 309 24.17 -0.39 -3.56
CA VAL C 309 24.52 0.97 -3.94
C VAL C 309 24.72 1.80 -2.69
N PHE C 310 25.96 2.17 -2.43
CA PHE C 310 26.29 2.95 -1.25
C PHE C 310 25.72 4.34 -1.39
N ASP C 311 25.07 4.85 -0.35
CA ASP C 311 24.51 6.19 -0.41
C ASP C 311 25.20 7.19 0.51
N ALA C 312 26.06 7.98 -0.06
CA ALA C 312 26.83 9.00 0.66
C ALA C 312 26.00 10.01 1.40
N THR C 313 24.76 10.24 0.94
CA THR C 313 23.91 11.21 1.59
C THR C 313 23.47 10.81 2.94
N GLN C 314 23.59 9.52 3.29
CA GLN C 314 23.10 9.10 4.61
C GLN C 314 24.22 8.79 5.62
N THR C 315 25.46 9.06 5.23
CA THR C 315 26.59 8.79 6.14
C THR C 315 26.48 9.68 7.37
N GLU C 316 26.69 9.15 8.56
CA GLU C 316 26.60 9.91 9.77
C GLU C 316 27.67 9.46 10.74
N ILE C 317 28.47 10.41 11.21
CA ILE C 317 29.45 10.15 12.31
C ILE C 317 28.96 10.79 13.63
N THR C 318 28.86 10.04 14.71
CA THR C 318 28.44 10.56 15.98
C THR C 318 29.67 10.38 16.91
N ALA C 319 30.20 11.47 17.42
CA ALA C 319 31.48 11.38 18.18
C ALA C 319 31.40 12.09 19.49
N VAL C 320 31.88 11.43 20.53
CA VAL C 320 32.01 12.08 21.88
C VAL C 320 33.38 11.64 22.37
N GLY C 321 34.30 12.57 22.55
CA GLY C 321 35.61 12.11 23.12
C GLY C 321 36.33 11.27 22.11
N ASP C 322 36.85 10.13 22.50
CA ASP C 322 37.51 9.26 21.57
C ASP C 322 36.59 8.18 21.08
N LEU C 323 35.28 8.36 21.31
CA LEU C 323 34.31 7.37 20.89
C LEU C 323 33.62 7.91 19.64
N GLN C 324 33.48 7.02 18.67
CA GLN C 324 32.88 7.34 17.40
C GLN C 324 31.97 6.18 16.90
N LEU C 325 30.74 6.51 16.56
CA LEU C 325 29.86 5.55 15.87
C LEU C 325 29.74 6.03 14.42
N VAL C 326 29.89 5.11 13.45
CA VAL C 326 29.80 5.46 12.07
C VAL C 326 28.60 4.70 11.44
N LYS C 327 27.62 5.44 10.93
CA LYS C 327 26.46 4.85 10.23
C LYS C 327 26.66 5.03 8.74
N THR C 328 26.66 3.93 8.05
CA THR C 328 26.76 3.86 6.64
C THR C 328 25.55 3.07 6.09
N VAL C 329 25.09 3.49 4.92
CA VAL C 329 23.85 3.03 4.38
C VAL C 329 23.98 2.72 2.89
N ALA C 330 23.42 1.57 2.48
CA ALA C 330 23.42 1.16 1.07
C ALA C 330 22.04 0.59 0.69
N TRP C 331 21.63 0.93 -0.53
CA TRP C 331 20.40 0.47 -1.09
C TRP C 331 20.65 -0.84 -1.82
N TYR C 332 19.59 -1.60 -2.01
CA TYR C 332 19.64 -2.73 -2.90
C TYR C 332 18.30 -3.16 -3.38
N ASP C 333 18.22 -3.59 -4.64
CA ASP C 333 17.02 -4.24 -5.10
C ASP C 333 17.19 -5.70 -4.73
N ASN C 334 16.51 -6.09 -3.65
CA ASN C 334 16.54 -7.42 -3.09
C ASN C 334 16.09 -8.51 -4.06
N GLU C 335 15.34 -8.15 -5.11
CA GLU C 335 15.08 -9.05 -6.19
C GLU C 335 16.11 -8.91 -7.30
N TYR C 336 15.88 -7.99 -8.21
CA TYR C 336 16.73 -7.94 -9.42
C TYR C 336 18.20 -7.67 -9.15
N GLY C 337 18.51 -6.82 -8.18
CA GLY C 337 19.91 -6.50 -7.87
C GLY C 337 20.70 -7.71 -7.37
N PHE C 338 20.06 -8.42 -6.45
CA PHE C 338 20.64 -9.63 -5.92
C PHE C 338 20.80 -10.61 -7.08
N VAL C 339 19.76 -10.70 -7.93
CA VAL C 339 19.87 -11.66 -9.09
C VAL C 339 21.05 -11.31 -9.99
N THR C 340 21.37 -10.04 -10.19
CA THR C 340 22.53 -9.73 -11.05
C THR C 340 23.80 -10.31 -10.44
N GLN C 341 23.92 -10.28 -9.12
CA GLN C 341 25.00 -10.92 -8.41
C GLN C 341 24.98 -12.42 -8.59
N LEU C 342 23.82 -13.03 -8.46
CA LEU C 342 23.71 -14.48 -8.67
C LEU C 342 24.23 -14.84 -10.04
N ILE C 343 23.81 -14.10 -11.04
CA ILE C 343 24.26 -14.35 -12.41
C ILE C 343 25.76 -14.12 -12.62
N ARG C 344 26.33 -13.07 -12.08
CA ARG C 344 27.79 -12.93 -12.17
C ARG C 344 28.48 -14.16 -11.59
N THR C 345 28.04 -14.61 -10.42
CA THR C 345 28.64 -15.76 -9.80
C THR C 345 28.45 -17.01 -10.65
N LEU C 346 27.25 -17.19 -11.19
CA LEU C 346 26.93 -18.32 -12.09
C LEU C 346 27.87 -18.36 -13.29
N GLU C 347 28.07 -17.21 -13.89
CA GLU C 347 28.90 -17.12 -15.12
C GLU C 347 30.33 -17.56 -14.79
N LYS C 348 30.85 -17.12 -13.64
CA LYS C 348 32.19 -17.51 -13.26
C LYS C 348 32.25 -19.01 -12.93
N PHE C 349 31.32 -19.47 -12.10
CA PHE C 349 31.24 -20.88 -11.67
C PHE C 349 31.20 -21.82 -12.91
N ALA C 350 30.49 -21.45 -13.98
CA ALA C 350 30.40 -22.26 -15.21
C ALA C 350 31.74 -22.34 -15.90
N LYS C 351 32.58 -21.34 -15.75
CA LYS C 351 33.90 -21.34 -16.42
C LYS C 351 34.98 -22.05 -15.68
N LEU C 352 34.75 -22.33 -14.42
CA LEU C 352 35.72 -23.02 -13.61
C LEU C 352 35.71 -24.54 -13.85
N SER D 19 -6.86 25.79 39.12
CA SER D 19 -6.08 25.40 37.91
C SER D 19 -6.83 25.79 36.63
N MET D 20 -6.07 26.09 35.58
CA MET D 20 -6.68 26.40 34.26
C MET D 20 -7.42 25.22 33.67
N SER D 21 -8.59 25.50 33.12
CA SER D 21 -9.37 24.39 32.65
C SER D 21 -9.85 24.59 31.21
N LYS D 22 -9.51 25.71 30.59
CA LYS D 22 -10.09 26.07 29.25
C LYS D 22 -8.98 26.11 28.23
N VAL D 23 -9.15 25.31 27.19
CA VAL D 23 -8.12 25.23 26.19
C VAL D 23 -8.65 25.74 24.85
N GLY D 24 -7.73 26.31 24.10
CA GLY D 24 -7.93 26.54 22.65
C GLY D 24 -6.95 25.71 21.79
N ILE D 25 -7.40 25.24 20.64
CA ILE D 25 -6.49 24.48 19.71
C ILE D 25 -6.27 25.28 18.47
N ASN D 26 -5.02 25.61 18.18
CA ASN D 26 -4.69 26.21 16.93
C ASN D 26 -4.20 25.14 15.97
N GLY D 27 -5.00 24.90 14.95
CA GLY D 27 -4.76 23.81 14.01
C GLY D 27 -5.45 22.52 14.27
N PHE D 28 -6.50 22.25 13.53
CA PHE D 28 -7.34 21.05 13.76
C PHE D 28 -7.02 19.99 12.70
N GLY D 29 -5.73 19.74 12.59
CA GLY D 29 -5.22 18.64 11.78
C GLY D 29 -5.19 17.37 12.53
N ARG D 30 -4.32 16.45 12.08
CA ARG D 30 -4.24 15.15 12.75
C ARG D 30 -4.07 15.28 14.27
N ILE D 31 -3.06 16.06 14.67
CA ILE D 31 -2.78 16.17 16.10
C ILE D 31 -3.95 16.91 16.81
N GLY D 32 -4.41 18.01 16.26
CA GLY D 32 -5.53 18.76 16.89
C GLY D 32 -6.74 17.95 17.15
N ARG D 33 -7.15 17.17 16.15
CA ARG D 33 -8.31 16.35 16.26
C ARG D 33 -8.18 15.24 17.30
N LEU D 34 -6.98 14.65 17.35
CA LEU D 34 -6.74 13.61 18.30
C LEU D 34 -6.65 14.17 19.75
N VAL D 35 -6.15 15.39 19.91
CA VAL D 35 -6.09 16.10 21.21
C VAL D 35 -7.50 16.11 21.79
N LEU D 36 -8.46 16.52 20.99
CA LEU D 36 -9.83 16.53 21.44
C LEU D 36 -10.32 15.15 21.77
N ARG D 37 -10.06 14.16 20.90
CA ARG D 37 -10.47 12.79 21.15
C ARG D 37 -9.94 12.27 22.47
N ARG D 38 -8.68 12.52 22.75
CA ARG D 38 -8.03 11.97 23.96
C ARG D 38 -8.57 12.72 25.24
N LEU D 39 -8.80 14.00 25.15
CA LEU D 39 -9.43 14.76 26.28
C LEU D 39 -10.76 14.16 26.66
N LEU D 40 -11.59 13.86 25.68
CA LEU D 40 -12.87 13.24 25.92
C LEU D 40 -12.75 11.83 26.47
N GLU D 41 -11.83 11.02 25.92
CA GLU D 41 -11.64 9.68 26.34
C GLU D 41 -11.25 9.57 27.78
N VAL D 42 -10.36 10.45 28.23
CA VAL D 42 -9.90 10.37 29.66
C VAL D 42 -10.77 11.20 30.61
N LYS D 43 -11.85 11.75 30.09
CA LYS D 43 -12.82 12.56 30.90
C LYS D 43 -12.10 13.65 31.62
N SER D 44 -11.23 14.33 30.88
CA SER D 44 -10.46 15.40 31.47
C SER D 44 -11.40 16.49 31.99
N ASN D 45 -10.95 17.17 33.03
CA ASN D 45 -11.63 18.40 33.46
C ASN D 45 -11.31 19.59 32.54
N ILE D 46 -10.30 19.46 31.67
CA ILE D 46 -10.00 20.47 30.72
C ILE D 46 -11.11 20.45 29.68
N ASP D 47 -11.56 21.64 29.27
CA ASP D 47 -12.59 21.80 28.19
C ASP D 47 -11.97 22.54 27.00
N VAL D 48 -12.09 21.98 25.80
CA VAL D 48 -11.69 22.70 24.65
C VAL D 48 -12.84 23.70 24.34
N VAL D 49 -12.56 24.99 24.39
CA VAL D 49 -13.63 26.02 24.19
C VAL D 49 -13.63 26.61 22.78
N ALA D 50 -12.51 26.46 22.07
CA ALA D 50 -12.37 27.05 20.75
C ALA D 50 -11.27 26.39 19.93
N ILE D 51 -11.43 26.49 18.65
CA ILE D 51 -10.48 26.00 17.68
C ILE D 51 -10.26 27.07 16.66
N ASN D 52 -9.02 27.24 16.22
CA ASN D 52 -8.75 28.13 15.10
C ASN D 52 -8.21 27.32 13.94
N ASP D 53 -8.78 27.53 12.78
CA ASP D 53 -8.42 26.77 11.63
C ASP D 53 -9.15 27.45 10.50
N LEU D 54 -8.53 27.46 9.33
CA LEU D 54 -9.12 28.16 8.16
C LEU D 54 -10.24 27.42 7.39
N THR D 55 -10.43 26.18 7.69
CA THR D 55 -11.45 25.35 7.04
C THR D 55 -12.82 25.53 7.68
N SER D 56 -13.86 25.29 6.91
CA SER D 56 -15.24 25.43 7.43
C SER D 56 -15.58 24.45 8.56
N PRO D 57 -16.46 24.83 9.49
CA PRO D 57 -16.91 23.86 10.46
C PRO D 57 -17.45 22.59 9.83
N LYS D 58 -18.16 22.70 8.70
CA LYS D 58 -18.74 21.50 8.11
C LYS D 58 -17.65 20.47 7.75
N ILE D 59 -16.54 20.96 7.20
CA ILE D 59 -15.43 20.06 6.80
C ILE D 59 -14.68 19.57 8.01
N LEU D 60 -14.47 20.42 9.00
CA LEU D 60 -13.86 19.96 10.26
C LEU D 60 -14.70 18.91 10.97
N ALA D 61 -16.03 19.07 10.92
CA ALA D 61 -16.88 18.10 11.56
C ALA D 61 -16.78 16.72 10.88
N TYR D 62 -16.75 16.80 9.55
CA TYR D 62 -16.62 15.58 8.71
C TYR D 62 -15.31 14.88 9.08
N LEU D 63 -14.23 15.62 9.18
CA LEU D 63 -12.93 15.01 9.44
C LEU D 63 -12.85 14.52 10.90
N LEU D 64 -13.52 15.20 11.85
CA LEU D 64 -13.59 14.70 13.19
C LEU D 64 -14.35 13.43 13.32
N LYS D 65 -15.50 13.36 12.65
CA LYS D 65 -16.35 12.24 12.73
C LYS D 65 -15.80 10.93 12.12
N HIS D 66 -15.06 11.07 11.02
CA HIS D 66 -14.56 9.95 10.21
C HIS D 66 -13.04 9.99 10.18
N ASP D 67 -12.40 8.94 10.68
CA ASP D 67 -10.95 8.99 10.78
C ASP D 67 -10.40 7.71 10.18
N SER D 68 -9.54 7.87 9.16
CA SER D 68 -8.96 6.68 8.51
C SER D 68 -8.13 5.84 9.44
N ASN D 69 -7.50 6.40 10.43
CA ASN D 69 -6.65 5.64 11.31
C ASN D 69 -7.31 5.11 12.56
N TYR D 70 -8.25 5.87 13.12
CA TYR D 70 -8.81 5.53 14.39
C TYR D 70 -10.32 5.19 14.36
N GLY D 71 -10.96 5.26 13.20
CA GLY D 71 -12.37 4.91 13.08
C GLY D 71 -13.30 6.05 13.55
N PRO D 72 -14.59 5.78 13.61
CA PRO D 72 -15.63 6.76 13.98
C PRO D 72 -15.38 7.40 15.31
N PHE D 73 -15.59 8.68 15.38
CA PHE D 73 -15.44 9.41 16.62
C PHE D 73 -16.43 8.89 17.67
N PRO D 74 -15.99 8.65 18.92
CA PRO D 74 -16.86 7.99 19.88
C PRO D 74 -18.04 8.82 20.41
N TRP D 75 -18.12 10.07 20.04
CA TRP D 75 -19.07 11.06 20.62
C TRP D 75 -19.78 11.70 19.48
N SER D 76 -20.95 12.28 19.73
CA SER D 76 -21.64 13.04 18.72
C SER D 76 -20.91 14.21 18.25
N VAL D 77 -21.12 14.48 16.95
CA VAL D 77 -20.46 15.58 16.26
C VAL D 77 -21.47 16.24 15.35
N ASP D 78 -21.55 17.54 15.48
CA ASP D 78 -22.40 18.36 14.57
C ASP D 78 -21.70 19.67 14.45
N PHE D 79 -22.24 20.61 13.65
CA PHE D 79 -21.63 21.89 13.50
C PHE D 79 -22.75 22.93 13.20
N THR D 80 -22.33 24.18 13.28
CA THR D 80 -23.10 25.35 12.85
C THR D 80 -22.19 26.13 11.97
N GLU D 81 -22.62 27.32 11.54
N GLU D 81 -22.62 27.32 11.56
CA GLU D 81 -21.74 28.20 10.77
CA GLU D 81 -21.78 28.20 10.75
C GLU D 81 -20.45 28.65 11.43
C GLU D 81 -20.49 28.67 11.42
N ASP D 82 -20.35 28.62 12.75
CA ASP D 82 -19.15 29.11 13.38
C ASP D 82 -18.78 28.24 14.55
N SER D 83 -19.16 26.96 14.53
CA SER D 83 -18.85 26.12 15.70
C SER D 83 -18.91 24.68 15.37
N LEU D 84 -18.23 23.86 16.18
CA LEU D 84 -18.60 22.47 16.27
C LEU D 84 -19.40 22.23 17.55
N ILE D 85 -20.22 21.25 17.52
CA ILE D 85 -20.94 20.74 18.66
C ILE D 85 -20.44 19.31 18.87
N VAL D 86 -19.71 19.09 19.95
CA VAL D 86 -19.11 17.81 20.20
C VAL D 86 -19.60 17.27 21.53
N ASP D 87 -20.23 16.11 21.51
CA ASP D 87 -20.85 15.51 22.72
C ASP D 87 -21.79 16.53 23.37
N GLY D 88 -22.55 17.21 22.54
CA GLY D 88 -23.46 18.30 22.99
C GLY D 88 -22.86 19.63 23.37
N LYS D 89 -21.54 19.74 23.43
CA LYS D 89 -20.91 20.96 23.86
C LYS D 89 -20.44 21.81 22.68
N SER D 90 -20.60 23.13 22.80
CA SER D 90 -20.27 24.00 21.70
C SER D 90 -18.79 24.45 21.76
N ILE D 91 -18.09 24.35 20.65
CA ILE D 91 -16.71 24.75 20.55
C ILE D 91 -16.66 25.73 19.41
N ALA D 92 -16.18 26.93 19.66
CA ALA D 92 -16.16 27.96 18.64
C ALA D 92 -15.07 27.62 17.62
N VAL D 93 -15.33 27.93 16.36
CA VAL D 93 -14.37 27.77 15.29
C VAL D 93 -14.07 29.13 14.73
N TYR D 94 -12.89 29.62 15.07
CA TYR D 94 -12.38 30.86 14.48
C TYR D 94 -11.56 30.54 13.24
N ALA D 95 -11.34 31.55 12.40
CA ALA D 95 -10.66 31.34 11.10
C ALA D 95 -9.66 32.47 10.79
N GLU D 96 -8.74 32.71 11.71
CA GLU D 96 -7.72 33.73 11.55
C GLU D 96 -6.46 33.17 11.00
N LYS D 97 -5.87 33.85 10.02
CA LYS D 97 -4.62 33.38 9.39
C LYS D 97 -3.42 33.67 10.32
N GLU D 98 -3.55 34.66 11.17
CA GLU D 98 -2.48 35.11 12.04
C GLU D 98 -2.94 34.95 13.44
N ALA D 99 -2.12 34.25 14.21
CA ALA D 99 -2.48 33.91 15.55
C ALA D 99 -2.77 35.12 16.40
N LYS D 100 -2.06 36.20 16.14
CA LYS D 100 -2.27 37.42 16.93
C LYS D 100 -3.72 37.91 16.92
N ASN D 101 -4.46 37.58 15.87
CA ASN D 101 -5.87 37.92 15.75
C ASN D 101 -6.89 36.95 16.30
N ILE D 102 -6.48 35.86 16.94
CA ILE D 102 -7.51 34.91 17.31
C ILE D 102 -8.15 35.45 18.54
N PRO D 103 -9.49 35.42 18.61
CA PRO D 103 -10.13 35.98 19.76
C PRO D 103 -10.19 35.04 20.94
N TRP D 104 -9.04 34.71 21.53
CA TRP D 104 -9.02 33.68 22.53
C TRP D 104 -9.77 34.10 23.79
N LYS D 105 -9.72 35.39 24.12
CA LYS D 105 -10.55 35.92 25.26
C LYS D 105 -12.07 35.65 25.13
N ALA D 106 -12.62 35.56 23.91
CA ALA D 106 -14.09 35.41 23.78
C ALA D 106 -14.71 34.34 24.60
N LYS D 107 -14.10 33.14 24.60
CA LYS D 107 -14.61 32.06 25.42
C LYS D 107 -13.67 31.68 26.58
N GLY D 108 -12.67 32.50 26.83
CA GLY D 108 -11.77 32.35 27.96
C GLY D 108 -10.73 31.24 27.74
N ALA D 109 -10.23 31.12 26.50
CA ALA D 109 -9.20 30.09 26.20
C ALA D 109 -7.90 30.50 26.90
N GLU D 110 -7.47 29.68 27.87
CA GLU D 110 -6.32 29.99 28.71
C GLU D 110 -5.03 29.36 28.20
N ILE D 111 -5.11 28.09 27.80
CA ILE D 111 -3.91 27.39 27.32
C ILE D 111 -4.23 27.01 25.90
N ILE D 112 -3.31 27.40 25.00
CA ILE D 112 -3.38 27.07 23.57
C ILE D 112 -2.47 25.87 23.28
N VAL D 113 -3.04 24.87 22.61
CA VAL D 113 -2.30 23.72 22.08
C VAL D 113 -2.08 24.12 20.61
N GLU D 114 -0.85 24.44 20.30
CA GLU D 114 -0.42 24.99 19.03
C GLU D 114 0.11 23.83 18.14
N CYS D 115 -0.73 23.48 17.19
CA CYS D 115 -0.66 22.21 16.41
C CYS D 115 -0.51 22.50 14.92
N THR D 116 -0.11 23.72 14.49
CA THR D 116 -0.12 24.04 13.06
C THR D 116 1.24 23.82 12.43
N GLY D 117 2.31 23.79 13.22
CA GLY D 117 3.65 23.80 12.65
C GLY D 117 4.20 25.17 12.27
N PHE D 118 3.38 26.23 12.31
CA PHE D 118 3.82 27.55 11.83
C PHE D 118 4.27 28.50 12.99
N TYR D 119 4.25 28.03 14.22
CA TYR D 119 4.56 28.85 15.40
C TYR D 119 5.53 28.17 16.36
N THR D 120 6.54 27.50 15.78
CA THR D 120 7.43 26.62 16.59
C THR D 120 8.62 27.38 17.16
N SER D 121 8.34 28.52 17.81
CA SER D 121 9.36 29.28 18.55
C SER D 121 8.67 30.07 19.62
N ALA D 122 9.44 30.51 20.62
CA ALA D 122 8.90 31.36 21.65
C ALA D 122 8.37 32.65 21.01
N GLU D 123 9.16 33.18 20.07
CA GLU D 123 8.88 34.44 19.45
C GLU D 123 7.59 34.32 18.68
N LYS D 124 7.43 33.23 17.92
CA LYS D 124 6.24 33.04 17.12
C LYS D 124 5.01 32.76 17.97
N SER D 125 5.12 31.85 18.96
CA SER D 125 3.97 31.52 19.82
C SER D 125 3.51 32.65 20.82
N GLN D 126 4.37 33.65 21.03
CA GLN D 126 4.04 34.87 21.79
C GLN D 126 2.74 35.49 21.26
N ALA D 127 2.56 35.42 19.96
CA ALA D 127 1.33 35.85 19.30
C ALA D 127 0.10 35.39 20.02
N HIS D 128 0.06 34.16 20.57
CA HIS D 128 -1.17 33.68 21.25
C HIS D 128 -1.43 34.41 22.58
N LEU D 129 -0.33 34.77 23.24
CA LEU D 129 -0.38 35.44 24.54
C LEU D 129 -0.86 36.88 24.31
N ASP D 130 -0.31 37.50 23.28
CA ASP D 130 -0.77 38.77 22.70
C ASP D 130 -2.26 38.78 22.34
N ALA D 131 -2.80 37.65 21.87
CA ALA D 131 -4.22 37.50 21.62
C ALA D 131 -5.05 37.14 22.86
N GLY D 132 -4.41 37.09 24.03
CA GLY D 132 -5.11 36.93 25.27
C GLY D 132 -5.02 35.60 25.98
N ALA D 133 -4.37 34.60 25.39
CA ALA D 133 -4.15 33.36 26.13
C ALA D 133 -3.10 33.58 27.21
N LYS D 134 -3.08 32.67 28.18
CA LYS D 134 -2.11 32.71 29.31
C LYS D 134 -0.89 31.80 29.12
N LYS D 135 -1.09 30.65 28.43
CA LYS D 135 0.06 29.72 28.14
C LYS D 135 -0.10 29.10 26.76
N VAL D 136 1.01 28.60 26.21
CA VAL D 136 0.98 27.85 24.92
C VAL D 136 1.75 26.54 25.12
N LEU D 137 1.17 25.43 24.67
CA LEU D 137 1.87 24.13 24.61
C LEU D 137 2.03 23.79 23.07
N ILE D 138 3.25 23.72 22.61
CA ILE D 138 3.52 23.56 21.17
C ILE D 138 3.71 22.05 20.94
N SER D 139 2.97 21.49 19.99
CA SER D 139 3.04 20.04 19.68
C SER D 139 4.23 19.59 18.83
N ALA D 140 5.35 20.29 18.88
CA ALA D 140 6.51 20.02 18.08
C ALA D 140 7.71 20.62 18.75
N PRO D 141 8.91 20.24 18.31
CA PRO D 141 10.09 20.98 18.77
C PRO D 141 10.05 22.40 18.43
N ALA D 142 10.61 23.24 19.32
CA ALA D 142 10.42 24.68 19.18
C ALA D 142 11.62 25.53 19.66
N GLY D 143 12.78 25.07 19.22
CA GLY D 143 14.07 25.61 19.63
C GLY D 143 14.31 25.64 21.13
N GLU D 144 15.07 26.64 21.57
CA GLU D 144 15.54 26.66 22.96
C GLU D 144 14.50 27.04 23.94
N MET D 145 13.66 26.10 24.34
CA MET D 145 12.62 26.32 25.34
C MET D 145 12.43 25.05 26.10
N LYS D 146 11.68 25.09 27.20
CA LYS D 146 11.46 23.89 27.96
C LYS D 146 10.75 22.92 27.03
N THR D 147 11.28 21.71 26.97
CA THR D 147 10.82 20.73 25.98
C THR D 147 10.61 19.42 26.77
N ILE D 148 9.36 18.97 26.90
CA ILE D 148 8.96 18.01 27.92
C ILE D 148 8.52 16.71 27.31
N VAL D 149 9.07 15.61 27.82
CA VAL D 149 8.57 14.29 27.55
C VAL D 149 8.07 13.91 28.89
N TYR D 150 6.78 13.72 28.96
CA TYR D 150 6.16 13.35 30.22
C TYR D 150 6.70 12.03 30.81
N ASN D 151 6.94 12.04 32.12
CA ASN D 151 7.60 10.96 32.85
C ASN D 151 9.08 10.77 32.51
N VAL D 152 9.64 11.74 31.80
CA VAL D 152 11.07 11.94 31.72
C VAL D 152 11.56 13.19 32.42
N ASN D 153 11.09 14.36 32.01
CA ASN D 153 11.52 15.66 32.57
C ASN D 153 10.41 16.65 32.86
N ASP D 154 9.21 16.13 33.10
CA ASP D 154 8.02 17.03 33.34
C ASP D 154 8.21 17.76 34.70
N ASP D 155 9.07 17.24 35.56
CA ASP D 155 9.40 18.01 36.79
C ASP D 155 10.18 19.26 36.57
N THR D 156 10.65 19.54 35.36
CA THR D 156 11.30 20.80 35.11
C THR D 156 10.29 21.94 34.93
N LEU D 157 9.00 21.63 34.85
CA LEU D 157 8.05 22.68 34.63
C LEU D 157 7.77 23.31 36.00
N ASP D 158 7.42 24.58 35.97
CA ASP D 158 6.98 25.32 37.16
C ASP D 158 5.89 26.32 36.75
N GLY D 159 5.26 26.95 37.74
CA GLY D 159 4.23 27.97 37.50
C GLY D 159 4.52 29.20 36.69
N ASN D 160 5.77 29.55 36.48
CA ASN D 160 6.16 30.68 35.66
C ASN D 160 6.35 30.41 34.18
N ASP D 161 6.29 29.16 33.78
CA ASP D 161 6.38 28.81 32.35
C ASP D 161 5.11 29.21 31.62
N THR D 162 5.30 29.86 30.49
CA THR D 162 4.20 30.33 29.65
C THR D 162 4.21 29.69 28.25
N ILE D 163 5.37 29.37 27.72
CA ILE D 163 5.45 28.68 26.40
C ILE D 163 6.37 27.48 26.56
N VAL D 164 5.84 26.27 26.28
CA VAL D 164 6.62 25.02 26.40
C VAL D 164 6.36 24.17 25.14
N SER D 165 7.30 23.28 24.85
CA SER D 165 7.17 22.24 23.77
C SER D 165 7.00 20.86 24.38
N VAL D 166 6.30 19.96 23.66
CA VAL D 166 6.30 18.54 24.03
C VAL D 166 7.15 17.73 23.04
N ALA D 167 8.09 18.39 22.42
CA ALA D 167 9.02 17.78 21.48
C ALA D 167 8.25 17.10 20.34
N SER D 168 8.72 15.96 19.80
CA SER D 168 8.02 15.29 18.73
C SER D 168 7.66 13.89 19.14
N CYS D 169 6.91 13.19 18.30
CA CYS D 169 6.59 11.80 18.55
C CYS D 169 7.83 10.93 18.76
N THR D 170 8.83 11.10 17.91
CA THR D 170 10.02 10.26 18.01
C THR D 170 10.78 10.59 19.29
N THR D 171 10.85 11.87 19.65
CA THR D 171 11.46 12.22 20.92
C THR D 171 10.76 11.55 22.09
N ASN D 172 9.43 11.51 22.07
CA ASN D 172 8.69 10.83 23.13
C ASN D 172 8.91 9.34 23.14
N CYS D 173 9.23 8.74 21.98
CA CYS D 173 9.60 7.32 21.96
C CYS D 173 11.02 7.09 22.54
N LEU D 174 11.96 7.85 22.05
CA LEU D 174 13.40 7.69 22.35
C LEU D 174 13.72 8.04 23.81
N ALA D 175 13.21 9.15 24.29
CA ALA D 175 13.58 9.65 25.59
C ALA D 175 13.40 8.65 26.74
N PRO D 176 12.26 7.99 26.87
CA PRO D 176 12.17 7.13 28.00
C PRO D 176 13.18 5.98 27.97
N MET D 177 13.46 5.49 26.77
CA MET D 177 14.34 4.38 26.59
C MET D 177 15.77 4.89 26.88
N ALA D 178 16.12 6.02 26.34
CA ALA D 178 17.44 6.65 26.61
C ALA D 178 17.62 6.96 28.11
N LYS D 179 16.56 7.46 28.73
CA LYS D 179 16.63 7.80 30.19
C LYS D 179 16.94 6.54 30.98
N ALA D 180 16.23 5.41 30.68
CA ALA D 180 16.43 4.17 31.42
C ALA D 180 17.85 3.63 31.25
N LEU D 181 18.37 3.70 30.06
CA LEU D 181 19.71 3.18 29.80
C LEU D 181 20.73 4.09 30.48
N HIS D 182 20.53 5.39 30.37
CA HIS D 182 21.46 6.32 30.96
C HIS D 182 21.49 6.18 32.49
N ASP D 183 20.33 6.06 33.12
CA ASP D 183 20.24 5.92 34.56
C ASP D 183 20.85 4.61 35.03
N SER D 184 20.72 3.54 34.26
CA SER D 184 21.17 2.21 34.69
C SER D 184 22.61 1.97 34.34
N PHE D 185 23.06 2.45 33.14
CA PHE D 185 24.34 2.02 32.60
C PHE D 185 25.25 3.12 32.15
N GLY D 186 24.68 4.31 31.85
CA GLY D 186 25.40 5.40 31.19
C GLY D 186 25.30 5.16 29.69
N ILE D 187 24.94 6.19 28.96
CA ILE D 187 25.11 6.21 27.53
C ILE D 187 26.29 7.12 27.20
N GLU D 188 27.27 6.58 26.54
CA GLU D 188 28.49 7.34 26.14
C GLU D 188 28.27 8.04 24.83
N VAL D 189 27.68 7.31 23.92
CA VAL D 189 27.32 7.84 22.62
C VAL D 189 26.23 6.90 21.98
N GLY D 190 25.46 7.47 21.06
CA GLY D 190 24.46 6.61 20.41
C GLY D 190 23.85 7.21 19.16
N THR D 191 23.30 6.35 18.31
CA THR D 191 22.64 6.85 17.10
C THR D 191 21.30 6.05 16.90
N MET D 192 20.23 6.72 16.47
CA MET D 192 18.94 6.09 16.36
C MET D 192 18.46 6.15 14.92
N THR D 193 17.61 5.20 14.58
CA THR D 193 16.93 5.19 13.31
C THR D 193 15.48 4.83 13.66
N THR D 194 14.53 5.66 13.24
CA THR D 194 13.14 5.30 13.38
C THR D 194 12.56 4.87 12.05
N ILE D 195 11.94 3.71 12.03
CA ILE D 195 11.24 3.20 10.84
C ILE D 195 9.79 3.71 11.10
N HIS D 196 9.42 4.74 10.38
CA HIS D 196 8.40 5.72 10.78
C HIS D 196 7.29 5.80 9.73
N ALA D 197 6.06 5.68 10.19
CA ALA D 197 4.86 5.84 9.34
C ALA D 197 4.95 7.13 8.58
N TYR D 198 4.38 7.17 7.38
CA TYR D 198 4.42 8.40 6.64
C TYR D 198 3.44 9.42 7.23
N THR D 199 3.74 10.70 6.97
CA THR D 199 2.94 11.80 7.54
C THR D 199 2.66 12.87 6.51
N GLY D 200 1.80 13.80 6.88
CA GLY D 200 1.31 14.89 6.00
C GLY D 200 2.35 15.83 5.49
N THR D 201 3.55 15.85 6.09
CA THR D 201 4.61 16.66 5.51
C THR D 201 5.22 16.09 4.23
N GLN D 202 4.90 14.83 3.91
CA GLN D 202 5.36 14.16 2.71
C GLN D 202 4.40 14.35 1.57
N SER D 203 4.66 13.68 0.46
CA SER D 203 3.87 13.86 -0.76
C SER D 203 3.12 12.62 -1.13
N LEU D 204 1.91 12.81 -1.67
CA LEU D 204 1.14 11.70 -2.15
C LEU D 204 1.68 11.17 -3.48
N VAL D 205 1.88 12.05 -4.44
CA VAL D 205 2.52 11.72 -5.69
C VAL D 205 3.82 12.46 -5.84
N ASP D 206 4.74 11.97 -6.68
CA ASP D 206 5.99 12.64 -6.85
C ASP D 206 5.76 14.07 -7.32
N GLY D 207 6.20 15.03 -6.52
CA GLY D 207 6.00 16.44 -6.95
C GLY D 207 6.61 17.34 -5.91
N PRO D 208 6.86 18.60 -6.26
CA PRO D 208 7.53 19.46 -5.32
C PRO D 208 6.90 19.61 -3.92
N ARG D 209 7.76 19.56 -2.92
CA ARG D 209 7.34 19.64 -1.53
C ARG D 209 8.32 20.50 -0.79
N GLY D 210 8.26 21.79 -1.06
CA GLY D 210 9.30 22.73 -0.56
C GLY D 210 10.68 22.40 -1.06
N LYS D 211 11.71 22.63 -0.24
CA LYS D 211 13.09 22.47 -0.72
C LYS D 211 13.72 21.07 -0.56
N ASP D 212 13.11 20.20 0.25
CA ASP D 212 13.61 18.82 0.63
C ASP D 212 13.27 17.90 -0.53
N LEU D 213 14.29 17.35 -1.16
CA LEU D 213 14.11 16.50 -2.33
C LEU D 213 13.35 15.22 -1.97
N ARG D 214 13.75 14.57 -0.87
CA ARG D 214 13.08 13.32 -0.56
C ARG D 214 11.64 13.47 -0.14
N ALA D 215 11.25 14.63 0.37
CA ALA D 215 9.88 14.87 0.77
C ALA D 215 8.93 14.98 -0.45
N SER D 216 9.50 15.14 -1.64
CA SER D 216 8.79 15.27 -2.87
C SER D 216 8.30 13.91 -3.35
N ARG D 217 8.73 12.81 -2.73
CA ARG D 217 8.49 11.51 -3.30
C ARG D 217 7.28 10.79 -2.74
N ALA D 218 6.62 10.05 -3.61
CA ALA D 218 5.34 9.34 -3.25
C ALA D 218 5.48 8.51 -1.95
N ALA D 219 4.85 8.97 -0.88
CA ALA D 219 5.14 8.39 0.45
C ALA D 219 4.65 6.98 0.66
N ALA D 220 3.56 6.60 0.01
CA ALA D 220 3.04 5.28 0.18
C ALA D 220 3.61 4.24 -0.76
N GLU D 221 4.63 4.60 -1.52
CA GLU D 221 5.25 3.77 -2.53
C GLU D 221 6.75 3.65 -2.30
N ASN D 222 7.27 4.18 -1.18
CA ASN D 222 8.72 4.29 -1.06
C ASN D 222 9.14 4.18 0.42
N ILE D 223 10.35 3.68 0.64
CA ILE D 223 11.10 3.92 1.83
C ILE D 223 11.89 5.21 1.57
N ILE D 224 11.72 6.18 2.45
CA ILE D 224 12.23 7.54 2.25
C ILE D 224 13.03 8.03 3.44
N PRO D 225 14.36 8.20 3.30
CA PRO D 225 15.12 8.81 4.40
C PRO D 225 14.65 10.22 4.73
N HIS D 226 14.62 10.56 6.01
CA HIS D 226 14.06 11.80 6.48
C HIS D 226 14.73 12.22 7.78
N THR D 227 14.77 13.51 8.05
CA THR D 227 15.26 13.96 9.38
C THR D 227 14.28 13.55 10.45
N THR D 228 14.70 13.58 11.71
CA THR D 228 13.79 13.27 12.84
C THR D 228 13.97 14.40 13.83
N GLY D 229 12.84 14.89 14.37
CA GLY D 229 12.78 16.03 15.38
C GLY D 229 13.55 15.60 16.67
N ALA D 230 13.75 14.27 16.85
CA ALA D 230 14.44 13.76 18.05
C ALA D 230 15.86 14.11 18.10
N ALA D 231 16.46 14.36 16.92
CA ALA D 231 17.92 14.57 16.90
C ALA D 231 18.33 15.90 17.52
N LYS D 232 17.46 16.92 17.32
CA LYS D 232 17.62 18.27 17.98
C LYS D 232 16.95 18.39 19.35
N ALA D 233 15.85 17.70 19.55
CA ALA D 233 15.08 17.83 20.78
C ALA D 233 15.61 16.95 21.93
N ILE D 234 16.23 15.80 21.65
CA ILE D 234 16.60 14.88 22.80
C ILE D 234 17.52 15.54 23.82
N GLY D 235 18.40 16.38 23.32
CA GLY D 235 19.36 16.99 24.26
C GLY D 235 18.76 18.02 25.25
N LEU D 236 17.59 18.59 24.91
CA LEU D 236 16.79 19.46 25.84
C LEU D 236 16.00 18.65 26.88
N VAL D 237 15.73 17.38 26.55
CA VAL D 237 14.91 16.55 27.38
C VAL D 237 15.78 15.86 28.43
N ILE D 238 16.95 15.39 28.03
CA ILE D 238 17.90 14.70 28.91
C ILE D 238 19.22 15.47 28.70
N PRO D 239 19.44 16.54 29.44
CA PRO D 239 20.61 17.39 29.08
C PRO D 239 21.98 16.74 29.21
N GLU D 240 22.13 15.76 30.10
CA GLU D 240 23.35 14.96 30.15
C GLU D 240 23.68 14.25 28.83
N LEU D 241 22.67 14.01 27.97
CA LEU D 241 22.93 13.41 26.65
C LEU D 241 23.04 14.39 25.52
N SER D 242 23.03 15.71 25.81
CA SER D 242 23.14 16.66 24.71
C SER D 242 24.42 16.50 23.94
N GLY D 243 24.37 16.41 22.63
CA GLY D 243 25.55 16.17 21.81
C GLY D 243 26.03 14.73 21.77
N LYS D 244 25.37 13.81 22.41
CA LYS D 244 25.82 12.45 22.44
C LYS D 244 25.03 11.51 21.57
N LEU D 245 23.95 12.05 21.01
CA LEU D 245 23.01 11.25 20.24
C LEU D 245 22.70 11.94 18.89
N LYS D 246 22.68 11.17 17.80
CA LYS D 246 22.19 11.64 16.50
C LYS D 246 21.19 10.58 15.98
N GLY D 247 20.50 10.91 14.90
CA GLY D 247 19.71 9.93 14.24
C GLY D 247 18.91 10.46 13.10
N HIS D 248 18.11 9.58 12.52
CA HIS D 248 17.23 9.97 11.40
C HIS D 248 16.11 9.01 11.34
N ALA D 249 15.26 9.19 10.35
CA ALA D 249 14.16 8.32 10.04
C ALA D 249 14.21 7.68 8.65
N GLN D 250 13.54 6.53 8.51
CA GLN D 250 13.19 5.97 7.23
C GLN D 250 11.67 5.98 7.26
N ARG D 251 11.06 6.83 6.43
CA ARG D 251 9.63 6.89 6.34
C ARG D 251 9.11 5.78 5.44
N VAL D 252 8.09 5.04 5.88
CA VAL D 252 7.68 3.89 5.13
C VAL D 252 6.16 3.85 4.98
N PRO D 253 5.65 2.97 4.11
CA PRO D 253 4.19 2.99 3.84
C PRO D 253 3.28 2.30 4.83
N VAL D 254 3.28 2.73 6.07
CA VAL D 254 2.23 2.40 6.96
C VAL D 254 1.60 3.73 7.42
N LYS D 255 0.30 3.70 7.68
CA LYS D 255 -0.45 4.94 7.98
C LYS D 255 -0.20 5.56 9.30
N THR D 256 0.04 4.76 10.32
CA THR D 256 0.53 5.24 11.60
C THR D 256 1.13 4.01 12.33
N GLY D 257 1.97 4.25 13.31
CA GLY D 257 2.69 3.20 14.02
C GLY D 257 4.07 3.14 13.50
N SER D 258 5.04 3.29 14.42
CA SER D 258 6.46 3.52 14.13
C SER D 258 7.32 2.77 15.16
N VAL D 259 8.61 2.60 14.86
CA VAL D 259 9.53 1.89 15.76
C VAL D 259 10.90 2.53 15.77
N THR D 260 11.42 2.86 16.96
CA THR D 260 12.74 3.52 17.03
C THR D 260 13.77 2.47 17.50
N GLU D 261 14.88 2.37 16.78
CA GLU D 261 16.01 1.60 17.14
C GLU D 261 17.09 2.54 17.60
N LEU D 262 17.68 2.27 18.75
CA LEU D 262 18.82 3.03 19.25
C LEU D 262 20.03 2.11 19.43
N VAL D 263 21.17 2.48 18.83
CA VAL D 263 22.44 1.76 18.95
C VAL D 263 23.35 2.62 19.83
N SER D 264 23.69 2.12 21.01
CA SER D 264 24.45 2.87 21.99
C SER D 264 25.74 2.14 22.36
N ILE D 265 26.73 2.99 22.73
CA ILE D 265 27.81 2.48 23.59
C ILE D 265 27.50 2.91 25.00
N LEU D 266 27.44 1.96 25.90
CA LEU D 266 27.05 2.18 27.30
C LEU D 266 28.30 2.25 28.19
N GLY D 267 28.06 2.68 29.40
CA GLY D 267 29.16 2.93 30.33
C GLY D 267 29.58 1.70 31.06
N LYS D 268 28.92 0.56 30.83
CA LYS D 268 29.41 -0.71 31.36
C LYS D 268 29.01 -1.85 30.50
N LYS D 269 29.62 -2.99 30.75
CA LYS D 269 29.30 -4.19 29.99
C LYS D 269 27.93 -4.71 30.43
N VAL D 270 27.11 -5.21 29.48
CA VAL D 270 25.76 -5.70 29.84
C VAL D 270 25.43 -6.96 29.13
N THR D 271 24.42 -7.69 29.59
CA THR D 271 23.79 -8.72 28.79
C THR D 271 22.39 -8.28 28.38
N ALA D 272 21.80 -9.00 27.43
CA ALA D 272 20.44 -8.71 26.92
C ALA D 272 19.41 -8.75 28.08
N GLU D 273 19.56 -9.76 28.93
CA GLU D 273 18.68 -9.90 30.06
C GLU D 273 18.83 -8.77 30.99
N GLU D 274 20.03 -8.32 31.25
CA GLU D 274 20.20 -7.20 32.15
C GLU D 274 19.54 -5.86 31.67
N VAL D 275 19.79 -5.60 30.40
CA VAL D 275 19.13 -4.45 29.71
C VAL D 275 17.61 -4.59 29.81
N ASN D 276 17.08 -5.75 29.45
CA ASN D 276 15.63 -5.95 29.44
C ASN D 276 15.07 -5.78 30.83
N ASN D 277 15.81 -6.29 31.84
CA ASN D 277 15.35 -6.13 33.26
C ASN D 277 15.30 -4.69 33.68
N ALA D 278 16.32 -3.91 33.33
CA ALA D 278 16.36 -2.54 33.69
C ALA D 278 15.22 -1.78 33.04
N LEU D 279 15.01 -2.00 31.75
CA LEU D 279 13.90 -1.40 31.08
C LEU D 279 12.57 -1.82 31.65
N LYS D 280 12.43 -3.08 31.99
CA LYS D 280 11.15 -3.55 32.59
C LYS D 280 10.86 -2.79 33.86
N GLN D 281 11.91 -2.66 34.69
CA GLN D 281 11.79 -1.89 35.94
C GLN D 281 11.37 -0.42 35.68
N ALA D 282 11.93 0.22 34.65
CA ALA D 282 11.63 1.62 34.29
C ALA D 282 10.19 1.82 33.80
N THR D 283 9.62 0.77 33.25
CA THR D 283 8.26 0.76 32.81
C THR D 283 7.19 0.43 33.86
N THR D 284 7.62 0.01 35.05
CA THR D 284 6.68 -0.49 36.05
C THR D 284 5.95 0.73 36.58
N ASN D 285 4.61 0.65 36.59
CA ASN D 285 3.75 1.79 37.00
C ASN D 285 4.16 3.15 36.38
N ASN D 286 4.28 3.09 35.06
CA ASN D 286 4.69 4.19 34.30
C ASN D 286 3.67 4.25 33.19
N GLU D 287 2.77 5.20 33.35
CA GLU D 287 1.68 5.39 32.41
C GLU D 287 2.13 5.84 31.03
N SER D 288 3.34 6.40 30.94
CA SER D 288 3.90 6.91 29.69
C SER D 288 4.74 5.89 28.90
N PHE D 289 5.24 4.85 29.55
CA PHE D 289 6.28 3.96 28.96
C PHE D 289 5.93 2.53 29.24
N GLY D 290 5.57 1.81 28.21
CA GLY D 290 5.14 0.45 28.32
C GLY D 290 6.23 -0.53 27.94
N TYR D 291 5.92 -1.77 28.18
CA TYR D 291 6.88 -2.87 27.91
C TYR D 291 6.19 -3.95 27.22
N THR D 292 6.86 -4.61 26.26
CA THR D 292 6.33 -5.84 25.74
C THR D 292 7.39 -6.89 25.52
N ASP D 293 7.03 -8.16 25.71
N ASP D 293 7.02 -8.16 25.77
CA ASP D 293 7.87 -9.25 25.22
CA ASP D 293 7.83 -9.28 25.35
C ASP D 293 7.08 -10.13 24.30
C ASP D 293 7.05 -10.14 24.36
N GLU D 294 6.03 -9.57 23.73
CA GLU D 294 5.24 -10.28 22.75
C GLU D 294 5.79 -9.86 21.36
N GLU D 295 5.54 -10.71 20.40
N GLU D 295 5.60 -10.72 20.38
CA GLU D 295 6.02 -10.59 19.05
CA GLU D 295 6.14 -10.49 19.08
C GLU D 295 5.12 -9.70 18.21
C GLU D 295 5.18 -9.70 18.23
N ILE D 296 4.95 -8.48 18.69
CA ILE D 296 4.06 -7.56 18.05
C ILE D 296 4.63 -6.97 16.74
N VAL D 297 3.72 -6.39 15.96
CA VAL D 297 4.07 -5.63 14.76
C VAL D 297 3.44 -4.25 14.79
N SER D 298 3.70 -3.38 13.81
CA SER D 298 3.26 -1.99 13.98
C SER D 298 1.79 -1.78 14.16
N SER D 299 0.93 -2.56 13.52
CA SER D 299 -0.50 -2.32 13.66
C SER D 299 -0.96 -2.58 15.11
N ASP D 300 -0.22 -3.35 15.87
CA ASP D 300 -0.51 -3.61 17.30
C ASP D 300 -0.30 -2.40 18.16
N ILE D 301 0.44 -1.39 17.73
CA ILE D 301 0.71 -0.17 18.48
C ILE D 301 -0.31 0.92 18.13
N ILE D 302 -1.14 0.68 17.12
CA ILE D 302 -2.07 1.74 16.71
C ILE D 302 -3.10 1.90 17.84
N GLY D 303 -3.20 3.10 18.32
CA GLY D 303 -4.11 3.46 19.41
C GLY D 303 -3.55 3.25 20.79
N SER D 304 -2.23 3.00 20.85
CA SER D 304 -1.54 2.84 22.14
C SER D 304 -1.76 4.09 22.98
N HIS D 305 -1.78 3.87 24.28
CA HIS D 305 -1.85 4.94 25.26
C HIS D 305 -0.53 5.25 25.95
N PHE D 306 0.59 4.76 25.37
CA PHE D 306 1.93 5.10 25.82
C PHE D 306 2.57 6.02 24.81
N GLY D 307 3.55 6.76 25.27
CA GLY D 307 4.48 7.47 24.37
C GLY D 307 5.47 6.52 23.69
N SER D 308 5.72 5.34 24.31
CA SER D 308 6.78 4.45 23.86
C SER D 308 6.51 3.12 24.49
N VAL D 309 6.69 2.01 23.75
CA VAL D 309 6.63 0.67 24.27
C VAL D 309 7.93 -0.06 23.95
N PHE D 310 8.73 -0.28 24.99
CA PHE D 310 10.01 -0.96 24.80
C PHE D 310 9.69 -2.42 24.45
N ASP D 311 10.44 -2.93 23.48
CA ASP D 311 10.26 -4.30 22.99
C ASP D 311 11.46 -5.17 23.28
N ALA D 312 11.34 -5.95 24.34
CA ALA D 312 12.42 -6.84 24.79
C ALA D 312 12.82 -7.87 23.77
N THR D 313 11.91 -8.21 22.82
CA THR D 313 12.23 -9.22 21.84
C THR D 313 13.29 -8.81 20.87
N GLN D 314 13.58 -7.51 20.74
CA GLN D 314 14.48 -6.99 19.72
C GLN D 314 15.82 -6.50 20.28
N THR D 315 16.05 -6.72 21.57
CA THR D 315 17.33 -6.31 22.19
C THR D 315 18.44 -7.10 21.61
N GLU D 316 19.56 -6.44 21.33
CA GLU D 316 20.70 -7.17 20.75
C GLU D 316 21.99 -6.57 21.24
N ILE D 317 22.89 -7.42 21.76
CA ILE D 317 24.17 -6.94 22.27
C ILE D 317 25.23 -7.57 21.37
N THR D 318 26.07 -6.74 20.78
CA THR D 318 27.15 -7.20 19.92
C THR D 318 28.44 -6.81 20.64
N ALA D 319 29.17 -7.82 21.05
CA ALA D 319 30.30 -7.61 22.02
C ALA D 319 31.57 -8.17 21.46
N VAL D 320 32.58 -7.35 21.41
CA VAL D 320 33.91 -7.75 20.97
C VAL D 320 34.90 -7.18 21.94
N GLY D 321 35.12 -7.91 23.02
CA GLY D 321 35.99 -7.43 24.09
C GLY D 321 35.51 -6.25 24.82
N ASP D 322 36.37 -5.25 24.83
CA ASP D 322 36.11 -3.99 25.39
C ASP D 322 34.96 -3.21 24.70
N LEU D 323 34.68 -3.50 23.44
CA LEU D 323 33.68 -2.72 22.66
C LEU D 323 32.37 -3.52 22.62
N GLN D 324 31.30 -2.86 22.97
CA GLN D 324 30.01 -3.48 22.88
C GLN D 324 29.01 -2.46 22.25
N LEU D 325 28.21 -2.95 21.31
CA LEU D 325 27.10 -2.14 20.75
C LEU D 325 25.80 -2.74 21.28
N VAL D 326 24.95 -1.87 21.86
CA VAL D 326 23.69 -2.28 22.41
C VAL D 326 22.59 -1.67 21.53
N LYS D 327 21.75 -2.55 20.99
CA LYS D 327 20.57 -2.12 20.22
C LYS D 327 19.32 -2.36 21.01
N THR D 328 18.60 -1.29 21.29
CA THR D 328 17.32 -1.34 21.95
C THR D 328 16.24 -0.69 21.06
N VAL D 329 15.06 -1.19 21.19
CA VAL D 329 14.00 -0.90 20.22
C VAL D 329 12.69 -0.66 20.94
N ALA D 330 11.99 0.45 20.59
CA ALA D 330 10.74 0.76 21.16
C ALA D 330 9.73 1.14 20.06
N TRP D 331 8.54 0.62 20.19
CA TRP D 331 7.39 0.98 19.36
C TRP D 331 6.79 2.28 19.83
N TYR D 332 6.14 2.98 18.91
CA TYR D 332 5.30 4.10 19.32
C TYR D 332 4.21 4.37 18.26
N ASP D 333 3.00 4.73 18.73
CA ASP D 333 2.03 5.27 17.81
C ASP D 333 2.31 6.77 17.69
N ASN D 334 2.98 7.12 16.59
CA ASN D 334 3.41 8.50 16.31
C ASN D 334 2.25 9.48 16.29
N GLU D 335 0.99 9.02 16.14
CA GLU D 335 -0.16 9.90 16.28
C GLU D 335 -0.68 9.80 17.69
N TYR D 336 -1.54 8.81 17.93
CA TYR D 336 -2.29 8.77 19.20
C TYR D 336 -1.41 8.59 20.47
N GLY D 337 -0.35 7.80 20.37
CA GLY D 337 0.58 7.59 21.52
C GLY D 337 1.21 8.88 21.93
N PHE D 338 1.75 9.59 20.97
CA PHE D 338 2.37 10.88 21.17
C PHE D 338 1.29 11.84 21.74
N VAL D 339 0.07 11.77 21.17
CA VAL D 339 -1.03 12.63 21.74
C VAL D 339 -1.31 12.36 23.22
N THR D 340 -1.26 11.10 23.66
CA THR D 340 -1.45 10.81 25.08
C THR D 340 -0.42 11.49 25.93
N GLN D 341 0.80 11.58 25.44
CA GLN D 341 1.85 12.31 26.10
C GLN D 341 1.61 13.80 26.15
N LEU D 342 1.18 14.35 25.04
CA LEU D 342 0.86 15.77 24.98
C LEU D 342 -0.17 16.07 26.05
N ILE D 343 -1.23 15.31 26.07
CA ILE D 343 -2.30 15.48 27.07
C ILE D 343 -1.82 15.33 28.51
N ARG D 344 -1.00 14.34 28.82
CA ARG D 344 -0.43 14.29 30.21
C ARG D 344 0.31 15.61 30.55
N THR D 345 1.10 16.16 29.60
CA THR D 345 1.87 17.35 29.83
C THR D 345 0.94 18.57 29.98
N LEU D 346 -0.06 18.64 29.12
CA LEU D 346 -1.11 19.67 29.20
C LEU D 346 -1.84 19.67 30.57
N GLU D 347 -2.22 18.51 31.07
CA GLU D 347 -2.97 18.39 32.35
C GLU D 347 -2.11 18.90 33.50
N LYS D 348 -0.82 18.61 33.44
CA LYS D 348 0.10 19.12 34.47
C LYS D 348 0.34 20.59 34.32
N PHE D 349 0.60 21.03 33.07
CA PHE D 349 0.85 22.40 32.71
C PHE D 349 -0.30 23.33 33.19
N ALA D 350 -1.52 22.82 33.10
CA ALA D 350 -2.73 23.59 33.46
C ALA D 350 -2.86 23.88 34.98
N LYS D 351 -2.29 22.98 35.76
CA LYS D 351 -2.37 23.00 37.22
C LYS D 351 -1.26 23.78 37.86
N LEU D 352 -0.26 24.17 37.09
CA LEU D 352 0.80 25.01 37.56
C LEU D 352 0.31 26.44 37.41
O1 G3H E . -6.58 12.39 -16.60
C1 G3H E . -6.40 11.34 -15.76
C2 G3H E . -6.68 11.76 -14.29
O2 G3H E . -6.29 10.65 -13.41
C3 G3H E . -8.11 12.22 -14.12
O1P G3H E . -8.99 11.08 -14.05
O2P G3H E . -11.21 9.97 -14.18
O3P G3H E . -10.31 11.34 -16.12
O4P G3H E . -11.16 12.55 -14.29
P G3H E . -10.54 11.26 -14.59
P PO4 F . -26.54 5.64 -30.72
O1 PO4 F . -27.72 4.76 -31.22
O2 PO4 F . -27.19 6.34 -29.45
O3 PO4 F . -25.18 4.87 -30.59
O4 PO4 F . -26.27 6.79 -31.70
C1 EDO G . -1.90 -14.31 -27.43
O1 EDO G . -2.35 -13.18 -26.63
C2 EDO G . -2.59 -15.38 -26.66
O2 EDO G . -3.76 -14.63 -26.23
C1 EDO H . 5.41 3.15 -28.92
O1 EDO H . 6.75 3.72 -28.72
C2 EDO H . 4.50 3.45 -30.08
O2 EDO H . 3.10 3.35 -29.70
C1 EDO I . 4.23 38.06 -12.12
O1 EDO I . 2.89 37.72 -11.66
C2 EDO I . 4.65 36.72 -12.69
O2 EDO I . 3.98 36.25 -13.96
P PO4 J . -0.23 0.13 0.31
O1 PO4 J . 0.11 -0.60 1.63
O2 PO4 J . -1.50 1.00 0.40
O3 PO4 J . -0.41 -0.96 -0.78
O4 PO4 J . 0.85 1.14 -0.07
C1 PEG K . -11.48 15.77 -14.59
O1 PEG K . -10.74 14.95 -15.51
C2 PEG K . -12.85 15.17 -14.42
O2 PEG K . -13.44 14.89 -15.73
C3 PEG K . -13.20 13.61 -16.35
C4 PEG K . -13.25 13.66 -17.89
O4 PEG K . -14.65 13.97 -18.14
O1 G3H L . -17.27 -13.55 1.72
C1 G3H L . -16.51 -12.52 1.50
C2 G3H L . -15.23 -12.94 0.73
O2 G3H L . -14.34 -11.85 0.65
C3 G3H L . -15.67 -13.39 -0.64
O1P G3H L . -16.06 -12.27 -1.48
O2P G3H L . -18.63 -12.46 -1.75
O3P G3H L . -17.24 -11.29 -3.44
O4P G3H L . -17.09 -13.84 -3.21
P G3H L . -17.29 -12.53 -2.51
C1 EDO M . -43.18 -4.25 -9.19
O1 EDO M . -43.04 -3.41 -10.34
C2 EDO M . -43.09 -3.45 -7.90
O2 EDO M . -44.30 -3.29 -7.15
C1 EDO N . -12.52 -13.14 4.17
O1 EDO N . -11.88 -12.57 5.27
C2 EDO N . -13.83 -12.41 4.00
O2 EDO N . -13.62 -11.25 3.19
C ACN O . -12.54 -15.39 -0.62
O ACN O . -13.37 -16.36 -0.41
C1 ACN O . -12.05 -14.76 0.63
C2 ACN O . -12.03 -15.16 -2.06
C1 EDO P . -24.63 -4.16 17.22
O1 EDO P . -24.29 -2.81 16.76
C2 EDO P . -25.99 -4.46 16.69
O2 EDO P . -25.79 -5.22 15.52
PA NAD Q . 9.18 -17.59 -4.37
O1A NAD Q . 8.34 -18.23 -3.29
O2A NAD Q . 8.78 -16.45 -5.10
O5B NAD Q . 9.56 -18.86 -5.21
C5B NAD Q . 9.73 -20.20 -4.71
C4B NAD Q . 9.37 -21.01 -6.00
O4B NAD Q . 9.84 -22.36 -5.84
C3B NAD Q . 7.82 -20.98 -6.28
O3B NAD Q . 7.55 -20.89 -7.69
C2B NAD Q . 7.44 -22.36 -5.81
O2B NAD Q . 6.32 -22.87 -6.49
C1B NAD Q . 8.70 -23.19 -6.11
N9A NAD Q . 8.89 -24.39 -5.26
C8A NAD Q . 8.72 -24.51 -3.91
N7A NAD Q . 9.06 -25.75 -3.52
C5A NAD Q . 9.50 -26.39 -4.60
C6A NAD Q . 10.01 -27.73 -4.85
N6A NAD Q . 10.08 -28.52 -3.72
N1A NAD Q . 10.35 -28.06 -6.14
C2A NAD Q . 10.33 -27.21 -7.26
N3A NAD Q . 9.77 -25.95 -6.98
C4A NAD Q . 9.37 -25.51 -5.79
O3 NAD Q . 10.55 -17.41 -3.48
PN NAD Q . 11.71 -16.38 -3.95
O1N NAD Q . 11.43 -15.00 -3.26
O2N NAD Q . 11.95 -16.71 -5.41
O5D NAD Q . 13.03 -16.96 -3.10
C5D NAD Q . 13.64 -18.14 -3.60
C4D NAD Q . 14.97 -18.37 -2.85
O4D NAD Q . 15.96 -17.36 -2.96
C3D NAD Q . 14.81 -18.52 -1.35
O3D NAD Q . 15.80 -19.52 -0.91
C2D NAD Q . 14.98 -17.06 -0.90
O2D NAD Q . 15.54 -16.93 0.39
C1D NAD Q . 16.03 -16.48 -1.84
N1N NAD Q . 15.99 -14.96 -2.13
C2N NAD Q . 14.97 -14.28 -2.19
C3N NAD Q . 15.06 -12.89 -2.40
C7N NAD Q . 13.83 -12.06 -2.49
O7N NAD Q . 12.81 -12.60 -2.96
N7N NAD Q . 13.85 -10.84 -2.00
C4N NAD Q . 16.32 -12.35 -2.53
C5N NAD Q . 17.42 -13.14 -2.36
C6N NAD Q . 17.22 -14.48 -2.20
O1 G3H R . 17.67 -12.71 -0.22
C1 G3H R . 16.89 -11.67 -0.09
C2 G3H R . 15.59 -12.11 0.64
O2 G3H R . 14.69 -11.03 0.59
C3 G3H R . 16.03 -12.48 2.04
O1P G3H R . 16.39 -11.26 2.76
O2P G3H R . 17.43 -12.72 4.49
O3P G3H R . 17.44 -10.09 4.72
O4P G3H R . 18.85 -11.30 3.04
P G3H R . 17.62 -11.34 3.87
C1 EDO S . 25.67 -4.29 -16.41
O1 EDO S . 25.70 -4.74 -15.04
C2 EDO S . 24.23 -4.21 -16.82
O2 EDO S . 23.55 -5.07 -17.78
C1 EDO T . 36.07 5.24 17.53
O1 EDO T . 37.04 4.81 16.53
C2 EDO T . 35.85 4.48 18.80
O2 EDO T . 34.46 4.38 19.31
C1 EDO U . 24.99 14.11 -9.45
O1 EDO U . 25.46 13.88 -8.14
C2 EDO U . 25.81 13.11 -10.20
O2 EDO U . 25.27 11.98 -9.53
C ACN V . 13.08 -14.44 1.73
O ACN V . 12.68 -14.14 0.64
C1 ACN V . 12.46 -14.01 2.96
C2 ACN V . 13.93 -15.65 2.01
C1 EDO W . 29.76 1.71 -10.04
O1 EDO W . 30.56 0.57 -9.46
C2 EDO W . 29.47 3.07 -9.41
O2 EDO W . 28.13 3.63 -9.27
O1 G3H X . 5.75 13.96 15.95
C1 G3H X . 5.66 12.88 15.19
C2 G3H X . 5.82 13.26 13.70
O2 G3H X . 5.48 12.05 12.93
C3 G3H X . 7.27 13.81 13.53
O1P G3H X . 8.21 12.67 13.55
O2P G3H X . 9.50 12.98 15.72
O3P G3H X . 10.23 14.21 13.66
O4P G3H X . 10.48 11.70 13.78
P G3H X . 9.67 12.91 14.22
PA NAD Y . -1.70 18.10 9.81
O1A NAD Y . -2.52 16.99 10.01
O2A NAD Y . -1.13 18.60 8.53
O5B NAD Y . -2.19 19.48 10.49
O3 NAD Y . -0.29 17.95 10.68
PN NAD Y . -0.10 17.10 12.01
O1N NAD Y . -1.39 17.37 12.79
O2N NAD Y . 0.30 15.68 11.50
O5D NAD Y . 1.17 17.81 12.77
C5D NAD Y . 0.84 19.10 13.29
C1 EDO Z . -4.65 5.09 29.93
O1 EDO Z . -3.41 5.80 29.90
C2 EDO Z . -5.87 5.99 30.08
O2 EDO Z . -6.77 5.83 28.97
C1 PEG AA . 8.06 34.48 24.78
O1 PEG AA . 9.07 35.15 24.00
C2 PEG AA . 8.68 33.84 26.04
O2 PEG AA . 8.50 32.41 26.19
C3 PEG AA . 9.43 31.78 27.10
C4 PEG AA . 10.03 30.52 26.46
O4 PEG AA . 11.48 30.50 26.40
C1 EDO BA . 2.81 -11.86 28.71
O1 EDO BA . 2.98 -10.65 28.01
C2 EDO BA . 3.11 -12.82 27.59
O2 EDO BA . 4.48 -12.52 27.25
C ACN CA . 5.92 15.61 10.73
O ACN CA . 4.79 15.14 10.86
C1 ACN CA . 6.24 16.83 11.58
C2 ACN CA . 6.95 15.26 9.68
#